data_2NOV
#
_entry.id   2NOV
#
_cell.length_a   136.920
_cell.length_b   137.850
_cell.length_c   326.020
_cell.angle_alpha   90.000
_cell.angle_beta   90.000
_cell.angle_gamma   90.000
#
_symmetry.space_group_name_H-M   'I 2 2 2'
#
loop_
_entity.id
_entity.type
_entity.pdbx_description
1 polymer 'DNA topoisomerase 4 subunit A'
2 water water
#
_entity_poly.entity_id   1
_entity_poly.type   'polypeptide(L)'
_entity_poly.pdbx_seq_one_letter_code
;MSNIQNMSLEDIMGERFGRYSKYIIQDRALPDIRDGLKPVQRRILYSMNKDSNTFDKSYRKSAKSVGNIMGNFHPHGDSS
IYDAMVRMSQNWKNREILVEMHGNNGSMDGDPPAAMRYTEARLSEIAGYLLQDIEKKTVPFAWNFDDTEKEPTVLPAAFP
NLLVNGSTGISAGYATDIPPHNLAEVIDAAVYMIDHPTAKIDKLMEFLPGPDFPTGAIIQGRDEIKKAYETGKGRVVVRS
KTEIEKLKGGKEQIVITEIPYEINKANLVKKIDDVRVNNKVAGIAEVRDESDRDGLRIAIELKKDANTELVLNYLFKYTD
LQINYNFNMVAIDNFTPRQVGIVPILSSYIAHRREVILARSRFDKEKAEKRLHIVEGLIRVISILDEVIALIRASENKAD
AKENLKVSYDFTEEQAEAIVTLQLYRLTNTDVVVLQEEEAELREKIAMLAAIIGDERTMYNLMKKELREVKKKFATPRLS
SLEDTAKALEHHHHHH
;
_entity_poly.pdbx_strand_id   A,B,C,D
#
# COMPACT_ATOMS: atom_id res chain seq x y z
N ALA A 29 58.67 35.06 -33.02
CA ALA A 29 59.20 36.22 -33.73
C ALA A 29 59.32 35.93 -35.24
N LEU A 30 59.80 34.72 -35.53
CA LEU A 30 59.99 34.23 -36.89
C LEU A 30 58.94 33.15 -37.21
N PRO A 31 58.50 33.03 -38.48
CA PRO A 31 57.49 32.02 -38.84
C PRO A 31 58.05 30.59 -38.85
N ASP A 32 57.16 29.62 -38.90
CA ASP A 32 57.57 28.22 -38.91
C ASP A 32 57.57 27.69 -40.34
N ILE A 33 58.72 27.19 -40.80
CA ILE A 33 58.92 26.64 -42.17
C ILE A 33 57.77 25.83 -42.76
N ARG A 34 57.28 24.90 -41.94
CA ARG A 34 56.19 23.98 -42.27
C ARG A 34 54.83 24.60 -42.62
N ASP A 35 54.34 25.54 -41.80
CA ASP A 35 53.06 26.15 -42.10
C ASP A 35 53.14 27.63 -42.38
N GLY A 36 54.37 28.14 -42.39
CA GLY A 36 54.64 29.55 -42.65
C GLY A 36 54.00 30.59 -41.77
N LEU A 37 53.58 30.17 -40.58
CA LEU A 37 52.91 31.05 -39.63
C LEU A 37 53.69 31.34 -38.37
N LYS A 38 53.43 32.53 -37.81
CA LYS A 38 54.02 32.99 -36.55
C LYS A 38 52.99 32.58 -35.49
N PRO A 39 53.45 32.17 -34.26
CA PRO A 39 52.55 31.74 -33.18
C PRO A 39 51.22 32.48 -33.00
N VAL A 40 51.24 33.81 -33.21
CA VAL A 40 50.06 34.65 -33.10
C VAL A 40 49.05 34.35 -34.22
N GLN A 41 49.56 34.21 -35.45
CA GLN A 41 48.77 33.92 -36.67
C GLN A 41 48.05 32.58 -36.56
N ARG A 42 48.75 31.61 -36.00
CA ARG A 42 48.25 30.26 -35.77
C ARG A 42 47.14 30.30 -34.74
N ARG A 43 47.41 30.99 -33.63
CA ARG A 43 46.48 31.13 -32.52
C ARG A 43 45.13 31.70 -32.95
N ILE A 44 45.18 32.63 -33.91
CA ILE A 44 43.99 33.28 -34.45
C ILE A 44 43.11 32.27 -35.20
N LEU A 45 43.73 31.53 -36.13
CA LEU A 45 43.08 30.50 -36.93
C LEU A 45 42.48 29.42 -36.05
N TYR A 46 43.32 28.80 -35.23
CA TYR A 46 42.90 27.75 -34.34
C TYR A 46 41.75 28.14 -33.44
N SER A 47 41.79 29.38 -32.92
CA SER A 47 40.72 29.88 -32.05
C SER A 47 39.43 30.16 -32.82
N MET A 48 39.55 30.76 -34.00
CA MET A 48 38.39 31.07 -34.82
C MET A 48 37.67 29.83 -35.37
N ASN A 49 38.45 28.81 -35.73
CA ASN A 49 37.92 27.56 -36.30
C ASN A 49 37.16 26.76 -35.25
N LYS A 50 37.65 26.77 -34.01
CA LYS A 50 37.03 26.07 -32.89
C LYS A 50 35.67 26.70 -32.55
N ASP A 51 35.60 28.02 -32.74
CA ASP A 51 34.40 28.84 -32.49
C ASP A 51 33.47 28.86 -33.71
N SER A 52 33.78 28.00 -34.70
CA SER A 52 33.05 27.82 -35.95
C SER A 52 32.84 29.09 -36.77
N ASN A 53 33.90 29.86 -36.88
CA ASN A 53 33.88 31.11 -37.62
C ASN A 53 34.59 30.92 -38.98
N THR A 54 34.04 29.99 -39.78
CA THR A 54 34.59 29.68 -41.10
C THR A 54 33.83 30.44 -42.20
N PHE A 55 34.33 30.37 -43.44
CA PHE A 55 33.76 31.06 -44.62
C PHE A 55 32.27 30.87 -44.92
N ASP A 56 31.81 29.62 -44.87
CA ASP A 56 30.42 29.23 -45.14
C ASP A 56 29.41 29.87 -44.17
N LYS A 57 29.88 30.11 -42.94
CA LYS A 57 29.07 30.70 -41.89
C LYS A 57 29.16 32.24 -41.86
N SER A 58 28.37 32.86 -40.99
CA SER A 58 28.31 34.32 -40.87
C SER A 58 29.49 35.03 -40.16
N TYR A 59 29.70 36.30 -40.56
CA TYR A 59 30.75 37.18 -40.03
C TYR A 59 30.56 37.50 -38.52
N ARG A 60 31.32 36.81 -37.67
CA ARG A 60 31.24 37.00 -36.21
C ARG A 60 32.06 38.21 -35.75
N LYS A 61 31.53 38.94 -34.77
CA LYS A 61 32.12 40.15 -34.19
C LYS A 61 33.57 39.99 -33.79
N SER A 62 34.37 40.95 -34.24
CA SER A 62 35.82 40.99 -34.02
C SER A 62 36.23 41.07 -32.56
N ALA A 63 35.38 41.70 -31.75
CA ALA A 63 35.60 41.85 -30.31
C ALA A 63 35.60 40.49 -29.60
N LYS A 64 34.70 39.62 -30.04
CA LYS A 64 34.53 38.28 -29.48
C LYS A 64 35.69 37.37 -29.87
N SER A 65 36.14 37.53 -31.12
CA SER A 65 37.24 36.74 -31.68
C SER A 65 38.51 36.99 -30.88
N VAL A 66 38.88 38.27 -30.77
CA VAL A 66 40.07 38.71 -30.05
C VAL A 66 39.94 38.39 -28.56
N GLY A 67 38.74 38.55 -28.02
CA GLY A 67 38.48 38.27 -26.61
C GLY A 67 38.79 36.85 -26.21
N ASN A 68 38.40 35.91 -27.07
CA ASN A 68 38.64 34.47 -26.86
C ASN A 68 40.09 34.10 -27.12
N ILE A 69 40.72 34.77 -28.10
CA ILE A 69 42.13 34.53 -28.43
C ILE A 69 43.01 34.98 -27.27
N MET A 70 42.59 36.06 -26.61
CA MET A 70 43.32 36.61 -25.48
C MET A 70 43.06 35.88 -24.16
N GLY A 71 41.80 35.58 -23.90
CA GLY A 71 41.41 34.88 -22.68
C GLY A 71 41.80 33.40 -22.58
N ASN A 72 41.98 32.77 -23.75
CA ASN A 72 42.34 31.37 -23.78
C ASN A 72 43.76 31.09 -24.26
N PHE A 73 44.27 31.85 -25.23
CA PHE A 73 45.61 31.58 -25.80
C PHE A 73 46.76 32.57 -25.73
N HIS A 74 46.52 33.85 -26.12
CA HIS A 74 47.57 34.89 -26.16
C HIS A 74 47.32 36.12 -25.25
N PRO A 75 47.98 36.18 -24.07
CA PRO A 75 47.81 37.30 -23.12
C PRO A 75 48.86 38.43 -23.22
N HIS A 76 49.04 39.00 -24.43
CA HIS A 76 50.02 40.07 -24.64
C HIS A 76 49.44 41.37 -25.21
N GLY A 77 48.32 41.80 -24.62
CA GLY A 77 47.66 43.03 -25.06
C GLY A 77 46.81 42.83 -26.30
N ASP A 78 45.62 43.44 -26.30
CA ASP A 78 44.67 43.32 -27.41
C ASP A 78 45.16 43.90 -28.75
N SER A 79 45.88 45.02 -28.71
CA SER A 79 46.40 45.62 -29.93
C SER A 79 47.80 45.06 -30.22
N SER A 80 47.79 43.91 -30.89
CA SER A 80 48.94 43.12 -31.31
C SER A 80 48.31 41.92 -32.01
N ILE A 81 47.11 41.58 -31.54
CA ILE A 81 46.28 40.47 -32.01
C ILE A 81 45.40 40.94 -33.18
N TYR A 82 44.72 42.07 -32.96
CA TYR A 82 43.83 42.66 -33.96
C TYR A 82 44.64 43.10 -35.18
N ASP A 83 45.85 43.59 -34.94
CA ASP A 83 46.77 44.05 -35.99
C ASP A 83 47.22 42.91 -36.89
N ALA A 84 47.39 41.74 -36.29
CA ALA A 84 47.80 40.52 -36.97
C ALA A 84 46.63 39.98 -37.77
N MET A 85 45.45 40.06 -37.14
CA MET A 85 44.19 39.62 -37.69
C MET A 85 43.69 40.54 -38.80
N VAL A 86 44.15 41.79 -38.76
CA VAL A 86 43.78 42.77 -39.77
C VAL A 86 44.70 42.61 -40.98
N ARG A 87 45.94 42.14 -40.73
CA ARG A 87 46.92 41.94 -41.80
C ARG A 87 46.55 40.74 -42.69
N MET A 88 45.98 39.71 -42.08
CA MET A 88 45.57 38.50 -42.80
C MET A 88 44.25 38.66 -43.57
N SER A 89 43.76 39.90 -43.65
CA SER A 89 42.52 40.21 -44.34
C SER A 89 42.71 41.32 -45.35
N GLN A 90 43.98 41.68 -45.55
CA GLN A 90 44.39 42.71 -46.51
C GLN A 90 45.02 42.01 -47.72
N ASN A 91 44.41 42.18 -48.90
CA ASN A 91 44.90 41.56 -50.15
C ASN A 91 46.08 42.32 -50.80
N TRP A 92 46.55 43.34 -50.09
CA TRP A 92 47.68 44.15 -50.50
C TRP A 92 48.91 43.70 -49.69
N LYS A 93 48.67 42.86 -48.68
CA LYS A 93 49.71 42.31 -47.80
C LYS A 93 49.94 40.81 -47.99
N ASN A 94 48.96 39.98 -47.63
CA ASN A 94 49.06 38.52 -47.80
C ASN A 94 48.52 38.24 -49.23
N ARG A 95 49.11 37.29 -49.94
CA ARG A 95 48.66 36.96 -51.31
C ARG A 95 47.28 36.29 -51.28
N GLU A 96 47.19 35.20 -50.52
CA GLU A 96 45.95 34.43 -50.33
C GLU A 96 45.61 34.64 -48.85
N ILE A 97 44.69 35.59 -48.60
CA ILE A 97 44.26 35.95 -47.24
C ILE A 97 43.70 34.82 -46.38
N LEU A 98 44.00 34.86 -45.08
CA LEU A 98 43.55 33.82 -44.16
C LEU A 98 42.36 34.22 -43.27
N VAL A 99 42.03 35.50 -43.29
CA VAL A 99 40.91 36.07 -42.54
C VAL A 99 40.12 36.90 -43.54
N GLU A 100 38.79 36.88 -43.43
CA GLU A 100 37.91 37.63 -44.31
C GLU A 100 37.22 38.69 -43.46
N MET A 101 37.40 39.97 -43.79
CA MET A 101 36.80 41.03 -43.01
C MET A 101 35.77 41.88 -43.73
N HIS A 102 34.58 41.94 -43.12
CA HIS A 102 33.44 42.72 -43.62
C HIS A 102 33.54 44.12 -43.01
N GLY A 103 33.64 45.12 -43.88
CA GLY A 103 33.75 46.50 -43.43
C GLY A 103 35.14 47.07 -43.61
N ASN A 104 35.42 48.15 -42.89
CA ASN A 104 36.70 48.86 -42.98
C ASN A 104 37.91 48.20 -42.30
N ASN A 105 38.80 47.68 -43.16
CA ASN A 105 40.05 47.07 -42.74
C ASN A 105 41.17 47.70 -43.57
N GLY A 106 40.80 48.67 -44.41
CA GLY A 106 41.74 49.38 -45.27
C GLY A 106 41.62 49.01 -46.74
N SER A 107 41.79 50.00 -47.63
CA SER A 107 41.72 49.78 -49.09
C SER A 107 43.10 49.57 -49.71
N MET A 108 43.16 49.31 -51.02
CA MET A 108 44.40 49.04 -51.81
C MET A 108 45.57 50.00 -51.53
N ASP A 109 45.21 51.23 -51.18
CA ASP A 109 46.17 52.29 -50.83
C ASP A 109 46.52 52.23 -49.33
N GLY A 110 47.21 53.25 -48.84
CA GLY A 110 47.62 53.31 -47.44
C GLY A 110 46.52 53.69 -46.46
N ASP A 111 45.26 53.44 -46.86
CA ASP A 111 44.08 53.75 -46.06
C ASP A 111 44.01 52.95 -44.74
N PRO A 112 43.92 53.67 -43.59
CA PRO A 112 43.84 53.12 -42.23
C PRO A 112 42.59 52.29 -41.88
N PRO A 113 42.73 51.28 -40.98
CA PRO A 113 41.58 50.46 -40.58
C PRO A 113 40.72 51.08 -39.49
N ALA A 114 39.67 50.37 -39.10
CA ALA A 114 38.77 50.82 -38.05
C ALA A 114 39.21 50.14 -36.74
N ALA A 115 38.36 50.18 -35.72
CA ALA A 115 38.63 49.54 -34.42
C ALA A 115 37.85 48.23 -34.38
N MET A 116 38.27 47.31 -33.49
CA MET A 116 37.64 45.98 -33.35
C MET A 116 36.14 45.96 -33.07
N ARG A 117 35.65 47.14 -32.69
CA ARG A 117 34.26 47.39 -32.36
C ARG A 117 33.44 47.54 -33.64
N TYR A 118 34.05 48.14 -34.66
CA TYR A 118 33.38 48.41 -35.94
C TYR A 118 33.55 47.37 -37.04
N THR A 119 34.29 46.30 -36.75
CA THR A 119 34.50 45.23 -37.72
C THR A 119 33.97 43.88 -37.24
N GLU A 120 33.81 42.99 -38.20
CA GLU A 120 33.32 41.63 -38.02
C GLU A 120 34.13 40.77 -38.98
N ALA A 121 34.49 39.56 -38.55
CA ALA A 121 35.30 38.67 -39.37
C ALA A 121 35.03 37.17 -39.26
N ARG A 122 35.67 36.43 -40.17
CA ARG A 122 35.62 34.97 -40.29
C ARG A 122 36.87 34.52 -41.02
N LEU A 123 37.02 33.22 -41.24
CA LEU A 123 38.17 32.73 -41.97
C LEU A 123 37.78 32.52 -43.43
N SER A 124 38.75 32.64 -44.35
CA SER A 124 38.50 32.42 -45.78
C SER A 124 38.57 30.92 -46.02
N GLU A 125 38.05 30.48 -47.17
CA GLU A 125 38.02 29.06 -47.53
C GLU A 125 39.38 28.40 -47.52
N ILE A 126 40.37 29.10 -48.07
CA ILE A 126 41.75 28.62 -48.19
C ILE A 126 42.47 28.47 -46.84
N ALA A 127 41.99 29.20 -45.84
CA ALA A 127 42.56 29.15 -44.49
C ALA A 127 42.19 27.82 -43.85
N GLY A 128 41.01 27.31 -44.26
CA GLY A 128 40.49 26.03 -43.78
C GLY A 128 41.38 24.88 -44.21
N TYR A 129 42.10 25.10 -45.31
CA TYR A 129 43.03 24.10 -45.86
C TYR A 129 44.34 24.01 -45.09
N LEU A 130 44.54 24.95 -44.18
CA LEU A 130 45.72 24.95 -43.32
C LEU A 130 45.41 24.09 -42.10
N LEU A 131 44.15 24.22 -41.67
CA LEU A 131 43.59 23.52 -40.52
C LEU A 131 42.98 22.17 -40.90
N GLN A 132 43.11 21.79 -42.17
CA GLN A 132 42.59 20.50 -42.69
C GLN A 132 43.27 19.35 -41.96
N ASP A 133 42.46 18.50 -41.33
CA ASP A 133 42.88 17.31 -40.56
C ASP A 133 43.41 17.60 -39.15
N ILE A 134 43.04 18.75 -38.58
CA ILE A 134 43.49 19.20 -37.24
C ILE A 134 43.27 18.21 -36.07
N GLU A 135 42.02 17.79 -35.91
CA GLU A 135 41.56 16.87 -34.86
C GLU A 135 41.89 15.39 -35.04
N LYS A 136 42.42 15.04 -36.22
CA LYS A 136 42.76 13.67 -36.56
C LYS A 136 44.07 13.18 -35.93
N LYS A 137 44.48 13.80 -34.82
CA LYS A 137 45.72 13.49 -34.07
C LYS A 137 46.95 13.56 -34.99
N THR A 138 46.91 14.53 -35.91
CA THR A 138 47.96 14.74 -36.90
C THR A 138 49.14 15.58 -36.45
N VAL A 139 48.83 16.69 -35.78
CA VAL A 139 49.82 17.66 -35.30
C VAL A 139 50.05 17.68 -33.78
N PRO A 140 51.31 17.95 -33.32
CA PRO A 140 51.57 17.99 -31.87
C PRO A 140 50.97 19.19 -31.18
N PHE A 141 50.46 18.94 -29.97
CA PHE A 141 49.86 19.97 -29.16
C PHE A 141 50.77 20.32 -27.99
N ALA A 142 50.49 21.48 -27.39
CA ALA A 142 51.23 21.99 -26.25
C ALA A 142 50.24 22.69 -25.34
N TRP A 143 50.47 22.61 -24.03
CA TRP A 143 49.59 23.23 -23.06
C TRP A 143 49.65 24.75 -23.10
N ASN A 144 48.60 25.37 -22.57
CA ASN A 144 48.41 26.81 -22.50
C ASN A 144 49.50 27.64 -21.81
N PHE A 145 49.23 28.93 -21.65
CA PHE A 145 50.15 29.82 -20.96
C PHE A 145 49.91 29.67 -19.45
N ASP A 146 48.74 29.09 -19.15
CA ASP A 146 48.27 28.85 -17.80
C ASP A 146 47.88 27.39 -17.53
N ASP A 147 48.32 26.50 -18.43
CA ASP A 147 48.06 25.04 -18.36
C ASP A 147 46.57 24.67 -18.24
N THR A 148 45.73 25.46 -18.91
CA THR A 148 44.28 25.26 -18.92
C THR A 148 43.75 24.51 -20.15
N GLU A 149 44.26 24.87 -21.32
CA GLU A 149 43.85 24.24 -22.59
C GLU A 149 45.03 23.83 -23.47
N LYS A 150 44.71 23.21 -24.60
CA LYS A 150 45.68 22.73 -25.57
C LYS A 150 45.65 23.55 -26.87
N GLU A 151 46.84 23.93 -27.34
CA GLU A 151 47.03 24.69 -28.57
C GLU A 151 48.09 24.00 -29.45
N PRO A 152 47.89 23.97 -30.78
CA PRO A 152 48.83 23.33 -31.70
C PRO A 152 50.15 24.07 -31.88
N THR A 153 51.19 23.27 -32.05
CA THR A 153 52.55 23.74 -32.27
C THR A 153 52.73 24.12 -33.75
N VAL A 154 52.00 23.43 -34.61
CA VAL A 154 51.97 23.65 -36.08
C VAL A 154 50.64 23.20 -36.67
N LEU A 155 50.27 23.80 -37.81
CA LEU A 155 49.03 23.42 -38.48
C LEU A 155 49.33 22.36 -39.56
N PRO A 156 48.38 21.44 -39.83
CA PRO A 156 48.57 20.39 -40.85
C PRO A 156 48.78 20.78 -42.34
N ALA A 157 48.60 22.06 -42.65
CA ALA A 157 48.79 22.67 -43.99
C ALA A 157 48.72 21.86 -45.29
N ALA A 158 47.77 22.22 -46.15
CA ALA A 158 47.61 21.56 -47.45
C ALA A 158 48.30 22.35 -48.59
N PHE A 159 48.91 23.49 -48.24
CA PHE A 159 49.66 24.34 -49.17
C PHE A 159 50.81 25.04 -48.40
N PRO A 160 51.97 25.31 -49.06
CA PRO A 160 53.09 25.96 -48.36
C PRO A 160 52.95 27.48 -48.16
N ASN A 161 52.33 27.85 -47.04
CA ASN A 161 52.08 29.24 -46.67
C ASN A 161 53.35 30.09 -46.51
N LEU A 162 54.51 29.44 -46.44
CA LEU A 162 55.78 30.14 -46.28
C LEU A 162 56.16 30.89 -47.54
N LEU A 163 55.97 30.25 -48.69
CA LEU A 163 56.30 30.88 -49.96
C LEU A 163 55.12 31.64 -50.49
N VAL A 164 53.95 31.03 -50.34
CA VAL A 164 52.71 31.61 -50.83
C VAL A 164 52.32 32.93 -50.16
N ASN A 165 52.59 33.06 -48.87
CA ASN A 165 52.25 34.30 -48.14
C ASN A 165 53.44 35.08 -47.58
N GLY A 166 54.60 34.42 -47.50
CA GLY A 166 55.80 35.05 -47.00
C GLY A 166 55.78 35.47 -45.55
N SER A 167 56.66 36.42 -45.23
CA SER A 167 56.81 37.02 -43.90
C SER A 167 57.85 38.13 -43.93
N THR A 168 57.65 39.13 -43.08
CA THR A 168 58.55 40.26 -42.91
C THR A 168 58.63 40.44 -41.38
N GLY A 169 59.83 40.42 -40.82
CA GLY A 169 59.95 40.56 -39.38
C GLY A 169 61.24 41.14 -38.86
N ILE A 170 61.83 40.40 -37.91
CA ILE A 170 63.10 40.77 -37.27
C ILE A 170 63.70 39.52 -36.64
N SER A 171 64.79 39.02 -37.23
CA SER A 171 65.47 37.83 -36.74
C SER A 171 67.00 37.97 -36.84
N GLY A 173 70.42 39.50 -35.23
CA GLY A 173 70.95 40.04 -36.47
C GLY A 173 70.06 41.11 -37.08
N TYR A 174 69.96 41.10 -38.41
CA TYR A 174 69.15 42.06 -39.17
C TYR A 174 67.67 41.66 -39.32
N ALA A 175 67.02 42.20 -40.37
CA ALA A 175 65.60 41.93 -40.66
C ALA A 175 65.35 40.80 -41.65
N THR A 176 64.44 39.89 -41.28
CA THR A 176 64.07 38.72 -42.10
C THR A 176 62.95 39.01 -43.11
N ASP A 177 63.20 38.63 -44.36
CA ASP A 177 62.24 38.84 -45.44
C ASP A 177 62.05 37.68 -46.44
N ILE A 178 60.82 37.18 -46.47
CA ILE A 178 60.40 36.10 -47.37
C ILE A 178 59.24 36.72 -48.18
N PRO A 179 59.37 36.79 -49.52
CA PRO A 179 58.33 37.36 -50.39
C PRO A 179 57.15 36.42 -50.70
N PRO A 180 55.98 36.97 -51.06
CA PRO A 180 54.83 36.13 -51.39
C PRO A 180 54.97 35.59 -52.82
N HIS A 181 54.57 34.34 -53.03
CA HIS A 181 54.66 33.71 -54.35
C HIS A 181 53.31 33.16 -54.81
N ASN A 182 53.20 32.79 -56.09
CA ASN A 182 51.97 32.24 -56.68
C ASN A 182 51.78 30.80 -56.23
N LEU A 183 50.58 30.55 -55.71
CA LEU A 183 50.15 29.25 -55.19
C LEU A 183 50.47 28.09 -56.13
N ALA A 184 50.02 28.20 -57.38
CA ALA A 184 50.18 27.20 -58.44
C ALA A 184 51.62 26.78 -58.71
N GLU A 185 52.48 27.79 -58.88
CA GLU A 185 53.90 27.63 -59.16
C GLU A 185 54.63 26.93 -58.02
N VAL A 186 54.16 27.19 -56.80
CA VAL A 186 54.74 26.57 -55.61
C VAL A 186 54.30 25.09 -55.53
N ILE A 187 53.07 24.80 -55.96
CA ILE A 187 52.52 23.43 -55.96
C ILE A 187 53.22 22.58 -57.02
N ASP A 188 53.48 23.18 -58.18
CA ASP A 188 54.17 22.50 -59.29
C ASP A 188 55.58 22.10 -58.90
N ALA A 189 56.23 23.01 -58.17
CA ALA A 189 57.57 22.81 -57.67
C ALA A 189 57.56 21.76 -56.56
N ALA A 190 56.49 21.78 -55.75
CA ALA A 190 56.33 20.85 -54.65
C ALA A 190 56.16 19.41 -55.13
N VAL A 191 55.35 19.24 -56.18
CA VAL A 191 55.07 17.93 -56.79
C VAL A 191 56.31 17.38 -57.48
N TYR A 192 57.17 18.27 -57.97
CA TYR A 192 58.41 17.85 -58.62
C TYR A 192 59.38 17.36 -57.55
N MET A 193 59.47 18.11 -56.45
CA MET A 193 60.34 17.77 -55.31
C MET A 193 59.95 16.44 -54.68
N ILE A 194 58.67 16.09 -54.80
CA ILE A 194 58.14 14.83 -54.25
C ILE A 194 58.66 13.69 -55.11
N ASP A 195 58.76 13.93 -56.42
CA ASP A 195 59.24 12.94 -57.38
C ASP A 195 60.76 12.96 -57.57
N HIS A 196 61.40 14.10 -57.29
CA HIS A 196 62.86 14.26 -57.44
C HIS A 196 63.40 14.97 -56.20
N PRO A 197 63.78 14.23 -55.14
CA PRO A 197 64.31 14.81 -53.90
C PRO A 197 65.57 15.69 -54.02
N THR A 198 66.45 15.34 -54.96
CA THR A 198 67.71 16.06 -55.21
C THR A 198 67.59 17.14 -56.29
N ALA A 199 66.44 17.81 -56.30
CA ALA A 199 66.12 18.85 -57.28
C ALA A 199 67.09 20.03 -57.33
N LYS A 200 67.48 20.37 -58.56
CA LYS A 200 68.39 21.51 -58.84
C LYS A 200 67.57 22.79 -58.90
N ILE A 201 68.23 23.90 -58.54
CA ILE A 201 67.62 25.23 -58.49
C ILE A 201 67.16 25.76 -59.86
N ASP A 202 67.85 25.35 -60.92
CA ASP A 202 67.55 25.77 -62.29
C ASP A 202 66.33 25.13 -62.89
N LYS A 203 66.22 23.82 -62.67
CA LYS A 203 65.09 23.03 -63.16
C LYS A 203 63.84 23.44 -62.39
N LEU A 204 64.03 23.77 -61.11
CA LEU A 204 62.97 24.19 -60.21
C LEU A 204 62.35 25.51 -60.60
N MET A 205 63.14 26.34 -61.30
CA MET A 205 62.70 27.65 -61.75
C MET A 205 61.91 27.65 -63.06
N GLU A 206 61.56 26.45 -63.52
CA GLU A 206 60.73 26.27 -64.72
C GLU A 206 59.29 26.23 -64.21
N PHE A 207 59.17 25.93 -62.92
CA PHE A 207 57.90 25.84 -62.21
C PHE A 207 57.68 27.11 -61.41
N LEU A 208 58.70 27.50 -60.64
CA LEU A 208 58.68 28.70 -59.79
C LEU A 208 59.76 29.73 -60.22
N PRO A 209 59.51 30.51 -61.31
CA PRO A 209 60.47 31.50 -61.80
C PRO A 209 60.73 32.79 -60.99
N GLY A 210 60.12 32.91 -59.81
CA GLY A 210 60.31 34.09 -58.99
C GLY A 210 59.15 34.46 -58.08
N PRO A 211 59.25 35.56 -57.28
CA PRO A 211 58.19 36.01 -56.38
C PRO A 211 56.96 36.57 -57.10
N ASP A 212 55.88 36.75 -56.35
CA ASP A 212 54.63 37.28 -56.89
C ASP A 212 53.97 38.13 -55.81
N PHE A 213 54.19 39.44 -55.90
CA PHE A 213 53.65 40.40 -54.95
C PHE A 213 52.21 40.76 -55.30
N PRO A 214 51.30 40.81 -54.30
CA PRO A 214 49.91 41.17 -54.56
C PRO A 214 49.69 42.63 -54.97
N THR A 215 50.80 43.33 -55.19
CA THR A 215 50.83 44.73 -55.59
C THR A 215 51.13 44.90 -57.07
N GLY A 216 51.67 43.84 -57.69
CA GLY A 216 52.04 43.86 -59.10
C GLY A 216 53.50 44.23 -59.33
N ALA A 217 53.77 45.05 -60.33
CA ALA A 217 55.13 45.52 -60.67
C ALA A 217 55.90 44.59 -61.64
N ILE A 218 57.22 44.61 -61.54
CA ILE A 218 58.13 43.78 -62.37
C ILE A 218 59.47 43.59 -61.65
N ILE A 219 59.91 42.34 -61.56
CA ILE A 219 61.16 41.96 -60.88
C ILE A 219 62.30 41.71 -61.88
N GLN A 220 63.40 42.44 -61.70
CA GLN A 220 64.58 42.28 -62.54
C GLN A 220 65.64 41.45 -61.79
N GLY A 221 66.78 41.18 -62.43
CA GLY A 221 67.86 40.41 -61.83
C GLY A 221 67.55 38.93 -61.63
N ARG A 222 67.40 38.19 -62.74
CA ARG A 222 67.08 36.75 -62.74
C ARG A 222 68.11 35.87 -62.01
N ASP A 223 69.40 36.15 -62.22
CA ASP A 223 70.45 35.37 -61.55
C ASP A 223 70.49 35.72 -60.06
N GLU A 224 69.95 36.89 -59.72
CA GLU A 224 69.89 37.35 -58.33
C GLU A 224 68.77 36.68 -57.56
N ILE A 225 67.76 36.21 -58.29
CA ILE A 225 66.61 35.48 -57.72
C ILE A 225 67.14 34.10 -57.35
N LYS A 226 67.99 33.55 -58.23
CA LYS A 226 68.61 32.24 -58.08
C LYS A 226 69.59 32.21 -56.90
N LYS A 227 70.27 33.34 -56.67
CA LYS A 227 71.22 33.47 -55.56
C LYS A 227 70.46 33.34 -54.24
N ALA A 228 69.25 33.90 -54.23
CA ALA A 228 68.35 33.87 -53.09
C ALA A 228 67.79 32.49 -52.82
N TYR A 229 67.40 31.80 -53.89
CA TYR A 229 66.82 30.48 -53.82
C TYR A 229 67.76 29.37 -53.37
N GLU A 230 69.06 29.60 -53.50
CA GLU A 230 70.05 28.60 -53.07
C GLU A 230 70.69 28.92 -51.73
N THR A 231 70.88 30.21 -51.44
CA THR A 231 71.48 30.67 -50.20
C THR A 231 70.51 31.26 -49.17
N GLY A 232 69.66 32.20 -49.61
CA GLY A 232 68.69 32.82 -48.71
C GLY A 232 68.65 34.34 -48.80
N LYS A 233 69.74 34.94 -49.29
CA LYS A 233 69.85 36.39 -49.46
C LYS A 233 69.93 36.75 -50.94
N GLY A 234 69.31 37.86 -51.33
CA GLY A 234 69.35 38.27 -52.73
C GLY A 234 68.81 39.66 -52.99
N ARG A 235 69.54 40.45 -53.75
CA ARG A 235 69.15 41.82 -54.11
C ARG A 235 68.67 41.77 -55.56
N VAL A 236 67.37 41.94 -55.76
CA VAL A 236 66.80 41.84 -57.10
C VAL A 236 66.32 43.08 -57.87
N VAL A 237 65.78 44.08 -57.16
CA VAL A 237 65.22 45.34 -57.71
C VAL A 237 63.84 45.20 -58.35
N VAL A 238 62.88 45.89 -57.75
CA VAL A 238 61.49 45.90 -58.20
C VAL A 238 61.24 47.25 -58.89
N ARG A 239 60.49 47.20 -59.98
CA ARG A 239 60.14 48.40 -60.77
C ARG A 239 58.62 48.44 -60.95
N SER A 240 58.06 49.65 -61.10
CA SER A 240 56.62 49.86 -61.29
C SER A 240 56.16 49.60 -62.71
N LYS A 241 54.85 49.39 -62.87
CA LYS A 241 54.24 49.16 -64.18
C LYS A 241 53.86 50.52 -64.75
N THR A 242 54.76 51.05 -65.57
CA THR A 242 54.60 52.35 -66.19
C THR A 242 54.29 52.30 -67.68
N GLU A 243 53.09 52.78 -68.02
CA GLU A 243 52.64 52.84 -69.40
C GLU A 243 52.56 54.31 -69.84
N ILE A 244 52.76 54.55 -71.14
CA ILE A 244 52.75 55.91 -71.67
C ILE A 244 51.37 56.37 -72.16
N GLU A 245 50.96 57.55 -71.69
CA GLU A 245 49.68 58.18 -72.02
C GLU A 245 49.92 59.53 -72.70
N LYS A 246 50.08 59.50 -74.03
CA LYS A 246 50.33 60.70 -74.84
C LYS A 246 49.04 61.43 -75.22
N LEU A 247 48.71 62.47 -74.45
CA LEU A 247 47.49 63.23 -74.66
C LEU A 247 47.53 64.34 -75.72
N LYS A 248 46.47 65.17 -75.70
CA LYS A 248 46.20 66.30 -76.59
C LYS A 248 47.38 67.23 -76.94
N GLY A 249 47.47 67.56 -78.24
CA GLY A 249 48.49 68.45 -78.77
C GLY A 249 49.94 68.12 -78.46
N GLY A 250 50.35 66.90 -78.77
CA GLY A 250 51.72 66.44 -78.57
C GLY A 250 52.25 66.29 -77.15
N LYS A 251 51.48 66.78 -76.17
CA LYS A 251 51.85 66.73 -74.75
C LYS A 251 51.69 65.31 -74.17
N GLU A 252 52.76 64.82 -73.54
CA GLU A 252 52.79 63.48 -72.92
C GLU A 252 52.57 63.46 -71.40
N GLN A 253 52.08 62.30 -70.91
CA GLN A 253 51.81 62.05 -69.49
C GLN A 253 52.13 60.58 -69.15
N ILE A 254 52.79 60.37 -68.00
CA ILE A 254 53.16 59.02 -67.55
C ILE A 254 52.13 58.52 -66.55
N VAL A 255 51.59 57.33 -66.83
CA VAL A 255 50.61 56.74 -65.94
C VAL A 255 51.13 55.45 -65.29
N ILE A 256 51.16 55.47 -63.95
CA ILE A 256 51.61 54.32 -63.17
C ILE A 256 50.36 53.50 -62.84
N THR A 257 50.43 52.20 -63.13
CA THR A 257 49.33 51.27 -62.86
C THR A 257 49.45 50.67 -61.46
N GLU A 258 50.66 50.21 -61.11
CA GLU A 258 50.91 49.62 -59.80
C GLU A 258 52.34 49.84 -59.24
N ILE A 259 52.39 50.41 -58.04
CA ILE A 259 53.62 50.71 -57.32
C ILE A 259 54.11 49.43 -56.59
N PRO A 260 55.42 49.33 -56.23
CA PRO A 260 55.93 48.14 -55.53
C PRO A 260 55.36 47.80 -54.13
N TYR A 261 55.79 46.63 -53.64
CA TYR A 261 55.38 46.08 -52.35
C TYR A 261 55.94 46.80 -51.13
N GLU A 262 55.13 46.84 -50.07
CA GLU A 262 55.41 47.49 -48.77
C GLU A 262 55.65 49.00 -48.86
N ILE A 263 55.63 49.52 -50.09
CA ILE A 263 55.82 50.93 -50.37
C ILE A 263 54.43 51.56 -50.43
N ASN A 264 54.16 52.48 -49.51
CA ASN A 264 52.89 53.19 -49.45
C ASN A 264 52.87 54.34 -50.46
N LYS A 265 51.73 54.53 -51.13
CA LYS A 265 51.62 55.60 -52.11
C LYS A 265 51.24 56.95 -51.52
N ALA A 266 51.16 57.01 -50.20
CA ALA A 266 50.84 58.25 -49.48
C ALA A 266 52.09 59.12 -49.41
N ASN A 267 53.23 58.46 -49.19
CA ASN A 267 54.52 59.14 -49.12
C ASN A 267 55.21 59.18 -50.47
N LEU A 268 54.86 58.25 -51.35
CA LEU A 268 55.45 58.17 -52.68
C LEU A 268 54.90 59.23 -53.64
N VAL A 269 53.60 59.53 -53.54
CA VAL A 269 52.95 60.55 -54.39
C VAL A 269 53.39 61.93 -53.88
N LYS A 270 53.73 61.96 -52.60
CA LYS A 270 54.19 63.16 -51.92
C LYS A 270 55.63 63.45 -52.32
N LYS A 271 56.48 62.43 -52.40
CA LYS A 271 57.87 62.68 -52.79
C LYS A 271 58.05 62.95 -54.30
N ILE A 272 57.01 62.65 -55.09
CA ILE A 272 56.97 62.89 -56.54
C ILE A 272 56.31 64.27 -56.78
N ASP A 273 56.05 64.98 -55.68
CA ASP A 273 55.49 66.33 -55.71
C ASP A 273 56.64 67.25 -55.27
N ASP A 274 57.47 66.72 -54.36
CA ASP A 274 58.63 67.44 -53.82
C ASP A 274 59.74 67.57 -54.85
N VAL A 275 59.58 66.85 -55.97
CA VAL A 275 60.54 66.87 -57.07
C VAL A 275 60.15 67.95 -58.09
N ARG A 276 58.85 68.23 -58.24
CA ARG A 276 58.42 69.28 -59.16
C ARG A 276 58.39 70.66 -58.47
N VAL A 277 58.29 70.65 -57.14
CA VAL A 277 58.27 71.86 -56.32
C VAL A 277 59.68 72.49 -56.34
N ASN A 278 60.66 71.69 -55.94
CA ASN A 278 62.07 72.09 -55.96
C ASN A 278 62.57 71.42 -57.25
N ASN A 279 62.03 71.90 -58.37
CA ASN A 279 62.28 71.40 -59.73
C ASN A 279 63.66 70.90 -60.14
N LYS A 280 63.84 69.59 -59.95
CA LYS A 280 65.06 68.87 -60.28
C LYS A 280 64.95 68.18 -61.64
N VAL A 281 63.85 68.43 -62.35
CA VAL A 281 63.57 67.90 -63.69
C VAL A 281 62.79 68.87 -64.59
N ALA A 282 62.07 68.32 -65.58
CA ALA A 282 61.27 69.12 -66.51
C ALA A 282 59.78 69.16 -66.12
N GLU A 286 52.14 68.16 -64.27
CA GLU A 286 51.60 68.08 -62.90
C GLU A 286 51.48 66.63 -62.40
N VAL A 287 51.05 66.47 -61.14
CA VAL A 287 50.88 65.15 -60.52
C VAL A 287 49.48 64.96 -59.90
N ARG A 288 48.74 63.98 -60.42
CA ARG A 288 47.37 63.63 -59.98
C ARG A 288 47.27 62.15 -59.59
N ASP A 289 46.37 61.84 -58.65
CA ASP A 289 46.15 60.48 -58.14
C ASP A 289 44.70 60.02 -58.33
N GLU A 290 44.52 58.88 -59.00
CA GLU A 290 43.20 58.31 -59.27
C GLU A 290 43.10 56.90 -58.71
N LEU A 296 44.48 52.00 -58.15
CA LEU A 296 45.90 52.36 -58.32
C LEU A 296 46.16 52.96 -59.69
N ARG A 297 46.27 54.30 -59.72
CA ARG A 297 46.51 55.04 -60.97
C ARG A 297 47.09 56.42 -60.66
N ILE A 298 48.38 56.61 -60.93
CA ILE A 298 49.05 57.90 -60.69
C ILE A 298 49.42 58.50 -62.05
N ALA A 299 48.92 59.71 -62.31
CA ALA A 299 49.19 60.42 -63.56
C ALA A 299 50.23 61.52 -63.40
N ILE A 300 51.27 61.48 -64.25
CA ILE A 300 52.35 62.48 -64.26
C ILE A 300 52.37 63.12 -65.66
N ASP A 305 56.09 70.98 -71.85
CA ASP A 305 55.48 70.86 -73.18
C ASP A 305 56.11 69.74 -74.00
N ALA A 306 57.42 69.85 -74.22
CA ALA A 306 58.19 68.86 -74.97
C ALA A 306 59.23 68.23 -74.07
N ASN A 307 58.80 67.90 -72.84
CA ASN A 307 59.64 67.29 -71.80
C ASN A 307 60.11 65.90 -72.20
N THR A 308 61.40 65.66 -71.99
CA THR A 308 62.06 64.40 -72.32
C THR A 308 61.64 63.20 -71.45
N GLU A 309 61.92 61.99 -71.96
CA GLU A 309 61.60 60.73 -71.27
C GLU A 309 62.73 60.30 -70.33
N LEU A 310 63.41 61.31 -69.79
CA LEU A 310 64.51 61.14 -68.85
C LEU A 310 63.99 61.38 -67.44
N VAL A 311 62.78 61.95 -67.35
CA VAL A 311 62.10 62.23 -66.07
C VAL A 311 61.76 60.87 -65.45
N LEU A 312 61.46 59.92 -66.33
CA LEU A 312 61.12 58.54 -66.01
C LEU A 312 62.32 57.86 -65.36
N ASN A 313 63.51 58.08 -65.94
CA ASN A 313 64.78 57.52 -65.45
C ASN A 313 65.22 58.17 -64.12
N TYR A 314 64.89 59.45 -63.95
CA TYR A 314 65.23 60.21 -62.74
C TYR A 314 64.37 59.68 -61.61
N LEU A 315 63.07 59.65 -61.86
CA LEU A 315 62.07 59.20 -60.89
C LEU A 315 62.21 57.74 -60.48
N PHE A 316 63.07 57.02 -61.21
CA PHE A 316 63.34 55.62 -60.91
C PHE A 316 64.52 55.49 -59.97
N LYS A 317 65.51 56.37 -60.15
CA LYS A 317 66.73 56.36 -59.33
C LYS A 317 66.61 57.14 -58.03
N TYR A 318 65.85 58.24 -58.05
CA TYR A 318 65.72 59.10 -56.87
C TYR A 318 64.48 58.94 -55.96
N THR A 319 63.47 58.18 -56.41
CA THR A 319 62.27 57.93 -55.60
C THR A 319 62.17 56.42 -55.31
N ASP A 320 61.08 56.03 -54.65
CA ASP A 320 60.85 54.64 -54.33
C ASP A 320 60.01 53.95 -55.41
N LEU A 321 59.93 54.57 -56.60
CA LEU A 321 59.21 53.99 -57.75
C LEU A 321 59.95 52.76 -58.26
N GLN A 322 61.21 52.67 -57.86
CA GLN A 322 62.12 51.56 -58.16
C GLN A 322 63.09 51.48 -56.97
N ILE A 323 63.02 50.36 -56.25
CA ILE A 323 63.87 50.10 -55.08
C ILE A 323 64.40 48.70 -55.06
N ASN A 324 65.47 48.49 -54.28
CA ASN A 324 66.13 47.20 -54.13
C ASN A 324 65.44 46.29 -53.11
N TYR A 325 64.82 45.19 -53.57
CA TYR A 325 64.17 44.26 -52.65
C TYR A 325 65.21 43.23 -52.23
N ASN A 326 65.40 43.11 -50.91
CA ASN A 326 66.36 42.18 -50.34
C ASN A 326 65.72 40.98 -49.66
N PHE A 327 66.08 39.79 -50.13
CA PHE A 327 65.61 38.52 -49.58
C PHE A 327 66.44 38.20 -48.34
N ASN A 328 65.82 37.58 -47.34
CA ASN A 328 66.50 37.15 -46.12
C ASN A 328 65.57 36.10 -45.53
N MET A 329 65.53 34.95 -46.21
CA MET A 329 64.67 33.85 -45.83
C MET A 329 65.17 33.01 -44.68
N VAL A 330 64.56 33.26 -43.52
CA VAL A 330 64.86 32.60 -42.24
C VAL A 330 63.55 32.13 -41.59
N ALA A 331 63.61 30.99 -40.90
CA ALA A 331 62.48 30.38 -40.19
C ALA A 331 62.94 29.38 -39.12
N ILE A 332 62.04 29.01 -38.21
CA ILE A 332 62.33 28.08 -37.10
C ILE A 332 62.25 26.59 -37.47
N ASP A 333 63.40 25.92 -37.55
CA ASP A 333 63.47 24.47 -37.82
C ASP A 333 64.11 23.88 -36.59
N ASN A 334 63.56 22.77 -36.08
CA ASN A 334 64.05 22.06 -34.88
C ASN A 334 63.96 22.84 -33.56
N PHE A 335 63.37 24.04 -33.62
CA PHE A 335 63.20 24.91 -32.45
C PHE A 335 64.24 26.03 -32.41
N THR A 336 64.87 26.31 -33.57
CA THR A 336 65.90 27.35 -33.72
C THR A 336 65.88 27.99 -35.12
N PRO A 337 66.10 29.33 -35.24
CA PRO A 337 66.10 30.00 -36.54
C PRO A 337 67.22 29.48 -37.44
N ARG A 338 66.89 29.24 -38.71
CA ARG A 338 67.84 28.70 -39.67
C ARG A 338 67.68 29.43 -41.00
N GLN A 339 68.80 29.86 -41.59
CA GLN A 339 68.74 30.54 -42.91
C GLN A 339 68.44 29.41 -43.88
N VAL A 340 67.44 29.64 -44.73
CA VAL A 340 66.96 28.59 -45.59
C VAL A 340 66.69 28.96 -47.07
N GLY A 341 67.08 28.04 -47.97
CA GLY A 341 66.86 28.24 -49.40
C GLY A 341 65.58 27.55 -49.83
N ILE A 342 65.31 27.56 -51.14
CA ILE A 342 64.10 26.96 -51.71
C ILE A 342 63.96 25.45 -51.44
N VAL A 343 65.06 24.72 -51.64
CA VAL A 343 65.08 23.27 -51.44
C VAL A 343 64.84 22.87 -49.98
N PRO A 344 65.59 23.43 -48.98
CA PRO A 344 65.26 22.99 -47.62
C PRO A 344 63.95 23.53 -47.03
N ILE A 345 63.31 24.49 -47.73
CA ILE A 345 62.00 25.04 -47.33
C ILE A 345 60.96 23.97 -47.74
N LEU A 346 61.08 23.55 -49.01
CA LEU A 346 60.21 22.56 -49.60
C LEU A 346 60.44 21.16 -49.08
N SER A 347 61.65 20.90 -48.57
CA SER A 347 62.01 19.60 -47.99
C SER A 347 61.34 19.43 -46.65
N SER A 348 61.28 20.54 -45.90
CA SER A 348 60.68 20.58 -44.57
C SER A 348 59.18 20.45 -44.72
N TYR A 349 58.67 20.93 -45.85
CA TYR A 349 57.25 20.86 -46.13
C TYR A 349 56.82 19.45 -46.50
N ILE A 350 57.57 18.81 -47.40
CA ILE A 350 57.23 17.44 -47.82
C ILE A 350 57.35 16.47 -46.64
N ALA A 351 58.38 16.68 -45.82
CA ALA A 351 58.67 15.87 -44.62
C ALA A 351 57.55 16.01 -43.59
N HIS A 352 56.89 17.17 -43.60
CA HIS A 352 55.76 17.49 -42.71
C HIS A 352 54.50 16.81 -43.22
N ARG A 353 54.24 17.00 -44.51
CA ARG A 353 53.07 16.44 -45.16
C ARG A 353 52.93 14.93 -45.11
N ARG A 354 54.06 14.23 -45.05
CA ARG A 354 54.01 12.77 -44.98
C ARG A 354 53.58 12.29 -43.60
N GLU A 355 54.06 12.96 -42.54
CA GLU A 355 53.74 12.62 -41.16
C GLU A 355 52.29 12.95 -40.81
N VAL A 356 51.75 13.96 -41.48
CA VAL A 356 50.35 14.40 -41.31
C VAL A 356 49.47 13.32 -41.89
N ILE A 357 49.81 12.90 -43.11
CA ILE A 357 49.08 11.87 -43.85
C ILE A 357 49.23 10.52 -43.17
N LEU A 358 50.45 10.19 -42.73
CA LEU A 358 50.71 8.92 -42.04
C LEU A 358 49.92 8.84 -40.73
N ALA A 359 49.72 10.00 -40.10
CA ALA A 359 48.98 10.09 -38.84
C ALA A 359 47.48 10.17 -39.08
N ARG A 360 47.06 10.80 -40.19
CA ARG A 360 45.65 10.93 -40.57
C ARG A 360 45.09 9.54 -40.87
N SER A 361 45.85 8.78 -41.66
CA SER A 361 45.50 7.42 -42.06
C SER A 361 45.46 6.45 -40.88
N ARG A 362 46.35 6.65 -39.91
CA ARG A 362 46.38 5.79 -38.73
C ARG A 362 45.16 6.03 -37.87
N PHE A 363 44.74 7.29 -37.83
CA PHE A 363 43.56 7.71 -37.05
C PHE A 363 42.32 7.08 -37.67
N ASP A 364 42.19 7.26 -38.98
CA ASP A 364 41.07 6.77 -39.75
C ASP A 364 40.97 5.25 -39.94
N LYS A 365 42.11 4.55 -39.91
CA LYS A 365 42.11 3.10 -40.05
C LYS A 365 41.52 2.50 -38.78
N GLU A 366 41.89 3.07 -37.63
CA GLU A 366 41.42 2.62 -36.32
C GLU A 366 39.95 2.96 -36.08
N LYS A 367 39.50 4.10 -36.63
CA LYS A 367 38.11 4.56 -36.51
C LYS A 367 37.19 3.62 -37.29
N ALA A 368 37.64 3.25 -38.49
CA ALA A 368 36.91 2.36 -39.39
C ALA A 368 36.99 0.89 -38.96
N GLU A 369 37.94 0.57 -38.08
CA GLU A 369 38.11 -0.78 -37.55
C GLU A 369 37.18 -0.91 -36.35
N LYS A 370 37.13 0.16 -35.55
CA LYS A 370 36.27 0.24 -34.37
C LYS A 370 34.79 0.41 -34.77
N ARG A 371 34.54 0.56 -36.08
CA ARG A 371 33.18 0.71 -36.61
C ARG A 371 32.75 -0.52 -37.42
N LEU A 372 33.70 -1.18 -38.09
CA LEU A 372 33.41 -2.38 -38.89
C LEU A 372 33.04 -3.53 -37.97
N HIS A 373 33.75 -3.62 -36.85
CA HIS A 373 33.54 -4.63 -35.81
C HIS A 373 32.08 -4.57 -35.35
N ILE A 374 31.56 -3.35 -35.24
CA ILE A 374 30.18 -3.10 -34.82
C ILE A 374 29.20 -3.49 -35.93
N VAL A 375 29.46 -3.00 -37.15
CA VAL A 375 28.62 -3.27 -38.32
C VAL A 375 28.47 -4.79 -38.63
N GLU A 376 29.55 -5.55 -38.50
CA GLU A 376 29.55 -7.00 -38.74
C GLU A 376 28.62 -7.75 -37.79
N GLY A 377 28.51 -7.21 -36.57
CA GLY A 377 27.63 -7.79 -35.56
C GLY A 377 26.20 -7.42 -35.86
N LEU A 378 26.02 -6.23 -36.45
CA LEU A 378 24.71 -5.70 -36.81
C LEU A 378 24.07 -6.40 -38.00
N ILE A 379 24.86 -7.15 -38.75
CA ILE A 379 24.37 -7.90 -39.89
C ILE A 379 24.14 -9.34 -39.42
N ARG A 380 24.94 -9.76 -38.44
CA ARG A 380 24.83 -11.10 -37.85
C ARG A 380 23.53 -11.17 -37.07
N VAL A 381 23.05 -10.02 -36.59
CA VAL A 381 21.79 -9.96 -35.83
C VAL A 381 20.54 -9.89 -36.70
N ILE A 382 20.64 -9.24 -37.86
CA ILE A 382 19.49 -9.12 -38.77
C ILE A 382 19.26 -10.44 -39.54
N SER A 383 20.17 -11.41 -39.33
CA SER A 383 20.05 -12.74 -39.93
C SER A 383 19.24 -13.60 -38.94
N ILE A 384 19.47 -13.37 -37.64
CA ILE A 384 18.75 -14.05 -36.56
C ILE A 384 17.87 -13.01 -35.85
N LEU A 385 17.15 -12.25 -36.68
CA LEU A 385 16.22 -11.17 -36.31
C LEU A 385 15.38 -11.36 -35.05
N ASP A 386 14.50 -12.35 -35.09
CA ASP A 386 13.59 -12.66 -33.98
C ASP A 386 14.26 -13.14 -32.70
N GLU A 387 15.39 -13.83 -32.82
CA GLU A 387 16.14 -14.35 -31.66
C GLU A 387 16.70 -13.27 -30.75
N VAL A 388 17.11 -12.16 -31.35
CA VAL A 388 17.67 -11.04 -30.59
C VAL A 388 16.57 -10.15 -29.97
N ILE A 389 15.46 -9.96 -30.70
CA ILE A 389 14.31 -9.15 -30.21
C ILE A 389 13.74 -9.90 -29.00
N ALA A 390 13.55 -11.21 -29.20
CA ALA A 390 13.02 -12.11 -28.19
C ALA A 390 14.13 -12.76 -27.36
N LEU A 391 14.80 -11.91 -26.58
CA LEU A 391 15.88 -12.28 -25.66
C LEU A 391 16.08 -11.03 -24.81
N ILE A 392 16.01 -9.89 -25.48
CA ILE A 392 16.14 -8.58 -24.86
C ILE A 392 14.88 -8.30 -24.04
N ARG A 393 13.72 -8.68 -24.59
CA ARG A 393 12.44 -8.52 -23.91
C ARG A 393 12.36 -9.44 -22.69
N ALA A 394 13.06 -10.59 -22.81
CA ALA A 394 13.14 -11.62 -21.78
C ALA A 394 14.19 -11.29 -20.70
N SER A 395 14.90 -10.18 -20.90
CA SER A 395 15.93 -9.72 -19.97
C SER A 395 15.40 -8.68 -19.00
N GLU A 396 16.20 -8.38 -17.97
CA GLU A 396 15.84 -7.42 -16.93
C GLU A 396 16.08 -5.95 -17.30
N ASN A 397 17.34 -5.57 -17.46
CA ASN A 397 17.73 -4.21 -17.80
C ASN A 397 18.63 -4.17 -19.04
N LYS A 398 19.26 -3.02 -19.28
CA LYS A 398 20.17 -2.78 -20.40
C LYS A 398 21.43 -3.67 -20.31
N ALA A 399 22.11 -3.62 -19.17
CA ALA A 399 23.32 -4.40 -18.92
C ALA A 399 23.09 -5.91 -18.77
N ASP A 400 21.87 -6.29 -18.36
CA ASP A 400 21.51 -7.70 -18.20
C ASP A 400 21.15 -8.29 -19.56
N ALA A 401 20.88 -7.41 -20.53
CA ALA A 401 20.56 -7.81 -21.90
C ALA A 401 21.86 -7.98 -22.69
N LYS A 402 22.86 -7.19 -22.32
CA LYS A 402 24.19 -7.23 -22.93
C LYS A 402 24.94 -8.50 -22.49
N GLU A 403 24.63 -8.95 -21.27
CA GLU A 403 25.24 -10.15 -20.69
C GLU A 403 24.51 -11.37 -21.22
N ASN A 404 23.27 -11.16 -21.67
CA ASN A 404 22.45 -12.23 -22.24
C ASN A 404 22.88 -12.48 -23.69
N LEU A 405 23.71 -11.57 -24.22
CA LEU A 405 24.22 -11.68 -25.57
C LEU A 405 25.46 -12.56 -25.65
N LYS A 406 25.18 -13.84 -25.40
CA LYS A 406 26.11 -14.96 -25.43
C LYS A 406 25.39 -15.87 -26.45
N VAL A 407 24.56 -15.21 -27.26
CA VAL A 407 23.71 -15.79 -28.32
C VAL A 407 24.06 -15.07 -29.61
N TYR A 409 27.22 -14.47 -32.67
CA TYR A 409 27.40 -15.60 -31.77
C TYR A 409 27.84 -15.15 -30.36
N ASP A 410 29.12 -14.78 -30.24
CA ASP A 410 29.69 -14.30 -28.98
C ASP A 410 29.89 -12.81 -29.19
N PHE A 411 28.95 -12.02 -28.65
CA PHE A 411 28.97 -10.57 -28.77
C PHE A 411 29.82 -9.86 -27.72
N THR A 412 30.76 -9.06 -28.21
CA THR A 412 31.71 -8.28 -27.39
C THR A 412 31.06 -7.03 -26.78
N GLU A 413 31.72 -6.47 -25.76
CA GLU A 413 31.24 -5.29 -25.01
C GLU A 413 30.79 -4.06 -25.81
N GLU A 414 31.66 -3.60 -26.70
CA GLU A 414 31.39 -2.43 -27.54
C GLU A 414 30.38 -2.70 -28.65
N GLN A 415 30.36 -3.95 -29.11
CA GLN A 415 29.46 -4.41 -30.16
C GLN A 415 28.04 -4.61 -29.63
N ALA A 416 27.95 -5.06 -28.38
CA ALA A 416 26.68 -5.32 -27.69
C ALA A 416 25.98 -4.02 -27.29
N GLU A 417 26.78 -2.97 -27.09
CA GLU A 417 26.30 -1.65 -26.73
C GLU A 417 25.47 -1.14 -27.91
N ALA A 418 26.02 -1.29 -29.11
CA ALA A 418 25.37 -0.86 -30.34
C ALA A 418 24.04 -1.54 -30.67
N ILE A 419 23.92 -2.82 -30.29
CA ILE A 419 22.73 -3.64 -30.52
C ILE A 419 21.53 -3.25 -29.63
N VAL A 420 21.79 -3.01 -28.35
CA VAL A 420 20.75 -2.64 -27.40
C VAL A 420 20.36 -1.17 -27.51
N THR A 421 21.31 -0.37 -28.01
CA THR A 421 21.11 1.06 -28.20
C THR A 421 20.75 1.37 -29.67
N LEU A 422 20.34 0.34 -30.41
CA LEU A 422 19.96 0.52 -31.81
C LEU A 422 18.53 0.99 -31.89
N GLN A 423 18.30 1.92 -32.81
CA GLN A 423 16.98 2.52 -33.07
C GLN A 423 16.05 1.54 -33.76
N LEU A 424 14.75 1.75 -33.62
CA LEU A 424 13.77 0.89 -34.24
C LEU A 424 13.58 1.20 -35.73
N TYR A 425 14.08 2.36 -36.19
CA TYR A 425 13.97 2.72 -37.60
C TYR A 425 15.01 1.99 -38.45
N ARG A 426 16.03 1.46 -37.77
CA ARG A 426 17.12 0.72 -38.43
C ARG A 426 16.77 -0.75 -38.74
N LEU A 427 15.49 -1.09 -38.56
CA LEU A 427 14.95 -2.43 -38.82
C LEU A 427 14.11 -2.48 -40.11
N THR A 428 13.98 -1.32 -40.76
CA THR A 428 13.23 -1.17 -42.02
C THR A 428 14.18 -1.45 -43.19
N ASN A 429 13.65 -1.81 -44.35
CA ASN A 429 14.43 -2.15 -45.56
C ASN A 429 15.53 -1.20 -46.07
N THR A 430 15.23 0.10 -46.22
CA THR A 430 16.23 1.07 -46.70
C THR A 430 17.32 1.39 -45.67
N ASP A 431 16.97 1.24 -44.39
CA ASP A 431 17.88 1.47 -43.26
C ASP A 431 18.52 0.15 -42.79
N VAL A 432 18.64 -0.80 -43.73
CA VAL A 432 19.26 -2.13 -43.58
C VAL A 432 20.05 -2.36 -44.88
N VAL A 433 19.58 -1.76 -45.98
CA VAL A 433 20.23 -1.87 -47.30
C VAL A 433 21.50 -1.04 -47.30
N VAL A 434 21.45 0.11 -46.62
CA VAL A 434 22.58 1.03 -46.50
C VAL A 434 23.65 0.45 -45.55
N LEU A 435 23.25 -0.50 -44.70
CA LEU A 435 24.15 -1.17 -43.76
C LEU A 435 25.03 -2.21 -44.44
N GLN A 436 24.68 -2.55 -45.69
CA GLN A 436 25.43 -3.51 -46.52
C GLN A 436 26.45 -2.72 -47.34
N GLU A 437 26.06 -1.49 -47.70
CA GLU A 437 26.90 -0.57 -48.47
C GLU A 437 27.95 -0.01 -47.53
N GLU A 438 27.57 0.18 -46.27
CA GLU A 438 28.45 0.72 -45.23
C GLU A 438 29.55 -0.28 -44.89
N GLU A 439 29.20 -1.56 -44.87
CA GLU A 439 30.12 -2.65 -44.58
C GLU A 439 31.17 -2.70 -45.68
N ALA A 440 30.70 -2.47 -46.90
CA ALA A 440 31.53 -2.46 -48.09
C ALA A 440 32.43 -1.22 -48.15
N GLU A 441 31.89 -0.07 -47.76
CA GLU A 441 32.63 1.20 -47.76
C GLU A 441 33.73 1.17 -46.72
N LEU A 442 33.38 0.72 -45.52
CA LEU A 442 34.34 0.61 -44.42
C LEU A 442 35.43 -0.41 -44.74
N ARG A 443 35.06 -1.43 -45.49
CA ARG A 443 36.00 -2.48 -45.90
C ARG A 443 37.00 -1.90 -46.91
N GLU A 444 36.49 -1.16 -47.90
CA GLU A 444 37.32 -0.54 -48.94
C GLU A 444 38.09 0.67 -48.45
N LYS A 445 37.64 1.26 -47.35
CA LYS A 445 38.32 2.42 -46.78
C LYS A 445 39.57 1.91 -46.08
N ILE A 446 39.43 0.89 -45.23
CA ILE A 446 40.56 0.28 -44.51
C ILE A 446 41.60 -0.27 -45.47
N ALA A 447 41.12 -0.95 -46.52
CA ALA A 447 41.97 -1.55 -47.54
C ALA A 447 42.78 -0.52 -48.33
N MET A 448 42.18 0.66 -48.52
CA MET A 448 42.77 1.78 -49.24
C MET A 448 43.76 2.51 -48.32
N LEU A 449 43.39 2.63 -47.05
CA LEU A 449 44.21 3.30 -46.05
C LEU A 449 45.44 2.51 -45.67
N ALA A 450 45.28 1.20 -45.50
CA ALA A 450 46.37 0.29 -45.10
C ALA A 450 47.54 0.25 -46.07
N ALA A 451 47.24 0.57 -47.33
CA ALA A 451 48.18 0.60 -48.44
C ALA A 451 49.06 1.85 -48.41
N ILE A 452 48.46 2.94 -47.93
CA ILE A 452 49.12 4.24 -47.81
C ILE A 452 50.17 4.24 -46.69
N ILE A 453 49.90 3.48 -45.62
CA ILE A 453 50.80 3.41 -44.47
C ILE A 453 51.92 2.40 -44.68
N GLY A 454 51.61 1.31 -45.39
CA GLY A 454 52.58 0.24 -45.65
C GLY A 454 53.61 0.41 -46.76
N ASP A 455 53.48 1.49 -47.53
CA ASP A 455 54.40 1.80 -48.62
C ASP A 455 54.56 3.31 -48.76
N GLU A 456 55.79 3.78 -48.51
CA GLU A 456 56.09 5.22 -48.62
C GLU A 456 56.42 5.56 -50.08
N ARG A 457 55.42 5.32 -50.93
CA ARG A 457 55.49 5.57 -52.37
C ARG A 457 54.08 5.94 -52.79
N THR A 458 53.11 5.11 -52.39
CA THR A 458 51.69 5.33 -52.70
C THR A 458 51.14 6.45 -51.82
N MET A 459 51.84 6.70 -50.71
CA MET A 459 51.51 7.75 -49.75
C MET A 459 51.89 9.08 -50.39
N TYR A 460 53.03 9.10 -51.08
CA TYR A 460 53.52 10.29 -51.77
C TYR A 460 52.60 10.61 -52.95
N ASN A 461 52.00 9.56 -53.52
CA ASN A 461 51.05 9.67 -54.63
C ASN A 461 49.75 10.28 -54.18
N LEU A 462 49.45 10.14 -52.88
CA LEU A 462 48.24 10.71 -52.30
C LEU A 462 48.50 12.19 -52.03
N MET A 463 49.76 12.51 -51.72
CA MET A 463 50.18 13.89 -51.44
C MET A 463 50.09 14.71 -52.72
N LYS A 464 50.71 14.19 -53.78
CA LYS A 464 50.73 14.82 -55.11
C LYS A 464 49.29 15.11 -55.55
N LYS A 465 48.45 14.10 -55.36
CA LYS A 465 47.03 14.13 -55.70
C LYS A 465 46.33 15.28 -54.96
N GLU A 466 46.55 15.31 -53.64
CA GLU A 466 45.96 16.29 -52.73
C GLU A 466 46.37 17.72 -53.04
N LEU A 467 47.65 17.90 -53.38
CA LEU A 467 48.18 19.21 -53.71
C LEU A 467 47.62 19.68 -55.03
N ARG A 468 47.42 18.73 -55.96
CA ARG A 468 46.86 19.01 -57.27
C ARG A 468 45.39 19.37 -57.13
N GLU A 469 44.70 18.76 -56.16
CA GLU A 469 43.28 19.05 -55.88
C GLU A 469 43.16 20.50 -55.42
N VAL A 470 44.11 20.92 -54.57
CA VAL A 470 44.16 22.28 -54.03
C VAL A 470 44.47 23.30 -55.13
N LYS A 471 45.43 22.95 -56.00
CA LYS A 471 45.82 23.81 -57.12
C LYS A 471 44.64 24.07 -58.04
N LYS A 472 43.91 23.00 -58.38
CA LYS A 472 42.73 23.07 -59.25
C LYS A 472 41.66 24.01 -58.72
N LYS A 473 41.57 24.11 -57.40
CA LYS A 473 40.56 24.93 -56.73
C LYS A 473 40.93 26.38 -56.43
N PHE A 474 42.16 26.64 -56.01
CA PHE A 474 42.57 28.00 -55.64
C PHE A 474 43.54 28.80 -56.50
N ALA A 475 44.02 28.22 -57.61
CA ALA A 475 44.96 28.91 -58.50
C ALA A 475 44.44 30.21 -59.12
N THR A 476 45.36 31.16 -59.27
CA THR A 476 45.08 32.47 -59.84
C THR A 476 46.28 32.85 -60.70
N PRO A 477 46.04 33.53 -61.86
CA PRO A 477 47.14 33.95 -62.75
C PRO A 477 48.06 34.94 -62.07
N ARG A 478 49.34 34.85 -62.40
CA ARG A 478 50.34 35.72 -61.79
C ARG A 478 50.38 37.20 -62.15
N LEU A 479 50.63 37.97 -61.11
CA LEU A 479 50.76 39.43 -61.18
C LEU A 479 52.28 39.59 -61.25
N SER A 480 52.77 40.74 -61.70
CA SER A 480 54.22 41.02 -61.88
C SER A 480 54.98 40.14 -62.88
N SER A 481 56.10 40.64 -63.39
CA SER A 481 56.88 39.86 -64.37
C SER A 481 58.39 39.87 -64.17
N LEU A 482 59.10 39.30 -65.14
CA LEU A 482 60.57 39.22 -65.13
C LEU A 482 61.13 39.78 -66.45
N ALA B 29 24.36 51.40 -11.78
CA ALA B 29 24.05 52.61 -11.03
C ALA B 29 23.13 52.31 -9.84
N LEU B 30 21.86 52.03 -10.15
CA LEU B 30 20.83 51.73 -9.16
C LEU B 30 20.20 50.32 -9.32
N PRO B 31 19.87 49.63 -8.20
CA PRO B 31 19.27 48.30 -8.29
C PRO B 31 17.75 48.39 -8.47
N ASP B 32 17.09 47.30 -8.86
CA ASP B 32 15.63 47.35 -8.95
C ASP B 32 14.99 46.61 -7.79
N ILE B 33 13.78 47.03 -7.39
CA ILE B 33 13.03 46.45 -6.26
C ILE B 33 12.90 44.93 -6.21
N ARG B 34 12.86 44.31 -7.38
CA ARG B 34 12.72 42.87 -7.54
C ARG B 34 13.97 42.08 -7.15
N ASP B 35 14.89 41.85 -8.07
CA ASP B 35 16.09 41.06 -7.76
C ASP B 35 17.14 41.74 -6.89
N GLY B 36 17.03 43.06 -6.77
CA GLY B 36 17.94 43.86 -5.97
C GLY B 36 19.34 44.01 -6.54
N LEU B 37 19.48 43.66 -7.82
CA LEU B 37 20.77 43.74 -8.50
C LEU B 37 20.92 44.93 -9.41
N LYS B 38 22.14 45.44 -9.45
CA LYS B 38 22.54 46.56 -10.30
C LYS B 38 22.88 45.89 -11.64
N PRO B 39 22.64 46.58 -12.80
CA PRO B 39 22.91 46.04 -14.14
C PRO B 39 24.12 45.14 -14.33
N VAL B 40 25.29 45.61 -13.87
CA VAL B 40 26.55 44.88 -13.98
C VAL B 40 26.55 43.52 -13.25
N GLN B 41 26.04 43.49 -12.02
CA GLN B 41 25.96 42.29 -11.17
C GLN B 41 25.13 41.16 -11.78
N ARG B 42 24.09 41.55 -12.52
CA ARG B 42 23.16 40.64 -13.20
C ARG B 42 23.83 39.92 -14.39
N ARG B 43 24.61 40.69 -15.17
CA ARG B 43 25.33 40.18 -16.34
C ARG B 43 26.36 39.15 -15.87
N ILE B 44 27.00 39.46 -14.73
CA ILE B 44 28.02 38.62 -14.11
C ILE B 44 27.46 37.25 -13.76
N LEU B 45 26.34 37.23 -13.02
CA LEU B 45 25.68 36.00 -12.59
C LEU B 45 25.19 35.16 -13.76
N TYR B 46 24.52 35.81 -14.71
CA TYR B 46 23.99 35.17 -15.91
C TYR B 46 25.09 34.58 -16.78
N SER B 47 26.19 35.32 -16.95
CA SER B 47 27.33 34.87 -17.75
C SER B 47 27.96 33.65 -17.15
N MET B 48 28.38 33.77 -15.89
CA MET B 48 28.99 32.69 -15.13
C MET B 48 28.11 31.44 -15.03
N ASN B 49 26.80 31.65 -15.13
CA ASN B 49 25.81 30.58 -15.07
C ASN B 49 25.72 29.88 -16.43
N LYS B 50 25.71 30.69 -17.49
CA LYS B 50 25.63 30.23 -18.89
C LYS B 50 26.81 29.31 -19.24
N ASP B 51 28.01 29.71 -18.79
CA ASP B 51 29.26 28.98 -19.00
C ASP B 51 29.41 27.80 -18.05
N SER B 52 28.35 27.54 -17.26
CA SER B 52 28.28 26.46 -16.27
C SER B 52 29.34 26.53 -15.16
N ASN B 53 29.67 27.76 -14.76
CA ASN B 53 30.64 27.96 -13.69
C ASN B 53 29.88 28.12 -12.38
N THR B 54 29.42 26.98 -11.87
CA THR B 54 28.64 26.90 -10.65
C THR B 54 29.48 26.44 -9.45
N PHE B 55 28.84 26.38 -8.28
CA PHE B 55 29.46 25.99 -7.01
C PHE B 55 30.00 24.56 -6.88
N ASP B 56 29.33 23.60 -7.52
CA ASP B 56 29.70 22.17 -7.50
C ASP B 56 30.85 21.82 -8.45
N LYS B 57 30.94 22.58 -9.55
CA LYS B 57 31.97 22.41 -10.56
C LYS B 57 33.18 23.27 -10.21
N SER B 58 34.33 22.88 -10.77
CA SER B 58 35.65 23.51 -10.59
C SER B 58 35.71 25.04 -10.83
N TYR B 59 36.58 25.72 -10.08
CA TYR B 59 36.82 27.18 -10.19
C TYR B 59 37.35 27.53 -11.58
N ARG B 60 37.07 28.75 -12.05
CA ARG B 60 37.52 29.19 -13.38
C ARG B 60 38.35 30.44 -13.27
N LYS B 61 39.35 30.57 -14.16
CA LYS B 61 40.23 31.74 -14.23
C LYS B 61 39.40 32.99 -14.54
N SER B 62 39.41 33.95 -13.61
CA SER B 62 38.65 35.20 -13.71
C SER B 62 38.87 35.95 -15.04
N ALA B 63 40.07 35.83 -15.58
CA ALA B 63 40.47 36.45 -16.84
C ALA B 63 39.56 36.01 -17.99
N LYS B 64 39.22 34.72 -17.98
CA LYS B 64 38.36 34.10 -18.99
C LYS B 64 36.93 34.60 -18.81
N SER B 65 36.48 34.63 -17.54
CA SER B 65 35.11 35.07 -17.19
C SER B 65 34.87 36.52 -17.57
N VAL B 66 35.77 37.40 -17.12
CA VAL B 66 35.70 38.84 -17.41
C VAL B 66 35.86 39.06 -18.92
N GLY B 67 36.44 38.06 -19.59
CA GLY B 67 36.64 38.10 -21.04
C GLY B 67 35.38 37.74 -21.81
N ASN B 68 34.55 36.88 -21.21
CA ASN B 68 33.28 36.46 -21.81
C ASN B 68 32.18 37.44 -21.43
N ILE B 69 32.32 38.05 -20.24
CA ILE B 69 31.35 39.04 -19.73
C ILE B 69 31.45 40.31 -20.56
N MET B 70 32.67 40.76 -20.85
CA MET B 70 32.92 41.97 -21.64
C MET B 70 32.65 41.77 -23.14
N GLY B 71 33.00 40.59 -23.64
CA GLY B 71 32.81 40.27 -25.05
C GLY B 71 31.36 40.15 -25.50
N ASN B 72 30.54 39.49 -24.68
CA ASN B 72 29.13 39.28 -24.98
C ASN B 72 28.18 40.33 -24.41
N PHE B 73 28.46 40.83 -23.20
CA PHE B 73 27.63 41.84 -22.52
C PHE B 73 28.54 43.04 -22.15
N HIS B 74 28.20 43.74 -21.06
CA HIS B 74 28.91 44.91 -20.49
C HIS B 74 30.30 45.31 -21.04
N PRO B 75 30.37 46.28 -21.99
CA PRO B 75 31.64 46.72 -22.57
C PRO B 75 32.51 47.80 -21.86
N HIS B 76 31.94 48.53 -20.91
CA HIS B 76 32.58 49.65 -20.14
C HIS B 76 33.94 49.42 -19.45
N GLY B 77 34.85 48.73 -20.15
CA GLY B 77 36.18 48.44 -19.65
C GLY B 77 36.22 47.23 -18.73
N ASP B 78 37.38 46.58 -18.68
CA ASP B 78 37.61 45.39 -17.84
C ASP B 78 37.56 45.76 -16.35
N SER B 79 38.20 46.87 -16.01
CA SER B 79 38.25 47.36 -14.64
C SER B 79 36.99 48.15 -14.30
N SER B 80 35.89 47.42 -14.19
CA SER B 80 34.56 47.93 -13.84
C SER B 80 33.74 46.69 -13.52
N ILE B 81 34.09 45.60 -14.21
CA ILE B 81 33.47 44.28 -14.11
C ILE B 81 34.14 43.47 -13.00
N TYR B 82 35.47 43.37 -13.06
CA TYR B 82 36.24 42.63 -12.05
C TYR B 82 36.08 43.31 -10.69
N ASP B 83 35.80 44.61 -10.73
CA ASP B 83 35.57 45.42 -9.53
C ASP B 83 34.31 44.96 -8.79
N ALA B 84 33.29 44.62 -9.57
CA ALA B 84 32.00 44.14 -9.06
C ALA B 84 32.07 42.71 -8.53
N MET B 85 32.83 41.87 -9.26
CA MET B 85 33.06 40.47 -8.95
C MET B 85 33.78 40.29 -7.62
N VAL B 86 34.69 41.21 -7.35
CA VAL B 86 35.44 41.16 -6.13
C VAL B 86 34.59 41.63 -4.93
N ARG B 87 33.66 42.55 -5.16
CA ARG B 87 32.78 43.05 -4.08
C ARG B 87 31.81 41.96 -3.66
N MET B 88 31.26 41.26 -4.66
CA MET B 88 30.32 40.16 -4.44
C MET B 88 30.98 38.93 -3.82
N SER B 89 32.32 38.89 -3.87
CA SER B 89 33.10 37.79 -3.32
C SER B 89 33.71 38.10 -1.96
N GLN B 90 33.14 39.11 -1.30
CA GLN B 90 33.58 39.53 0.03
C GLN B 90 32.44 39.37 1.01
N ASN B 91 32.63 38.49 2.00
CA ASN B 91 31.62 38.22 3.02
C ASN B 91 31.46 39.39 3.98
N TRP B 92 32.45 40.27 3.98
CA TRP B 92 32.48 41.48 4.82
C TRP B 92 31.82 42.70 4.15
N LYS B 93 31.32 42.50 2.93
CA LYS B 93 30.65 43.55 2.16
C LYS B 93 29.18 43.19 1.96
N ASN B 94 28.93 41.96 1.51
CA ASN B 94 27.59 41.45 1.31
C ASN B 94 27.31 40.45 2.44
N ARG B 95 26.04 40.35 2.85
CA ARG B 95 25.63 39.44 3.93
C ARG B 95 25.77 37.98 3.49
N GLU B 96 25.22 37.69 2.32
CA GLU B 96 25.30 36.36 1.73
C GLU B 96 25.98 36.58 0.39
N ILE B 97 27.25 36.14 0.29
CA ILE B 97 28.08 36.28 -0.95
C ILE B 97 27.44 35.70 -2.21
N LEU B 98 27.74 36.31 -3.34
CA LEU B 98 27.18 35.86 -4.61
C LEU B 98 28.22 35.23 -5.55
N VAL B 99 29.49 35.54 -5.32
CA VAL B 99 30.64 35.02 -6.10
C VAL B 99 31.59 34.41 -5.07
N GLU B 100 32.26 33.31 -5.41
CA GLU B 100 33.21 32.66 -4.50
C GLU B 100 34.61 32.72 -5.11
N MET B 101 35.51 33.43 -4.44
CA MET B 101 36.88 33.61 -4.93
C MET B 101 38.02 32.99 -4.14
N HIS B 102 38.91 32.33 -4.89
CA HIS B 102 40.12 31.66 -4.40
C HIS B 102 41.28 32.56 -4.84
N GLY B 103 42.01 33.08 -3.86
CA GLY B 103 43.13 33.97 -4.14
C GLY B 103 42.97 35.25 -3.36
N ASN B 104 43.67 36.31 -3.77
CA ASN B 104 43.57 37.59 -3.07
C ASN B 104 42.37 38.39 -3.53
N ASN B 105 41.40 38.47 -2.64
CA ASN B 105 40.16 39.20 -2.85
C ASN B 105 40.09 40.38 -1.87
N GLY B 106 41.02 40.38 -0.92
CA GLY B 106 41.09 41.43 0.10
C GLY B 106 40.78 40.90 1.48
N SER B 107 41.18 41.65 2.51
CA SER B 107 40.94 41.26 3.91
C SER B 107 39.97 42.22 4.61
N MET B 108 39.61 41.89 5.85
CA MET B 108 38.69 42.65 6.72
C MET B 108 39.14 44.10 6.93
N ASP B 109 40.42 44.33 6.64
CA ASP B 109 41.09 45.62 6.73
C ASP B 109 40.92 46.28 5.35
N GLY B 110 41.60 47.40 5.13
CA GLY B 110 41.51 48.09 3.84
C GLY B 110 42.41 47.50 2.76
N ASP B 111 42.66 46.19 2.87
CA ASP B 111 43.50 45.44 1.95
C ASP B 111 42.98 45.25 0.52
N PRO B 112 43.83 45.54 -0.50
CA PRO B 112 43.48 45.41 -1.92
C PRO B 112 43.56 44.02 -2.55
N PRO B 113 42.82 43.80 -3.65
CA PRO B 113 42.85 42.51 -4.34
C PRO B 113 43.96 42.50 -5.41
N ALA B 114 44.31 41.30 -5.88
CA ALA B 114 45.30 41.14 -6.94
C ALA B 114 44.56 41.32 -8.27
N ALA B 115 45.26 41.20 -9.40
CA ALA B 115 44.62 41.37 -10.71
C ALA B 115 43.88 40.11 -11.19
N MET B 116 43.06 40.26 -12.23
CA MET B 116 42.25 39.19 -12.80
C MET B 116 42.98 37.97 -13.37
N ARG B 117 44.25 38.18 -13.74
CA ARG B 117 45.11 37.12 -14.28
C ARG B 117 45.65 36.24 -13.15
N TYR B 118 45.48 36.70 -11.91
CA TYR B 118 45.98 36.01 -10.71
C TYR B 118 44.98 35.31 -9.79
N THR B 119 43.68 35.42 -10.11
CA THR B 119 42.63 34.78 -9.30
C THR B 119 41.68 33.88 -10.09
N GLU B 120 41.03 32.96 -9.36
CA GLU B 120 40.05 32.04 -9.93
C GLU B 120 38.76 32.06 -9.11
N ALA B 121 37.63 32.16 -9.82
CA ALA B 121 36.33 32.25 -9.18
C ALA B 121 35.19 31.49 -9.84
N ARG B 122 34.12 31.34 -9.05
CA ARG B 122 32.85 30.69 -9.42
C ARG B 122 31.75 31.37 -8.61
N LEU B 123 30.49 30.94 -8.79
CA LEU B 123 29.35 31.49 -8.05
C LEU B 123 29.18 30.77 -6.71
N SER B 124 28.42 31.36 -5.79
CA SER B 124 28.17 30.73 -4.49
C SER B 124 26.98 29.81 -4.65
N GLU B 125 26.69 29.01 -3.61
CA GLU B 125 25.56 28.10 -3.65
C GLU B 125 24.23 28.86 -3.76
N ILE B 126 24.11 29.89 -2.92
CA ILE B 126 22.92 30.73 -2.81
C ILE B 126 22.62 31.57 -4.05
N ALA B 127 23.66 31.90 -4.79
CA ALA B 127 23.54 32.69 -6.02
C ALA B 127 22.75 31.90 -7.05
N GLY B 128 22.88 30.58 -6.96
CA GLY B 128 22.20 29.64 -7.86
C GLY B 128 20.69 29.70 -7.72
N TYR B 129 20.25 30.23 -6.58
CA TYR B 129 18.85 30.40 -6.27
C TYR B 129 18.25 31.66 -6.90
N LEU B 130 19.11 32.64 -7.20
CA LEU B 130 18.66 33.87 -7.85
C LEU B 130 18.38 33.59 -9.30
N LEU B 131 19.17 32.65 -9.82
CA LEU B 131 19.11 32.21 -11.21
C LEU B 131 18.19 31.02 -11.44
N GLN B 132 17.82 30.31 -10.37
CA GLN B 132 16.94 29.13 -10.44
C GLN B 132 15.62 29.46 -11.13
N ASP B 133 15.28 28.64 -12.12
CA ASP B 133 14.06 28.73 -12.95
C ASP B 133 14.13 29.74 -14.13
N ILE B 134 15.35 30.00 -14.61
CA ILE B 134 15.61 30.94 -15.72
C ILE B 134 15.20 30.38 -17.09
N GLU B 135 15.47 29.08 -17.27
CA GLU B 135 15.19 28.34 -18.50
C GLU B 135 13.71 28.16 -18.76
N LYS B 136 12.94 28.24 -17.68
CA LYS B 136 11.50 28.07 -17.70
C LYS B 136 10.69 29.19 -18.35
N LYS B 137 11.36 30.15 -18.98
CA LYS B 137 10.72 31.32 -19.62
C LYS B 137 9.85 32.01 -18.58
N THR B 138 10.54 32.55 -17.59
CA THR B 138 9.95 33.23 -16.43
C THR B 138 10.09 34.76 -16.43
N VAL B 139 11.31 35.23 -16.67
CA VAL B 139 11.66 36.64 -16.68
C VAL B 139 11.79 37.19 -18.11
N PRO B 140 11.60 38.52 -18.29
CA PRO B 140 11.75 39.06 -19.66
C PRO B 140 13.23 39.23 -20.10
N PHE B 141 13.50 38.76 -21.32
CA PHE B 141 14.84 38.84 -21.91
C PHE B 141 14.92 40.03 -22.87
N ALA B 142 15.96 40.84 -22.70
CA ALA B 142 16.19 42.02 -23.55
C ALA B 142 17.33 41.72 -24.52
N TRP B 143 17.35 42.44 -25.65
CA TRP B 143 18.40 42.25 -26.65
C TRP B 143 19.74 42.87 -26.29
N ASN B 144 20.79 42.08 -26.52
CA ASN B 144 22.20 42.41 -26.26
C ASN B 144 22.69 43.77 -26.77
N PHE B 145 23.80 44.24 -26.19
CA PHE B 145 24.43 45.53 -26.52
C PHE B 145 24.84 45.68 -28.00
N ASP B 146 25.29 44.58 -28.60
CA ASP B 146 25.70 44.53 -29.99
C ASP B 146 24.75 43.63 -30.80
N ASP B 147 23.58 43.35 -30.21
CA ASP B 147 22.51 42.52 -30.78
C ASP B 147 22.91 41.11 -31.25
N THR B 148 23.52 40.35 -30.36
CA THR B 148 23.95 38.99 -30.66
C THR B 148 23.23 37.95 -29.80
N GLU B 149 23.34 38.10 -28.48
CA GLU B 149 22.72 37.19 -27.52
C GLU B 149 21.40 37.80 -26.99
N LYS B 150 20.90 37.21 -25.92
CA LYS B 150 19.68 37.62 -25.22
C LYS B 150 20.05 37.55 -23.73
N GLU B 151 19.73 38.62 -22.99
CA GLU B 151 20.04 38.75 -21.56
C GLU B 151 18.82 39.12 -20.70
N PRO B 152 18.73 38.61 -19.46
CA PRO B 152 17.61 38.91 -18.55
C PRO B 152 17.57 40.28 -17.90
N THR B 153 16.37 40.86 -17.84
CA THR B 153 16.12 42.16 -17.23
C THR B 153 16.10 41.96 -15.71
N VAL B 154 15.59 40.81 -15.31
CA VAL B 154 15.52 40.43 -13.91
C VAL B 154 15.84 38.97 -13.76
N LEU B 155 16.30 38.60 -12.57
CA LEU B 155 16.59 37.20 -12.26
C LEU B 155 15.37 36.73 -11.47
N PRO B 156 14.92 35.47 -11.68
CA PRO B 156 13.75 34.92 -10.96
C PRO B 156 13.72 35.12 -9.43
N ALA B 157 14.91 35.17 -8.82
CA ALA B 157 15.09 35.42 -7.39
C ALA B 157 14.29 34.60 -6.38
N ALA B 158 14.91 33.57 -5.85
CA ALA B 158 14.27 32.74 -4.86
C ALA B 158 14.37 33.31 -3.45
N PHE B 159 15.15 34.39 -3.30
CA PHE B 159 15.32 35.09 -2.03
C PHE B 159 15.35 36.61 -2.31
N PRO B 160 14.81 37.46 -1.39
CA PRO B 160 14.76 38.94 -1.55
C PRO B 160 16.08 39.67 -1.35
N ASN B 161 16.96 39.52 -2.34
CA ASN B 161 18.32 40.09 -2.33
C ASN B 161 18.46 41.57 -2.00
N LEU B 162 17.41 42.35 -2.27
CA LEU B 162 17.47 43.78 -1.98
C LEU B 162 17.68 44.14 -0.51
N LEU B 163 16.96 43.48 0.40
CA LEU B 163 17.14 43.78 1.81
C LEU B 163 18.27 42.97 2.35
N VAL B 164 18.38 41.75 1.86
CA VAL B 164 19.41 40.82 2.31
C VAL B 164 20.83 41.32 2.07
N ASN B 165 21.12 41.81 0.87
CA ASN B 165 22.47 42.30 0.55
C ASN B 165 22.64 43.81 0.55
N GLY B 166 21.53 44.53 0.41
CA GLY B 166 21.58 45.98 0.39
C GLY B 166 21.99 46.56 -0.94
N SER B 167 22.43 47.84 -0.92
CA SER B 167 22.88 48.60 -2.11
C SER B 167 23.43 49.98 -1.75
N THR B 168 24.33 50.47 -2.62
CA THR B 168 24.99 51.80 -2.56
C THR B 168 25.02 52.28 -4.03
N GLY B 169 24.47 53.45 -4.32
CA GLY B 169 24.44 53.90 -5.72
C GLY B 169 24.55 55.36 -6.14
N ILE B 170 23.97 55.63 -7.32
CA ILE B 170 23.98 56.95 -7.98
C ILE B 170 22.83 57.95 -7.74
N SER B 171 21.75 57.81 -8.52
CA SER B 171 20.54 58.67 -8.52
C SER B 171 20.76 60.14 -8.91
N GLY B 173 20.95 63.18 -7.33
CA GLY B 173 21.30 63.78 -6.05
C GLY B 173 22.58 63.23 -5.46
N TYR B 174 22.57 62.98 -4.14
CA TYR B 174 23.72 62.44 -3.40
C TYR B 174 24.03 60.97 -3.69
N ALA B 175 23.80 60.10 -2.70
CA ALA B 175 24.05 58.65 -2.83
C ALA B 175 23.07 57.80 -2.03
N THR B 176 22.47 56.80 -2.69
CA THR B 176 21.51 55.88 -2.05
C THR B 176 22.18 54.91 -1.08
N ASP B 177 21.44 54.51 -0.04
CA ASP B 177 21.95 53.58 0.96
C ASP B 177 20.91 52.64 1.55
N ILE B 178 20.92 51.41 1.06
CA ILE B 178 20.05 50.34 1.54
C ILE B 178 21.02 49.43 2.31
N PRO B 179 20.79 49.22 3.63
CA PRO B 179 21.67 48.38 4.45
C PRO B 179 21.38 46.89 4.33
N PRO B 180 22.38 46.03 4.63
CA PRO B 180 22.14 44.59 4.54
C PRO B 180 21.41 44.07 5.79
N HIS B 181 20.47 43.16 5.56
CA HIS B 181 19.67 42.55 6.62
C HIS B 181 19.93 41.04 6.69
N ASN B 182 19.42 40.40 7.75
CA ASN B 182 19.59 38.95 7.94
C ASN B 182 18.67 38.19 6.99
N LEU B 183 19.23 37.19 6.30
CA LEU B 183 18.48 36.38 5.34
C LEU B 183 17.18 35.81 5.90
N ALA B 184 17.28 35.15 7.06
CA ALA B 184 16.16 34.53 7.75
C ALA B 184 15.04 35.48 8.14
N GLU B 185 15.43 36.66 8.61
CA GLU B 185 14.47 37.68 9.06
C GLU B 185 13.65 38.32 7.94
N VAL B 186 14.25 38.47 6.78
CA VAL B 186 13.57 39.05 5.62
C VAL B 186 12.55 38.04 5.07
N ILE B 187 12.84 36.75 5.26
CA ILE B 187 11.96 35.68 4.80
C ILE B 187 10.66 35.70 5.60
N ASP B 188 10.79 35.75 6.92
CA ASP B 188 9.65 35.78 7.85
C ASP B 188 8.67 36.91 7.55
N ALA B 189 9.23 38.08 7.29
CA ALA B 189 8.47 39.28 6.99
C ALA B 189 7.66 39.10 5.73
N ALA B 190 8.30 38.48 4.74
CA ALA B 190 7.67 38.21 3.46
C ALA B 190 6.50 37.25 3.61
N VAL B 191 6.74 36.15 4.32
CA VAL B 191 5.73 35.10 4.58
C VAL B 191 4.51 35.67 5.33
N TYR B 192 4.75 36.72 6.12
CA TYR B 192 3.69 37.37 6.85
C TYR B 192 2.91 38.24 5.88
N MET B 193 3.62 38.98 5.02
CA MET B 193 2.97 39.86 4.05
C MET B 193 2.29 39.15 2.87
N ILE B 194 2.51 37.85 2.75
CA ILE B 194 1.89 37.04 1.71
C ILE B 194 0.44 36.80 2.14
N ASP B 195 0.26 36.48 3.42
CA ASP B 195 -1.05 36.23 4.00
C ASP B 195 -1.73 37.53 4.39
N HIS B 196 -0.95 38.53 4.80
CA HIS B 196 -1.46 39.86 5.21
C HIS B 196 -0.92 40.98 4.31
N PRO B 197 -1.57 41.26 3.15
CA PRO B 197 -1.12 42.32 2.23
C PRO B 197 -1.06 43.77 2.76
N THR B 198 -2.06 44.18 3.54
CA THR B 198 -2.11 45.55 4.11
C THR B 198 -1.49 45.57 5.51
N ALA B 199 -0.37 44.86 5.63
CA ALA B 199 0.34 44.76 6.89
C ALA B 199 0.99 46.04 7.34
N LYS B 200 0.70 46.38 8.59
CA LYS B 200 1.20 47.57 9.26
C LYS B 200 2.70 47.40 9.52
N ILE B 201 3.42 48.51 9.35
CA ILE B 201 4.88 48.56 9.47
C ILE B 201 5.44 48.05 10.78
N ASP B 202 4.71 48.27 11.87
CA ASP B 202 5.14 47.84 13.21
C ASP B 202 5.08 46.32 13.40
N LYS B 203 4.16 45.66 12.70
CA LYS B 203 4.01 44.21 12.76
C LYS B 203 5.19 43.57 12.05
N LEU B 204 5.54 44.09 10.87
CA LEU B 204 6.67 43.61 10.09
C LEU B 204 7.97 43.67 10.89
N MET B 205 8.06 44.70 11.72
CA MET B 205 9.22 44.92 12.58
C MET B 205 9.41 43.90 13.69
N GLU B 206 8.53 42.91 13.77
CA GLU B 206 8.64 41.86 14.78
C GLU B 206 9.37 40.68 14.15
N PHE B 207 9.44 40.72 12.82
CA PHE B 207 10.09 39.68 12.05
C PHE B 207 11.45 40.17 11.56
N LEU B 208 11.47 41.46 11.17
CA LEU B 208 12.67 42.16 10.70
C LEU B 208 12.74 43.41 11.57
N PRO B 209 13.38 43.31 12.75
CA PRO B 209 13.47 44.49 13.64
C PRO B 209 14.30 45.68 13.13
N GLY B 210 15.36 45.38 12.38
CA GLY B 210 16.24 46.40 11.83
C GLY B 210 17.33 45.74 10.99
N PRO B 211 18.38 46.48 10.55
CA PRO B 211 19.46 45.89 9.75
C PRO B 211 20.38 44.90 10.48
N ASP B 212 21.15 44.16 9.68
CA ASP B 212 22.07 43.15 10.21
C ASP B 212 23.33 43.19 9.35
N PHE B 213 24.36 43.87 9.87
CA PHE B 213 25.66 44.04 9.19
C PHE B 213 26.62 42.87 9.34
N PRO B 214 27.28 42.45 8.22
CA PRO B 214 28.24 41.33 8.26
C PRO B 214 29.53 41.64 9.03
N THR B 215 29.69 42.92 9.37
CA THR B 215 30.83 43.45 10.13
C THR B 215 30.48 43.57 11.61
N GLY B 216 29.22 43.29 11.92
CA GLY B 216 28.72 43.36 13.28
C GLY B 216 28.38 44.78 13.70
N ALA B 217 28.78 45.13 14.93
CA ALA B 217 28.53 46.45 15.49
C ALA B 217 27.31 46.41 16.40
N ILE B 218 26.76 47.57 16.71
CA ILE B 218 25.56 47.73 17.54
C ILE B 218 24.80 48.97 17.08
N ILE B 219 23.58 48.72 16.59
CA ILE B 219 22.68 49.75 16.06
C ILE B 219 21.71 50.25 17.14
N GLN B 220 21.55 51.58 17.21
CA GLN B 220 20.66 52.23 18.18
C GLN B 220 19.57 53.05 17.46
N GLY B 221 18.66 53.64 18.24
CA GLY B 221 17.58 54.45 17.70
C GLY B 221 16.46 53.70 17.01
N ARG B 222 15.74 52.87 17.78
CA ARG B 222 14.63 52.04 17.31
C ARG B 222 13.49 52.86 16.67
N ASP B 223 13.21 54.02 17.26
CA ASP B 223 12.15 54.92 16.79
C ASP B 223 12.50 55.57 15.45
N GLU B 224 13.79 55.59 15.16
CA GLU B 224 14.32 56.14 13.92
C GLU B 224 14.34 55.11 12.79
N ILE B 225 14.40 53.82 13.14
CA ILE B 225 14.41 52.72 12.16
C ILE B 225 13.02 52.60 11.54
N LYS B 226 12.00 52.95 12.32
CA LYS B 226 10.59 52.91 11.88
C LYS B 226 10.38 53.81 10.67
N LYS B 227 10.97 55.01 10.75
CA LYS B 227 10.90 56.03 9.69
C LYS B 227 11.53 55.56 8.38
N ALA B 228 12.60 54.78 8.52
CA ALA B 228 13.35 54.22 7.41
C ALA B 228 12.55 53.18 6.68
N TYR B 229 11.76 52.44 7.44
CA TYR B 229 10.93 51.36 6.92
C TYR B 229 9.67 51.71 6.15
N GLU B 230 9.04 52.85 6.48
CA GLU B 230 7.83 53.24 5.77
C GLU B 230 8.09 54.21 4.63
N THR B 231 9.06 55.12 4.84
CA THR B 231 9.43 56.12 3.84
C THR B 231 10.75 55.83 3.13
N GLY B 232 11.84 55.73 3.89
CA GLY B 232 13.13 55.45 3.30
C GLY B 232 14.33 56.19 3.87
N LYS B 233 14.08 57.19 4.74
CA LYS B 233 15.16 57.97 5.35
C LYS B 233 15.25 57.81 6.86
N GLY B 234 16.43 58.10 7.43
CA GLY B 234 16.62 57.99 8.87
C GLY B 234 18.08 57.96 9.29
N ARG B 235 18.33 58.31 10.55
CA ARG B 235 19.69 58.32 11.17
C ARG B 235 19.64 57.27 12.28
N VAL B 236 20.67 56.41 12.38
CA VAL B 236 20.66 55.34 13.39
C VAL B 236 21.81 55.15 14.38
N VAL B 237 22.99 55.70 14.10
CA VAL B 237 24.20 55.57 14.93
C VAL B 237 24.64 54.11 15.14
N VAL B 238 25.78 53.76 14.56
CA VAL B 238 26.30 52.40 14.66
C VAL B 238 27.54 52.43 15.56
N ARG B 239 27.35 51.93 16.78
CA ARG B 239 28.40 51.85 17.80
C ARG B 239 29.17 50.55 17.58
N SER B 240 30.39 50.49 18.08
CA SER B 240 31.21 49.29 17.97
C SER B 240 31.01 48.46 19.21
N LYS B 241 31.08 47.14 19.07
CA LYS B 241 30.92 46.24 20.21
C LYS B 241 32.24 46.28 20.97
N THR B 242 32.29 47.21 21.90
CA THR B 242 33.44 47.41 22.76
C THR B 242 33.27 46.60 24.02
N GLU B 243 34.31 45.86 24.38
CA GLU B 243 34.29 45.06 25.58
C GLU B 243 35.47 45.48 26.43
N ILE B 244 35.21 45.68 27.72
CA ILE B 244 36.24 46.11 28.64
C ILE B 244 36.75 44.97 29.53
N GLU B 245 38.06 44.77 29.53
CA GLU B 245 38.69 43.73 30.36
C GLU B 245 39.84 44.32 31.14
N LYS B 246 39.74 44.21 32.46
CA LYS B 246 40.73 44.73 33.40
C LYS B 246 42.00 43.89 33.51
N LEU B 247 43.15 44.58 33.46
CA LEU B 247 44.45 43.94 33.58
C LEU B 247 45.22 44.40 34.83
N LYS B 248 46.46 43.92 34.97
CA LYS B 248 47.35 44.19 36.10
C LYS B 248 47.73 45.65 36.39
N GLY B 249 48.11 45.89 37.65
CA GLY B 249 48.52 47.20 38.10
C GLY B 249 47.38 48.16 38.40
N GLY B 250 46.17 47.61 38.59
CA GLY B 250 44.98 48.40 38.88
C GLY B 250 44.45 49.17 37.67
N LYS B 251 44.85 48.72 36.48
CA LYS B 251 44.46 49.36 35.21
C LYS B 251 43.46 48.57 34.37
N GLU B 252 42.75 49.31 33.51
CA GLU B 252 41.74 48.77 32.60
C GLU B 252 42.28 48.80 31.16
N GLN B 253 41.51 48.29 30.19
CA GLN B 253 41.92 48.26 28.79
C GLN B 253 40.81 47.83 27.83
N ILE B 254 40.35 48.79 27.02
CA ILE B 254 39.28 48.58 26.04
C ILE B 254 39.70 47.80 24.80
N VAL B 255 38.84 46.86 24.40
CA VAL B 255 39.05 46.03 23.22
C VAL B 255 37.80 46.02 22.32
N ILE B 256 38.01 46.40 21.05
CA ILE B 256 36.93 46.43 20.06
C ILE B 256 36.88 45.07 19.34
N THR B 257 35.74 44.39 19.48
CA THR B 257 35.51 43.09 18.86
C THR B 257 35.02 43.25 17.42
N GLU B 258 34.21 44.28 17.19
CA GLU B 258 33.69 44.58 15.86
C GLU B 258 33.43 46.07 15.66
N ILE B 259 33.97 46.60 14.58
CA ILE B 259 33.86 48.01 14.17
C ILE B 259 32.68 48.15 13.18
N PRO B 260 32.16 49.38 12.95
CA PRO B 260 31.04 49.53 12.00
C PRO B 260 31.26 49.24 10.50
N TYR B 261 30.14 49.13 9.80
CA TYR B 261 30.06 48.83 8.36
C TYR B 261 30.65 49.93 7.50
N GLU B 262 31.37 49.49 6.45
CA GLU B 262 32.09 50.33 5.48
C GLU B 262 33.34 50.96 6.07
N ILE B 263 33.33 51.16 7.39
CA ILE B 263 34.44 51.77 8.11
C ILE B 263 35.56 50.76 8.29
N ASN B 264 36.74 51.22 7.89
CA ASN B 264 37.98 50.47 7.93
C ASN B 264 38.77 50.72 9.21
N LYS B 265 39.53 49.70 9.65
CA LYS B 265 40.35 49.82 10.84
C LYS B 265 41.77 50.22 10.48
N ALA B 266 41.93 50.74 9.26
CA ALA B 266 43.22 51.19 8.73
C ALA B 266 43.54 52.57 9.29
N ASN B 267 42.67 53.53 9.00
CA ASN B 267 42.87 54.90 9.48
C ASN B 267 42.06 55.27 10.75
N LEU B 268 41.28 54.31 11.25
CA LEU B 268 40.51 54.52 12.50
C LEU B 268 41.45 54.18 13.65
N VAL B 269 42.32 53.20 13.41
CA VAL B 269 43.30 52.79 14.40
C VAL B 269 44.29 53.96 14.60
N LYS B 270 44.47 54.75 13.54
CA LYS B 270 45.34 55.94 13.53
C LYS B 270 44.61 57.11 14.19
N LYS B 271 43.31 57.25 13.87
CA LYS B 271 42.49 58.33 14.42
C LYS B 271 42.35 58.28 15.95
N ILE B 272 42.54 57.08 16.52
CA ILE B 272 42.48 56.87 17.97
C ILE B 272 43.87 57.16 18.57
N ASP B 273 44.90 56.91 17.77
CA ASP B 273 46.30 57.15 18.16
C ASP B 273 46.62 58.65 18.15
N ASP B 274 45.90 59.37 17.28
CA ASP B 274 46.04 60.83 17.13
C ASP B 274 45.47 61.61 18.30
N VAL B 275 44.65 60.94 19.12
CA VAL B 275 44.02 61.55 20.29
C VAL B 275 44.93 61.44 21.52
N ARG B 276 45.85 60.47 21.52
CA ARG B 276 46.79 60.30 22.63
C ARG B 276 48.15 60.97 22.37
N VAL B 277 48.62 60.91 21.12
CA VAL B 277 49.89 61.51 20.70
C VAL B 277 49.80 63.04 20.65
N ASN B 278 48.58 63.54 20.45
CA ASN B 278 48.28 64.98 20.41
C ASN B 278 47.24 65.21 21.51
N ASN B 279 47.51 64.57 22.66
CA ASN B 279 46.71 64.55 23.91
C ASN B 279 45.56 65.56 24.03
N LYS B 280 44.34 65.03 23.97
CA LYS B 280 43.13 65.85 24.05
C LYS B 280 42.21 65.49 25.22
N VAL B 281 42.47 64.36 25.88
CA VAL B 281 41.63 63.88 27.00
C VAL B 281 42.28 63.51 28.34
N ALA B 282 42.10 62.25 28.74
CA ALA B 282 42.63 61.72 29.99
C ALA B 282 43.75 60.70 29.74
N GLY B 283 43.77 59.66 30.58
CA GLY B 283 44.78 58.63 30.52
C GLY B 283 44.86 57.66 29.35
N ILE B 284 44.73 58.17 28.12
CA ILE B 284 44.82 57.35 26.92
C ILE B 284 46.30 57.01 26.72
N ALA B 285 46.68 55.80 27.14
CA ALA B 285 48.07 55.33 27.04
C ALA B 285 48.48 54.93 25.62
N GLU B 286 48.58 53.63 25.34
CA GLU B 286 48.96 53.18 24.00
C GLU B 286 47.85 52.47 23.24
N VAL B 287 47.88 52.59 21.92
CA VAL B 287 46.90 51.98 21.02
C VAL B 287 47.57 50.92 20.13
N ARG B 288 47.26 49.65 20.40
CA ARG B 288 47.81 48.53 19.62
C ARG B 288 46.76 47.65 18.94
N ASP B 289 46.97 47.42 17.64
CA ASP B 289 46.10 46.62 16.77
C ASP B 289 46.50 45.14 16.88
N GLU B 290 45.65 44.34 17.51
CA GLU B 290 45.90 42.91 17.68
C GLU B 290 45.26 42.07 16.58
N SER B 291 45.10 42.73 15.43
CA SER B 291 44.56 42.20 14.17
C SER B 291 43.41 41.20 14.11
N ASP B 292 43.42 40.42 13.02
CA ASP B 292 42.42 39.40 12.74
C ASP B 292 43.02 38.15 12.09
N ARG B 293 42.72 37.00 12.67
CA ARG B 293 43.14 35.72 12.15
C ARG B 293 41.93 34.85 12.40
N ASP B 294 41.64 34.65 13.69
CA ASP B 294 40.49 33.86 14.13
C ASP B 294 39.53 34.82 14.83
N GLY B 295 39.72 36.12 14.56
CA GLY B 295 38.87 37.14 15.17
C GLY B 295 39.53 38.51 15.28
N LEU B 296 38.70 39.55 15.21
CA LEU B 296 39.12 40.96 15.30
C LEU B 296 39.43 41.32 16.76
N ARG B 297 40.54 42.04 16.95
CA ARG B 297 40.98 42.47 18.28
C ARG B 297 41.82 43.74 18.15
N ILE B 298 41.55 44.72 19.02
CA ILE B 298 42.26 46.00 19.03
C ILE B 298 43.01 46.14 20.36
N ILE B 300 43.34 49.00 22.60
CA ILE B 300 43.57 50.29 23.26
C ILE B 300 43.86 50.03 24.74
N GLU B 301 45.14 49.94 25.09
CA GLU B 301 45.58 49.73 26.46
C GLU B 301 45.55 51.11 27.14
N LEU B 302 44.36 51.47 27.60
CA LEU B 302 44.07 52.74 28.24
C LEU B 302 44.20 52.68 29.74
N LYS B 303 44.73 53.76 30.32
CA LYS B 303 44.85 53.87 31.77
C LYS B 303 46.24 53.90 32.39
N LYS B 304 46.89 52.72 32.47
CA LYS B 304 48.20 52.46 33.11
C LYS B 304 48.05 52.53 34.65
N ASP B 305 47.06 53.32 35.08
CA ASP B 305 46.62 53.57 36.45
C ASP B 305 45.56 54.69 36.38
N ALA B 306 44.41 54.44 37.01
CA ALA B 306 43.25 55.33 37.12
C ALA B 306 42.91 56.33 36.00
N ASN B 307 42.32 55.84 34.92
CA ASN B 307 41.91 56.65 33.77
C ASN B 307 40.40 56.51 33.67
N THR B 308 39.70 57.62 33.43
CA THR B 308 38.23 57.61 33.32
C THR B 308 37.67 56.97 32.03
N GLU B 309 36.40 56.56 32.08
CA GLU B 309 35.72 55.95 30.94
C GLU B 309 34.81 56.95 30.24
N LEU B 310 35.07 58.22 30.54
CA LEU B 310 34.37 59.35 29.94
C LEU B 310 35.18 59.67 28.67
N VAL B 311 36.36 59.03 28.59
CA VAL B 311 37.33 59.12 27.49
C VAL B 311 36.73 58.41 26.29
N LEU B 312 36.00 57.34 26.58
CA LEU B 312 35.32 56.51 25.59
C LEU B 312 34.32 57.35 24.80
N ASN B 313 33.69 58.33 25.48
CA ASN B 313 32.71 59.22 24.86
C ASN B 313 33.33 60.24 23.89
N TYR B 314 34.66 60.40 23.96
CA TYR B 314 35.39 61.32 23.07
C TYR B 314 35.75 60.55 21.82
N LEU B 315 36.02 59.26 21.99
CA LEU B 315 36.35 58.36 20.88
C LEU B 315 35.09 58.09 20.05
N PHE B 316 33.94 58.20 20.70
CA PHE B 316 32.64 57.99 20.07
C PHE B 316 32.22 59.20 19.25
N LYS B 317 32.08 60.34 19.94
CA LYS B 317 31.64 61.61 19.35
C LYS B 317 32.56 62.24 18.29
N TYR B 318 33.87 62.11 18.47
CA TYR B 318 34.83 62.68 17.52
C TYR B 318 35.23 61.76 16.36
N THR B 319 35.72 60.56 16.67
CA THR B 319 36.15 59.61 15.64
C THR B 319 34.98 58.79 15.08
N ASP B 320 35.27 57.98 14.07
CA ASP B 320 34.27 57.13 13.44
C ASP B 320 34.06 55.78 14.14
N LEU B 321 34.40 55.73 15.43
CA LEU B 321 34.23 54.53 16.26
C LEU B 321 32.71 54.31 16.46
N GLN B 322 31.99 55.41 16.28
CA GLN B 322 30.53 55.50 16.33
C GLN B 322 30.26 56.51 15.22
N ILE B 323 29.36 56.18 14.31
CA ILE B 323 28.99 57.07 13.20
C ILE B 323 27.54 56.84 12.78
N ASN B 324 26.87 57.92 12.35
CA ASN B 324 25.50 57.83 11.87
C ASN B 324 25.45 57.25 10.47
N TYR B 325 24.58 56.25 10.30
CA TYR B 325 24.38 55.62 8.99
C TYR B 325 23.03 56.12 8.52
N ASN B 326 23.07 56.90 7.44
CA ASN B 326 21.85 57.44 6.87
C ASN B 326 21.28 56.54 5.80
N PHE B 327 19.99 56.24 5.96
CA PHE B 327 19.26 55.41 5.02
C PHE B 327 18.74 56.32 3.92
N ASN B 328 18.61 55.75 2.74
CA ASN B 328 18.08 56.41 1.56
C ASN B 328 17.81 55.22 0.68
N MET B 329 16.61 54.66 0.85
CA MET B 329 16.24 53.48 0.10
C MET B 329 15.55 53.76 -1.22
N VAL B 330 16.36 53.77 -2.28
CA VAL B 330 15.88 54.01 -3.63
C VAL B 330 16.27 52.83 -4.52
N ALA B 331 15.28 52.37 -5.29
CA ALA B 331 15.42 51.26 -6.23
C ALA B 331 14.58 51.61 -7.45
N ILE B 332 14.89 51.02 -8.61
CA ILE B 332 14.13 51.30 -9.83
C ILE B 332 12.79 50.55 -9.84
N ASP B 333 11.70 51.31 -9.99
CA ASP B 333 10.35 50.73 -10.03
C ASP B 333 9.60 51.03 -11.34
N ASN B 334 9.24 49.97 -12.06
CA ASN B 334 8.49 50.06 -13.33
C ASN B 334 9.13 50.87 -14.46
N PHE B 335 10.43 51.12 -14.35
CA PHE B 335 11.17 51.87 -15.35
C PHE B 335 11.77 53.15 -14.80
N THR B 336 11.16 53.70 -13.75
CA THR B 336 11.58 54.96 -13.12
C THR B 336 12.12 54.77 -11.69
N PRO B 337 13.10 55.60 -11.22
CA PRO B 337 13.62 55.47 -9.85
C PRO B 337 12.56 55.95 -8.87
N ARG B 338 12.49 55.33 -7.68
CA ARG B 338 11.48 55.66 -6.68
C ARG B 338 11.93 55.44 -5.24
N GLN B 339 11.68 56.43 -4.35
CA GLN B 339 12.03 56.31 -2.93
C GLN B 339 11.07 55.28 -2.37
N VAL B 340 11.67 54.22 -1.88
CA VAL B 340 10.93 53.08 -1.40
C VAL B 340 11.18 52.72 0.09
N GLY B 341 10.23 52.00 0.68
CA GLY B 341 10.30 51.56 2.06
C GLY B 341 10.07 50.06 2.13
N ILE B 342 10.26 49.45 3.30
CA ILE B 342 10.10 48.00 3.51
C ILE B 342 8.79 47.42 2.98
N VAL B 343 7.73 48.20 3.14
CA VAL B 343 6.40 47.79 2.72
C VAL B 343 6.33 47.60 1.18
N PRO B 344 6.57 48.67 0.36
CA PRO B 344 6.48 48.33 -1.07
C PRO B 344 7.64 47.53 -1.68
N ILE B 345 8.75 47.36 -0.96
CA ILE B 345 9.88 46.56 -1.46
C ILE B 345 9.44 45.11 -1.49
N LEU B 346 8.85 44.68 -0.38
CA LEU B 346 8.33 43.32 -0.21
C LEU B 346 7.09 43.08 -1.07
N SER B 347 6.29 44.13 -1.25
CA SER B 347 5.07 44.06 -2.08
C SER B 347 5.37 44.02 -3.57
N SER B 348 6.62 44.31 -3.93
CA SER B 348 7.05 44.28 -5.30
C SER B 348 7.79 42.99 -5.53
N TYR B 349 8.25 42.38 -4.43
CA TYR B 349 8.96 41.11 -4.49
C TYR B 349 7.99 39.95 -4.68
N ILE B 350 6.92 39.94 -3.87
CA ILE B 350 5.92 38.89 -3.93
C ILE B 350 5.20 38.84 -5.27
N ALA B 351 4.98 40.03 -5.84
CA ALA B 351 4.32 40.20 -7.13
C ALA B 351 5.18 39.58 -8.23
N HIS B 352 6.50 39.76 -8.14
CA HIS B 352 7.46 39.22 -9.10
C HIS B 352 7.51 37.70 -9.00
N ARG B 353 7.57 37.21 -7.76
CA ARG B 353 7.62 35.78 -7.51
C ARG B 353 6.39 35.01 -8.04
N ARG B 354 5.23 35.65 -8.05
CA ARG B 354 4.00 35.01 -8.56
C ARG B 354 4.03 34.91 -10.09
N GLU B 355 4.63 35.91 -10.73
CA GLU B 355 4.76 35.97 -12.18
C GLU B 355 5.75 34.90 -12.63
N VAL B 356 6.77 34.66 -11.80
CA VAL B 356 7.82 33.68 -12.03
C VAL B 356 7.28 32.27 -11.81
N ILE B 357 6.49 32.07 -10.75
CA ILE B 357 5.90 30.77 -10.44
C ILE B 357 4.78 30.37 -11.41
N LEU B 358 3.91 31.33 -11.77
CA LEU B 358 2.81 31.11 -12.72
C LEU B 358 3.37 30.74 -14.09
N ALA B 359 4.54 31.31 -14.39
CA ALA B 359 5.24 31.05 -15.64
C ALA B 359 5.94 29.69 -15.59
N ARG B 360 6.58 29.37 -14.44
CA ARG B 360 7.30 28.09 -14.23
C ARG B 360 6.34 26.92 -14.43
N SER B 361 5.13 27.11 -13.89
CA SER B 361 4.06 26.13 -13.95
C SER B 361 3.50 26.00 -15.35
N ARG B 362 3.22 27.14 -16.00
CA ARG B 362 2.69 27.15 -17.37
C ARG B 362 3.65 26.48 -18.35
N PHE B 363 4.96 26.66 -18.10
CA PHE B 363 6.01 26.07 -18.92
C PHE B 363 6.08 24.56 -18.70
N ASP B 364 5.95 24.13 -17.44
CA ASP B 364 6.01 22.71 -17.12
C ASP B 364 4.74 21.92 -17.42
N LYS B 365 3.58 22.59 -17.44
CA LYS B 365 2.30 21.96 -17.76
C LYS B 365 2.38 21.52 -19.21
N GLU B 366 2.88 22.43 -20.04
CA GLU B 366 3.09 22.23 -21.48
C GLU B 366 4.17 21.15 -21.70
N LYS B 367 5.25 21.20 -20.92
CA LYS B 367 6.35 20.24 -21.01
C LYS B 367 5.90 18.83 -20.56
N ALA B 368 4.95 18.78 -19.62
CA ALA B 368 4.44 17.52 -19.10
C ALA B 368 3.31 16.88 -19.91
N GLU B 369 2.57 17.71 -20.66
CA GLU B 369 1.48 17.26 -21.52
C GLU B 369 2.09 16.68 -22.78
N LYS B 370 3.16 17.34 -23.25
CA LYS B 370 3.92 16.93 -24.43
C LYS B 370 4.57 15.56 -24.21
N ARG B 371 4.94 15.26 -22.97
CA ARG B 371 5.56 13.99 -22.60
C ARG B 371 4.50 12.92 -22.37
N LEU B 372 3.42 13.27 -21.67
CA LEU B 372 2.33 12.35 -21.36
C LEU B 372 1.79 11.67 -22.60
N HIS B 373 1.50 12.47 -23.62
CA HIS B 373 0.99 12.00 -24.92
C HIS B 373 1.83 10.87 -25.50
N ILE B 374 3.15 11.09 -25.56
CA ILE B 374 4.12 10.13 -26.07
C ILE B 374 4.11 8.88 -25.21
N VAL B 375 4.10 9.07 -23.89
CA VAL B 375 4.09 7.97 -22.92
C VAL B 375 2.82 7.11 -23.07
N GLU B 376 1.68 7.75 -23.35
CA GLU B 376 0.39 7.07 -23.53
C GLU B 376 0.43 6.18 -24.77
N GLY B 377 1.12 6.66 -25.80
CA GLY B 377 1.27 5.93 -27.04
C GLY B 377 2.27 4.82 -26.87
N LEU B 378 3.23 5.04 -25.98
CA LEU B 378 4.26 4.05 -25.69
C LEU B 378 3.69 2.90 -24.87
N ILE B 379 2.55 3.14 -24.23
CA ILE B 379 1.86 2.12 -23.44
C ILE B 379 1.11 1.23 -24.44
N ARG B 380 0.58 1.86 -25.49
CA ARG B 380 -0.15 1.17 -26.55
C ARG B 380 0.76 0.21 -27.33
N VAL B 381 1.96 0.66 -27.72
CA VAL B 381 2.89 -0.18 -28.48
C VAL B 381 3.54 -1.30 -27.66
N ILE B 382 3.24 -1.32 -26.37
CA ILE B 382 3.73 -2.33 -25.46
C ILE B 382 2.66 -3.43 -25.36
N SER B 383 1.40 -3.06 -25.62
CA SER B 383 0.29 -4.02 -25.59
C SER B 383 0.27 -4.81 -26.91
N ILE B 384 0.47 -4.11 -28.03
CA ILE B 384 0.51 -4.73 -29.36
C ILE B 384 1.97 -4.78 -29.85
N LEU B 385 2.85 -5.20 -28.94
CA LEU B 385 4.29 -5.30 -29.18
C LEU B 385 4.68 -6.11 -30.41
N ASP B 386 4.27 -7.38 -30.42
CA ASP B 386 4.58 -8.31 -31.50
C ASP B 386 4.00 -7.97 -32.87
N GLU B 387 2.91 -7.19 -32.88
CA GLU B 387 2.25 -6.74 -34.12
C GLU B 387 3.01 -5.53 -34.66
N VAL B 388 3.49 -4.68 -33.75
CA VAL B 388 4.24 -3.50 -34.13
C VAL B 388 5.71 -3.84 -34.43
N ILE B 389 6.13 -5.06 -34.05
CA ILE B 389 7.48 -5.56 -34.31
C ILE B 389 7.55 -5.91 -35.80
N ALA B 390 6.50 -6.58 -36.27
CA ALA B 390 6.38 -7.00 -37.67
C ALA B 390 6.05 -5.86 -38.62
N LEU B 391 5.35 -4.83 -38.12
CA LEU B 391 4.94 -3.66 -38.92
C LEU B 391 6.14 -2.79 -39.33
N ILE B 392 7.09 -2.66 -38.41
CA ILE B 392 8.30 -1.88 -38.61
C ILE B 392 9.28 -2.69 -39.48
N ARG B 393 9.30 -4.01 -39.27
CA ARG B 393 10.16 -4.93 -40.03
C ARG B 393 9.77 -5.01 -41.51
N ALA B 394 8.45 -5.11 -41.75
CA ALA B 394 7.87 -5.20 -43.09
C ALA B 394 7.75 -3.87 -43.85
N SER B 395 8.38 -2.83 -43.33
CA SER B 395 8.35 -1.50 -43.95
C SER B 395 9.57 -1.27 -44.83
N GLU B 396 9.63 -0.08 -45.43
CA GLU B 396 10.74 0.30 -46.30
C GLU B 396 11.65 1.34 -45.66
N ASN B 397 11.14 2.55 -45.41
CA ASN B 397 11.94 3.60 -44.78
C ASN B 397 11.36 4.04 -43.43
N LYS B 398 11.85 5.17 -42.91
CA LYS B 398 11.41 5.73 -41.63
C LYS B 398 9.97 6.25 -41.74
N ALA B 399 9.68 6.96 -42.84
CA ALA B 399 8.36 7.50 -43.07
C ALA B 399 7.38 6.39 -43.46
N ASP B 400 7.89 5.31 -44.03
CA ASP B 400 7.07 4.15 -44.43
C ASP B 400 6.84 3.28 -43.19
N ALA B 401 7.22 3.82 -42.04
CA ALA B 401 7.03 3.18 -40.74
C ALA B 401 6.15 4.16 -39.97
N LYS B 402 6.49 5.45 -40.05
CA LYS B 402 5.76 6.53 -39.38
C LYS B 402 4.33 6.71 -39.90
N GLU B 403 4.18 6.80 -41.23
CA GLU B 403 2.86 6.96 -41.88
C GLU B 403 2.10 5.63 -41.91
N ASN B 404 2.83 4.53 -41.67
CA ASN B 404 2.26 3.16 -41.63
C ASN B 404 1.70 2.90 -40.23
N LEU B 405 1.89 3.86 -39.33
CA LEU B 405 1.37 3.76 -37.99
C LEU B 405 0.03 4.49 -37.89
N LYS B 406 -0.87 4.09 -38.80
CA LYS B 406 -2.25 4.58 -38.91
C LYS B 406 -3.03 3.72 -37.92
N VAL B 407 -2.57 2.48 -37.80
CA VAL B 407 -3.09 1.45 -36.90
C VAL B 407 -2.01 1.16 -35.84
N TYR B 409 -3.82 1.56 -33.13
CA TYR B 409 -4.34 2.84 -32.66
C TYR B 409 -3.90 3.99 -33.57
N ASP B 410 -4.47 5.17 -33.35
CA ASP B 410 -4.12 6.36 -34.13
C ASP B 410 -3.07 7.17 -33.41
N PHE B 411 -1.87 7.17 -33.97
CA PHE B 411 -0.74 7.89 -33.41
C PHE B 411 -0.54 9.21 -34.13
N THR B 412 0.24 10.12 -33.54
CA THR B 412 0.52 11.42 -34.16
C THR B 412 1.95 11.47 -34.74
N GLU B 413 2.27 12.58 -35.41
CA GLU B 413 3.57 12.80 -36.05
C GLU B 413 4.74 12.65 -35.07
N GLU B 414 4.53 13.18 -33.87
CA GLU B 414 5.51 13.16 -32.78
C GLU B 414 5.44 11.90 -31.94
N GLN B 415 4.27 11.28 -31.94
CA GLN B 415 4.06 10.05 -31.18
C GLN B 415 4.64 8.85 -31.94
N ALA B 416 4.46 8.84 -33.26
CA ALA B 416 4.97 7.77 -34.13
C ALA B 416 6.48 7.94 -34.32
N GLU B 417 6.95 9.19 -34.21
CA GLU B 417 8.36 9.53 -34.32
C GLU B 417 9.04 8.87 -33.14
N ALA B 418 8.41 9.03 -31.98
CA ALA B 418 8.89 8.51 -30.72
C ALA B 418 8.95 6.98 -30.59
N ILE B 419 8.18 6.28 -31.43
CA ILE B 419 8.13 4.82 -31.44
C ILE B 419 9.24 4.24 -32.30
N VAL B 420 9.52 4.90 -33.42
CA VAL B 420 10.57 4.46 -34.34
C VAL B 420 11.93 4.84 -33.77
N THR B 421 11.94 5.87 -32.94
CA THR B 421 13.18 6.32 -32.31
C THR B 421 13.26 5.85 -30.86
N LEU B 422 12.87 4.60 -30.66
CA LEU B 422 12.95 3.97 -29.35
C LEU B 422 13.92 2.84 -29.52
N GLN B 423 14.81 2.64 -28.55
CA GLN B 423 15.83 1.60 -28.62
C GLN B 423 15.46 0.26 -28.00
N LEU B 424 16.17 -0.78 -28.45
CA LEU B 424 15.97 -2.16 -27.99
C LEU B 424 16.00 -2.33 -26.48
N TYR B 425 16.83 -1.53 -25.80
CA TYR B 425 16.92 -1.60 -24.33
C TYR B 425 15.66 -1.11 -23.63
N ARG B 426 14.92 -0.22 -24.27
CA ARG B 426 13.69 0.31 -23.69
C ARG B 426 12.54 -0.72 -23.68
N LEU B 427 12.78 -1.89 -24.29
CA LEU B 427 11.80 -2.97 -24.35
C LEU B 427 12.07 -4.14 -23.35
N THR B 428 12.89 -3.86 -22.33
CA THR B 428 13.23 -4.85 -21.28
C THR B 428 12.27 -4.73 -20.09
N ASN B 429 12.34 -5.70 -19.17
CA ASN B 429 11.48 -5.76 -17.98
C ASN B 429 11.44 -4.48 -17.15
N THR B 430 12.61 -4.02 -16.71
CA THR B 430 12.75 -2.82 -15.87
C THR B 430 12.35 -1.52 -16.57
N ASP B 431 12.68 -1.43 -17.87
CA ASP B 431 12.38 -0.23 -18.65
C ASP B 431 10.94 -0.04 -19.11
N VAL B 432 10.10 -1.04 -18.82
CA VAL B 432 8.67 -0.99 -19.15
C VAL B 432 7.97 -0.62 -17.84
N VAL B 433 8.53 -1.12 -16.74
CA VAL B 433 8.03 -0.88 -15.39
C VAL B 433 8.29 0.55 -14.92
N VAL B 434 9.48 1.07 -15.25
CA VAL B 434 9.85 2.45 -14.87
C VAL B 434 9.06 3.43 -15.75
N LEU B 435 8.68 2.93 -16.93
CA LEU B 435 7.91 3.69 -17.91
C LEU B 435 6.46 3.75 -17.47
N GLN B 436 6.03 2.73 -16.71
CA GLN B 436 4.65 2.65 -16.20
C GLN B 436 4.45 3.67 -15.07
N GLU B 437 5.51 3.88 -14.29
CA GLU B 437 5.49 4.80 -13.18
C GLU B 437 5.69 6.24 -13.58
N GLU B 438 6.31 6.45 -14.74
CA GLU B 438 6.57 7.79 -15.28
C GLU B 438 5.23 8.41 -15.69
N GLU B 439 4.30 7.57 -16.14
CA GLU B 439 2.96 7.99 -16.57
C GLU B 439 2.17 8.55 -15.39
N ALA B 440 2.24 7.84 -14.28
CA ALA B 440 1.58 8.20 -13.03
C ALA B 440 2.18 9.47 -12.46
N GLU B 441 3.51 9.53 -12.46
CA GLU B 441 4.29 10.67 -11.95
C GLU B 441 3.98 11.94 -12.74
N LEU B 442 3.75 11.77 -14.03
CA LEU B 442 3.44 12.86 -14.97
C LEU B 442 2.02 13.40 -14.84
N ARG B 443 1.06 12.50 -14.69
CA ARG B 443 -0.36 12.87 -14.58
C ARG B 443 -0.68 13.60 -13.29
N GLU B 444 0.10 13.31 -12.24
CA GLU B 444 -0.08 13.95 -10.92
C GLU B 444 0.61 15.31 -10.87
N LYS B 445 1.62 15.47 -11.73
CA LYS B 445 2.37 16.71 -11.84
C LYS B 445 1.46 17.73 -12.52
N ILE B 446 0.83 17.32 -13.61
CA ILE B 446 -0.11 18.16 -14.38
C ILE B 446 -1.29 18.55 -13.49
N ALA B 447 -1.67 17.60 -12.62
CA ALA B 447 -2.77 17.79 -11.68
C ALA B 447 -2.37 18.80 -10.61
N MET B 448 -1.12 18.72 -10.15
CA MET B 448 -0.59 19.64 -9.15
C MET B 448 -0.48 21.03 -9.77
N LEU B 449 0.09 21.07 -10.97
CA LEU B 449 0.31 22.31 -11.72
C LEU B 449 -0.93 23.06 -12.16
N ALA B 450 -2.05 22.35 -12.33
CA ALA B 450 -3.30 22.99 -12.74
C ALA B 450 -3.97 23.74 -11.59
N ALA B 451 -3.67 23.32 -10.35
CA ALA B 451 -4.21 23.91 -9.12
C ALA B 451 -3.60 25.27 -8.78
N ILE B 452 -2.29 25.37 -9.01
CA ILE B 452 -1.47 26.58 -8.79
C ILE B 452 -1.90 27.71 -9.74
N ILE B 453 -2.21 27.35 -10.98
CA ILE B 453 -2.63 28.30 -11.99
C ILE B 453 -4.10 28.68 -11.82
N GLY B 454 -4.94 27.67 -11.56
CA GLY B 454 -6.37 27.84 -11.38
C GLY B 454 -6.83 28.61 -10.15
N ASP B 455 -6.20 28.34 -9.01
CA ASP B 455 -6.53 29.03 -7.75
C ASP B 455 -5.26 29.68 -7.26
N GLU B 456 -5.29 31.00 -7.09
CA GLU B 456 -4.12 31.74 -6.67
C GLU B 456 -3.81 31.70 -5.17
N ARG B 457 -4.74 31.13 -4.41
CA ARG B 457 -4.62 30.98 -2.96
C ARG B 457 -3.52 29.94 -2.70
N THR B 458 -3.51 28.90 -3.52
CA THR B 458 -2.54 27.80 -3.44
C THR B 458 -1.19 28.11 -4.06
N MET B 459 -1.17 29.10 -4.95
CA MET B 459 0.05 29.56 -5.61
C MET B 459 0.86 30.31 -4.56
N TYR B 460 0.16 31.13 -3.77
CA TYR B 460 0.75 31.91 -2.70
C TYR B 460 1.32 30.99 -1.62
N ASN B 461 0.74 29.80 -1.51
CA ASN B 461 1.17 28.80 -0.54
C ASN B 461 2.42 28.08 -1.01
N LEU B 462 2.66 28.08 -2.33
CA LEU B 462 3.86 27.44 -2.91
C LEU B 462 5.02 28.42 -2.70
N MET B 463 4.69 29.71 -2.74
CA MET B 463 5.65 30.80 -2.56
C MET B 463 6.21 30.74 -1.14
N LYS B 464 5.33 30.55 -0.16
CA LYS B 464 5.70 30.46 1.26
C LYS B 464 6.57 29.22 1.50
N LYS B 465 6.17 28.09 0.90
CA LYS B 465 6.90 26.83 1.04
C LYS B 465 8.31 26.89 0.47
N GLU B 466 8.43 27.52 -0.70
CA GLU B 466 9.70 27.66 -1.40
C GLU B 466 10.68 28.57 -0.66
N LEU B 467 10.15 29.60 -0.01
CA LEU B 467 10.95 30.55 0.75
C LEU B 467 11.43 30.01 2.09
N ARG B 468 10.62 29.15 2.69
CA ARG B 468 10.97 28.51 3.95
C ARG B 468 11.95 27.40 3.62
N GLU B 469 11.82 26.83 2.42
CA GLU B 469 12.72 25.78 1.95
C GLU B 469 14.11 26.40 1.73
N VAL B 470 14.12 27.70 1.45
CA VAL B 470 15.33 28.50 1.23
C VAL B 470 15.88 28.97 2.58
N LYS B 471 15.00 29.41 3.48
CA LYS B 471 15.39 29.88 4.82
C LYS B 471 16.08 28.75 5.58
N LYS B 472 15.41 27.59 5.67
CA LYS B 472 15.93 26.41 6.38
C LYS B 472 17.33 25.97 5.96
N LYS B 473 17.68 26.24 4.70
CA LYS B 473 18.98 25.87 4.18
C LYS B 473 20.05 26.94 4.37
N PHE B 474 19.69 28.20 4.09
CA PHE B 474 20.66 29.30 4.16
C PHE B 474 20.64 30.24 5.37
N ALA B 475 19.76 29.96 6.33
CA ALA B 475 19.64 30.80 7.52
C ALA B 475 20.88 30.80 8.38
N THR B 476 21.28 32.01 8.75
CA THR B 476 22.44 32.25 9.59
C THR B 476 21.96 33.22 10.68
N PRO B 477 22.26 32.93 11.97
CA PRO B 477 21.82 33.80 13.07
C PRO B 477 22.46 35.19 13.00
N ARG B 478 21.72 36.18 13.48
CA ARG B 478 22.15 37.56 13.45
C ARG B 478 23.35 37.99 14.29
N LEU B 479 23.99 39.03 13.77
CA LEU B 479 25.15 39.69 14.36
C LEU B 479 24.55 41.09 14.64
N SER B 480 25.36 42.02 15.14
CA SER B 480 24.90 43.40 15.45
C SER B 480 23.65 43.57 16.35
N SER B 481 23.87 43.90 17.63
CA SER B 481 22.80 44.09 18.62
C SER B 481 21.89 45.28 18.32
N LEU B 482 20.73 45.33 18.96
CA LEU B 482 19.78 46.43 18.78
C LEU B 482 19.34 47.02 20.12
N ALA C 29 -35.97 -13.17 9.15
CA ALA C 29 -36.15 -11.71 9.07
C ALA C 29 -37.54 -11.33 8.52
N LEU C 30 -38.01 -12.15 7.58
CA LEU C 30 -39.30 -11.97 6.90
C LEU C 30 -40.08 -13.30 6.84
N PRO C 31 -41.44 -13.23 6.84
CA PRO C 31 -42.27 -14.44 6.77
C PRO C 31 -42.56 -14.84 5.32
N ASP C 32 -43.15 -16.02 5.12
CA ASP C 32 -43.50 -16.45 3.77
C ASP C 32 -45.02 -16.45 3.57
N ILE C 33 -45.46 -16.21 2.33
CA ILE C 33 -46.90 -16.14 1.99
C ILE C 33 -47.78 -17.30 2.41
N ARG C 34 -47.16 -18.48 2.54
CA ARG C 34 -47.85 -19.72 2.91
C ARG C 34 -48.28 -19.84 4.36
N ASP C 35 -47.36 -20.13 5.27
CA ASP C 35 -47.74 -20.27 6.66
C ASP C 35 -47.74 -18.99 7.46
N GLY C 36 -47.19 -17.94 6.85
CA GLY C 36 -47.09 -16.65 7.51
C GLY C 36 -46.15 -16.56 8.68
N LEU C 37 -45.27 -17.55 8.79
CA LEU C 37 -44.31 -17.61 9.87
C LEU C 37 -42.91 -17.20 9.46
N LYS C 38 -42.18 -16.63 10.43
CA LYS C 38 -40.79 -16.20 10.31
C LYS C 38 -40.00 -17.43 10.76
N PRO C 39 -38.80 -17.68 10.20
CA PRO C 39 -38.01 -18.85 10.61
C PRO C 39 -37.87 -19.08 12.14
N VAL C 40 -37.91 -18.01 12.92
CA VAL C 40 -37.81 -18.12 14.39
C VAL C 40 -39.15 -18.51 15.01
N GLN C 41 -40.25 -18.02 14.43
CA GLN C 41 -41.62 -18.30 14.91
C GLN C 41 -41.94 -19.76 14.65
N ARG C 42 -41.51 -20.24 13.49
CA ARG C 42 -41.61 -21.63 13.08
C ARG C 42 -40.42 -22.18 13.87
N ARG C 43 -40.32 -23.49 14.07
CA ARG C 43 -39.22 -24.09 14.87
C ARG C 43 -39.46 -23.88 16.38
N ILE C 44 -40.20 -22.82 16.74
CA ILE C 44 -40.57 -22.59 18.14
C ILE C 44 -41.77 -23.52 18.26
N LEU C 45 -42.67 -23.40 17.29
CA LEU C 45 -43.88 -24.21 17.22
C LEU C 45 -43.58 -25.68 17.04
N TYR C 46 -42.67 -25.99 16.11
CA TYR C 46 -42.26 -27.36 15.80
C TYR C 46 -41.54 -28.05 16.95
N SER C 47 -40.63 -27.34 17.59
CA SER C 47 -39.87 -27.89 18.72
C SER C 47 -40.71 -28.03 19.97
N MET C 48 -41.67 -27.12 20.14
CA MET C 48 -42.58 -27.14 21.28
C MET C 48 -43.65 -28.21 21.04
N ASN C 49 -43.80 -28.60 19.78
CA ASN C 49 -44.78 -29.60 19.36
C ASN C 49 -44.19 -31.01 19.49
N LYS C 50 -42.91 -31.15 19.16
CA LYS C 50 -42.20 -32.43 19.22
C LYS C 50 -42.00 -32.92 20.65
N ASP C 51 -41.80 -31.96 21.56
CA ASP C 51 -41.61 -32.22 22.98
C ASP C 51 -42.94 -32.53 23.65
N SER C 52 -44.02 -32.34 22.89
CA SER C 52 -45.42 -32.54 23.30
C SER C 52 -45.81 -31.55 24.39
N ASN C 53 -45.56 -30.28 24.08
CA ASN C 53 -45.83 -29.17 24.97
C ASN C 53 -47.00 -28.39 24.36
N THR C 54 -48.14 -29.08 24.21
CA THR C 54 -49.35 -28.53 23.64
C THR C 54 -50.32 -27.95 24.69
N PHE C 55 -51.49 -27.50 24.24
CA PHE C 55 -52.56 -26.89 25.06
C PHE C 55 -53.22 -27.75 26.15
N ASP C 56 -53.56 -29.00 25.79
CA ASP C 56 -54.23 -29.95 26.67
C ASP C 56 -53.35 -30.40 27.85
N LYS C 57 -52.04 -30.42 27.60
CA LYS C 57 -51.05 -30.80 28.60
C LYS C 57 -50.58 -29.59 29.42
N SER C 58 -49.96 -29.86 30.57
CA SER C 58 -49.46 -28.87 31.54
C SER C 58 -48.45 -27.81 31.01
N TYR C 59 -48.41 -26.65 31.70
CA TYR C 59 -47.50 -25.53 31.38
C TYR C 59 -46.05 -25.91 31.71
N ARG C 60 -45.14 -25.74 30.75
CA ARG C 60 -43.73 -26.09 30.95
C ARG C 60 -42.82 -24.85 31.08
N LYS C 61 -41.84 -24.95 31.99
CA LYS C 61 -40.85 -23.90 32.29
C LYS C 61 -40.18 -23.42 31.01
N SER C 62 -40.48 -22.18 30.65
CA SER C 62 -39.99 -21.51 29.43
C SER C 62 -38.54 -21.72 29.01
N ALA C 63 -37.63 -21.75 29.98
CA ALA C 63 -36.20 -21.94 29.74
C ALA C 63 -35.87 -23.31 29.16
N LYS C 64 -36.65 -24.32 29.57
CA LYS C 64 -36.47 -25.70 29.09
C LYS C 64 -36.82 -25.77 27.61
N SER C 65 -37.79 -24.94 27.19
CA SER C 65 -38.25 -24.86 25.80
C SER C 65 -37.19 -24.18 24.94
N VAL C 66 -36.66 -23.04 25.44
CA VAL C 66 -35.63 -22.24 24.76
C VAL C 66 -34.27 -22.96 24.66
N GLY C 67 -34.06 -23.93 25.55
CA GLY C 67 -32.82 -24.71 25.55
C GLY C 67 -32.77 -25.76 24.46
N ASN C 68 -33.93 -26.41 24.25
CA ASN C 68 -34.08 -27.46 23.24
C ASN C 68 -34.09 -26.94 21.81
N ILE C 69 -34.63 -25.73 21.64
CA ILE C 69 -34.71 -25.09 20.32
C ILE C 69 -33.29 -24.73 19.90
N MET C 70 -32.64 -23.84 20.66
CA MET C 70 -31.28 -23.34 20.41
C MET C 70 -30.21 -24.40 20.13
N GLY C 71 -30.31 -25.54 20.80
CA GLY C 71 -29.34 -26.62 20.62
C GLY C 71 -29.47 -27.39 19.33
N ASN C 72 -30.71 -27.54 18.84
CA ASN C 72 -31.00 -28.27 17.60
C ASN C 72 -31.29 -27.37 16.40
N PHE C 73 -32.06 -26.29 16.60
CA PHE C 73 -32.42 -25.33 15.53
C PHE C 73 -32.31 -23.89 16.05
N HIS C 74 -31.82 -22.96 15.21
CA HIS C 74 -31.66 -21.52 15.53
C HIS C 74 -30.64 -21.21 16.68
N PRO C 75 -29.31 -21.25 16.38
CA PRO C 75 -28.26 -20.98 17.39
C PRO C 75 -27.89 -19.51 17.67
N HIS C 76 -28.79 -18.59 17.31
CA HIS C 76 -28.58 -17.13 17.43
C HIS C 76 -28.71 -16.49 18.82
N GLY C 77 -28.59 -17.30 19.87
CA GLY C 77 -28.68 -16.80 21.23
C GLY C 77 -30.08 -16.54 21.74
N ASP C 78 -30.34 -17.02 22.95
CA ASP C 78 -31.62 -16.93 23.70
C ASP C 78 -32.40 -15.62 23.54
N SER C 79 -31.64 -14.52 23.60
CA SER C 79 -32.17 -13.17 23.48
C SER C 79 -32.53 -12.86 22.02
N SER C 80 -33.48 -13.63 21.50
CA SER C 80 -34.03 -13.53 20.14
C SER C 80 -35.19 -14.53 20.02
N ILE C 81 -34.97 -15.71 20.62
CA ILE C 81 -35.94 -16.82 20.64
C ILE C 81 -37.02 -16.60 21.70
N TYR C 82 -36.60 -16.19 22.90
CA TYR C 82 -37.53 -15.95 24.00
C TYR C 82 -38.38 -14.70 23.73
N ASP C 83 -37.81 -13.74 23.00
CA ASP C 83 -38.50 -12.50 22.63
C ASP C 83 -39.56 -12.84 21.61
N ALA C 84 -39.23 -13.76 20.70
CA ALA C 84 -40.14 -14.22 19.65
C ALA C 84 -41.25 -15.08 20.26
N MET C 85 -40.89 -15.79 21.33
CA MET C 85 -41.81 -16.66 22.05
C MET C 85 -42.86 -15.83 22.78
N VAL C 86 -42.41 -14.88 23.57
CA VAL C 86 -43.30 -14.02 24.33
C VAL C 86 -44.11 -13.07 23.44
N ARG C 87 -43.66 -12.86 22.20
CA ARG C 87 -44.36 -12.00 21.23
C ARG C 87 -45.63 -12.74 20.84
N MET C 88 -45.44 -14.02 20.46
CA MET C 88 -46.51 -14.91 20.04
C MET C 88 -47.60 -15.13 21.09
N SER C 89 -47.24 -15.01 22.36
CA SER C 89 -48.18 -15.21 23.48
C SER C 89 -48.92 -13.97 23.94
N GLN C 90 -48.60 -12.81 23.35
CA GLN C 90 -49.24 -11.55 23.71
C GLN C 90 -50.46 -11.23 22.84
N ASN C 91 -51.64 -11.32 23.47
CA ASN C 91 -52.94 -11.10 22.82
C ASN C 91 -53.28 -9.73 22.29
N TRP C 92 -52.53 -8.73 22.76
CA TRP C 92 -52.70 -7.34 22.31
C TRP C 92 -51.77 -7.05 21.14
N LYS C 93 -50.90 -8.03 20.84
CA LYS C 93 -49.94 -7.94 19.75
C LYS C 93 -50.37 -8.86 18.61
N ASN C 94 -51.00 -9.98 18.99
CA ASN C 94 -51.51 -11.00 18.05
C ASN C 94 -53.04 -11.11 18.15
N ARG C 95 -53.70 -11.30 17.00
CA ARG C 95 -55.16 -11.43 16.94
C ARG C 95 -55.59 -12.77 17.55
N GLU C 96 -54.84 -13.83 17.21
CA GLU C 96 -55.07 -15.18 17.72
C GLU C 96 -53.70 -15.70 18.16
N ILE C 97 -53.44 -15.72 19.47
CA ILE C 97 -52.15 -16.17 20.01
C ILE C 97 -51.73 -17.61 19.71
N LEU C 98 -50.44 -17.76 19.40
CA LEU C 98 -49.85 -19.06 19.06
C LEU C 98 -49.27 -19.83 20.23
N VAL C 99 -48.88 -19.12 21.28
CA VAL C 99 -48.34 -19.70 22.51
C VAL C 99 -49.27 -19.25 23.66
N GLU C 100 -49.29 -20.03 24.74
CA GLU C 100 -50.11 -19.71 25.91
C GLU C 100 -49.07 -19.65 27.04
N MET C 101 -48.98 -18.49 27.70
CA MET C 101 -48.00 -18.27 28.77
C MET C 101 -48.55 -17.78 30.11
N HIS C 102 -48.13 -18.46 31.18
CA HIS C 102 -48.53 -18.12 32.55
C HIS C 102 -47.46 -17.28 33.24
N GLY C 103 -47.92 -16.28 33.98
CA GLY C 103 -47.04 -15.36 34.69
C GLY C 103 -47.10 -14.01 34.00
N ASN C 104 -46.16 -13.12 34.32
CA ASN C 104 -46.13 -11.82 33.68
C ASN C 104 -45.46 -11.97 32.32
N ASN C 105 -46.28 -11.81 31.28
CA ASN C 105 -45.84 -11.90 29.89
C ASN C 105 -45.84 -10.52 29.24
N GLY C 106 -45.86 -9.49 30.08
CA GLY C 106 -45.87 -8.12 29.61
C GLY C 106 -47.22 -7.47 29.89
N SER C 107 -47.42 -6.26 29.37
CA SER C 107 -48.67 -5.55 29.57
C SER C 107 -49.05 -4.61 28.43
N MET C 108 -50.27 -4.06 28.52
CA MET C 108 -50.82 -3.12 27.56
C MET C 108 -50.03 -1.82 27.64
N ASP C 109 -49.49 -1.56 28.83
CA ASP C 109 -48.63 -0.40 29.10
C ASP C 109 -47.24 -0.77 28.61
N GLY C 110 -46.21 -0.14 29.20
CA GLY C 110 -44.84 -0.42 28.79
C GLY C 110 -44.13 -1.54 29.56
N ASP C 111 -44.82 -2.12 30.55
CA ASP C 111 -44.29 -3.18 31.41
C ASP C 111 -43.79 -4.46 30.71
N PRO C 112 -42.51 -4.83 30.94
CA PRO C 112 -41.86 -6.01 30.35
C PRO C 112 -42.17 -7.35 31.04
N PRO C 113 -41.91 -8.50 30.36
CA PRO C 113 -42.15 -9.82 30.94
C PRO C 113 -41.03 -10.22 31.90
N ALA C 114 -41.20 -11.37 32.57
CA ALA C 114 -40.18 -11.87 33.47
C ALA C 114 -39.10 -12.60 32.67
N ALA C 115 -38.04 -13.03 33.36
CA ALA C 115 -36.94 -13.76 32.72
C ALA C 115 -37.41 -15.17 32.38
N MET C 116 -36.76 -15.79 31.41
CA MET C 116 -37.11 -17.14 30.96
C MET C 116 -37.11 -18.25 32.02
N ARG C 117 -36.43 -17.99 33.13
CA ARG C 117 -36.32 -18.92 34.24
C ARG C 117 -37.55 -18.87 35.16
N TYR C 118 -38.31 -17.78 35.05
CA TYR C 118 -39.48 -17.54 35.89
C TYR C 118 -40.85 -17.69 35.24
N THR C 119 -40.88 -17.91 33.93
CA THR C 119 -42.14 -18.07 33.19
C THR C 119 -42.35 -19.50 32.69
N GLU C 120 -43.60 -19.83 32.43
CA GLU C 120 -43.95 -21.16 31.92
C GLU C 120 -44.92 -21.05 30.76
N ALA C 121 -44.73 -21.89 29.75
CA ALA C 121 -45.58 -21.85 28.55
C ALA C 121 -45.88 -23.18 27.86
N ARG C 122 -46.79 -23.10 26.88
CA ARG C 122 -47.26 -24.22 26.05
C ARG C 122 -47.88 -23.61 24.80
N LEU C 123 -48.12 -24.42 23.78
CA LEU C 123 -48.75 -23.94 22.54
C LEU C 123 -50.26 -23.82 22.74
N SER C 124 -50.89 -22.93 21.99
CA SER C 124 -52.34 -22.78 22.09
C SER C 124 -52.96 -23.87 21.23
N GLU C 125 -54.29 -23.98 21.26
CA GLU C 125 -55.01 -24.98 20.50
C GLU C 125 -54.89 -24.69 19.02
N ILE C 126 -55.15 -23.43 18.69
CA ILE C 126 -55.11 -22.91 17.34
C ILE C 126 -53.72 -23.06 16.69
N ALA C 127 -52.69 -23.14 17.54
CA ALA C 127 -51.32 -23.31 17.11
C ALA C 127 -51.15 -24.70 16.55
N GLY C 128 -51.81 -25.66 17.20
CA GLY C 128 -51.76 -27.05 16.79
C GLY C 128 -52.32 -27.25 15.40
N TYR C 129 -53.12 -26.28 14.97
CA TYR C 129 -53.75 -26.30 13.66
C TYR C 129 -52.81 -25.86 12.55
N LEU C 130 -51.74 -25.14 12.89
CA LEU C 130 -50.76 -24.73 11.89
C LEU C 130 -49.88 -25.94 11.62
N LEU C 131 -49.76 -26.76 12.66
CA LEU C 131 -48.98 -27.97 12.67
C LEU C 131 -49.76 -29.23 12.23
N GLN C 132 -51.08 -29.13 12.10
CA GLN C 132 -51.99 -30.23 11.69
C GLN C 132 -51.51 -30.95 10.44
N ASP C 133 -51.32 -32.27 10.55
CA ASP C 133 -50.86 -33.15 9.48
C ASP C 133 -49.37 -33.01 9.09
N ILE C 134 -48.55 -32.61 10.06
CA ILE C 134 -47.09 -32.43 9.87
C ILE C 134 -46.39 -33.78 9.68
N GLU C 135 -46.86 -34.77 10.45
CA GLU C 135 -46.37 -36.14 10.49
C GLU C 135 -46.78 -36.99 9.29
N LYS C 136 -47.67 -36.45 8.46
CA LYS C 136 -48.17 -37.15 7.26
C LYS C 136 -47.32 -36.92 6.02
N LYS C 137 -46.05 -36.52 6.21
CA LYS C 137 -45.10 -36.22 5.11
C LYS C 137 -45.72 -35.26 4.08
N THR C 138 -46.33 -34.19 4.59
CA THR C 138 -47.01 -33.20 3.76
C THR C 138 -46.10 -32.10 3.23
N VAL C 139 -45.37 -31.46 4.14
CA VAL C 139 -44.45 -30.38 3.82
C VAL C 139 -42.99 -30.80 3.72
N PRO C 140 -42.17 -30.09 2.89
CA PRO C 140 -40.77 -30.49 2.80
C PRO C 140 -39.93 -30.18 4.04
N PHE C 141 -39.02 -31.10 4.35
CA PHE C 141 -38.11 -30.98 5.49
C PHE C 141 -36.68 -30.82 4.98
N ALA C 142 -35.99 -29.80 5.50
CA ALA C 142 -34.60 -29.56 5.12
C ALA C 142 -33.71 -29.97 6.28
N TRP C 143 -32.39 -29.88 6.08
CA TRP C 143 -31.43 -30.21 7.12
C TRP C 143 -31.22 -29.08 8.13
N ASN C 144 -30.44 -29.40 9.17
CA ASN C 144 -30.07 -28.49 10.25
C ASN C 144 -29.03 -27.46 9.79
N PHE C 145 -28.23 -27.00 10.74
CA PHE C 145 -27.14 -26.07 10.49
C PHE C 145 -25.87 -26.91 10.73
N ASP C 146 -26.06 -27.99 11.49
CA ASP C 146 -25.02 -28.95 11.87
C ASP C 146 -25.25 -30.34 11.26
N ASP C 147 -26.26 -30.42 10.38
CA ASP C 147 -26.68 -31.63 9.64
C ASP C 147 -26.91 -32.89 10.49
N THR C 148 -27.55 -32.70 11.64
CA THR C 148 -27.86 -33.80 12.56
C THR C 148 -29.35 -34.07 12.69
N GLU C 149 -30.13 -33.00 12.59
CA GLU C 149 -31.58 -33.06 12.72
C GLU C 149 -32.33 -32.50 11.51
N LYS C 150 -33.63 -32.79 11.47
CA LYS C 150 -34.52 -32.35 10.39
C LYS C 150 -35.53 -31.30 10.86
N GLU C 151 -35.76 -30.29 10.02
CA GLU C 151 -36.67 -29.18 10.31
C GLU C 151 -37.60 -28.80 9.14
N PRO C 152 -38.87 -28.39 9.42
CA PRO C 152 -39.81 -28.01 8.36
C PRO C 152 -39.61 -26.63 7.76
N THR C 153 -39.67 -26.59 6.43
CA THR C 153 -39.53 -25.37 5.63
C THR C 153 -40.80 -24.54 5.80
N VAL C 154 -41.93 -25.24 5.72
CA VAL C 154 -43.25 -24.63 5.87
C VAL C 154 -44.04 -25.53 6.80
N LEU C 155 -45.09 -24.97 7.37
CA LEU C 155 -45.99 -25.74 8.22
C LEU C 155 -47.26 -25.87 7.37
N PRO C 156 -47.99 -27.00 7.48
CA PRO C 156 -49.23 -27.20 6.70
C PRO C 156 -50.27 -26.08 6.73
N ALA C 157 -50.29 -25.30 7.82
CA ALA C 157 -51.20 -24.15 7.98
C ALA C 157 -52.69 -24.39 7.69
N ALA C 158 -53.46 -24.79 8.69
CA ALA C 158 -54.89 -25.04 8.48
C ALA C 158 -55.74 -23.77 8.34
N PHE C 159 -55.09 -22.61 8.48
CA PHE C 159 -55.72 -21.28 8.35
C PHE C 159 -54.66 -20.27 7.84
N PRO C 160 -55.07 -19.21 7.10
CA PRO C 160 -54.14 -18.20 6.57
C PRO C 160 -53.52 -17.26 7.60
N ASN C 161 -52.52 -17.77 8.30
CA ASN C 161 -51.80 -17.07 9.35
C ASN C 161 -51.15 -15.74 8.94
N LEU C 162 -50.76 -15.61 7.65
CA LEU C 162 -50.13 -14.37 7.18
C LEU C 162 -51.01 -13.13 7.35
N LEU C 163 -52.30 -13.27 7.07
CA LEU C 163 -53.20 -12.14 7.22
C LEU C 163 -53.64 -11.97 8.64
N VAL C 164 -53.97 -13.09 9.28
CA VAL C 164 -54.46 -13.10 10.65
C VAL C 164 -53.50 -12.56 11.72
N ASN C 165 -52.21 -12.86 11.61
CA ASN C 165 -51.25 -12.39 12.62
C ASN C 165 -50.22 -11.36 12.22
N GLY C 166 -50.31 -10.87 10.99
CA GLY C 166 -49.40 -9.86 10.50
C GLY C 166 -47.90 -10.07 10.56
N SER C 167 -47.16 -8.99 10.34
CA SER C 167 -45.69 -8.99 10.36
C SER C 167 -45.19 -7.56 10.50
N THR C 168 -44.11 -7.37 11.25
CA THR C 168 -43.49 -6.06 11.46
C THR C 168 -41.97 -6.16 11.31
N GLY C 169 -41.52 -6.60 10.13
CA GLY C 169 -40.09 -6.73 9.84
C GLY C 169 -39.56 -5.59 8.96
N ILE C 170 -38.31 -5.73 8.47
CA ILE C 170 -37.68 -4.72 7.59
C ILE C 170 -37.06 -5.34 6.32
N SER C 171 -35.80 -5.76 6.47
CA SER C 171 -34.94 -6.40 5.44
C SER C 171 -34.59 -5.62 4.14
N ALA C 172 -35.52 -4.82 3.61
CA ALA C 172 -35.28 -4.04 2.39
C ALA C 172 -34.47 -2.79 2.72
N GLY C 173 -35.18 -1.67 2.79
CA GLY C 173 -34.61 -0.38 3.13
C GLY C 173 -35.60 0.22 4.13
N TYR C 174 -36.87 0.06 3.78
CA TYR C 174 -38.00 0.51 4.60
C TYR C 174 -38.56 -0.72 5.33
N ALA C 175 -39.47 -0.47 6.28
CA ALA C 175 -40.09 -1.52 7.08
C ALA C 175 -41.35 -2.13 6.48
N THR C 176 -41.55 -3.43 6.68
CA THR C 176 -42.73 -4.09 6.18
C THR C 176 -43.78 -4.20 7.27
N ASP C 177 -45.02 -3.90 6.91
CA ASP C 177 -46.14 -3.93 7.85
C ASP C 177 -47.36 -4.63 7.29
N ILE C 178 -47.66 -5.80 7.84
CA ILE C 178 -48.85 -6.57 7.46
C ILE C 178 -49.69 -6.51 8.75
N PRO C 179 -50.88 -5.91 8.67
CA PRO C 179 -51.79 -5.77 9.80
C PRO C 179 -52.60 -7.02 10.11
N PRO C 180 -52.85 -7.33 11.40
CA PRO C 180 -53.65 -8.52 11.72
C PRO C 180 -55.10 -8.40 11.28
N HIS C 181 -55.67 -9.54 10.85
CA HIS C 181 -57.05 -9.61 10.35
C HIS C 181 -57.91 -10.60 11.16
N ASN C 182 -59.23 -10.56 10.94
CA ASN C 182 -60.17 -11.46 11.61
C ASN C 182 -60.20 -12.79 10.87
N LEU C 183 -60.10 -13.86 11.65
CA LEU C 183 -60.09 -15.25 11.16
C LEU C 183 -61.26 -15.59 10.25
N ALA C 184 -62.48 -15.42 10.78
CA ALA C 184 -63.73 -15.71 10.07
C ALA C 184 -63.83 -14.99 8.73
N GLU C 185 -63.31 -13.78 8.68
CA GLU C 185 -63.34 -12.99 7.46
C GLU C 185 -62.29 -13.40 6.45
N VAL C 186 -61.12 -13.85 6.92
CA VAL C 186 -60.05 -14.28 6.00
C VAL C 186 -60.48 -15.56 5.29
N ILE C 187 -61.05 -16.46 6.08
CA ILE C 187 -61.55 -17.75 5.59
C ILE C 187 -62.62 -17.54 4.51
N ASP C 188 -63.55 -16.62 4.74
CA ASP C 188 -64.64 -16.29 3.79
C ASP C 188 -64.06 -15.94 2.43
N ALA C 189 -63.10 -15.01 2.47
CA ALA C 189 -62.42 -14.52 1.29
C ALA C 189 -61.68 -15.65 0.61
N ALA C 190 -61.03 -16.47 1.44
CA ALA C 190 -60.28 -17.62 0.96
C ALA C 190 -61.19 -18.66 0.32
N VAL C 191 -62.44 -18.77 0.78
CA VAL C 191 -63.39 -19.74 0.22
C VAL C 191 -64.03 -19.25 -1.08
N TYR C 192 -64.20 -17.93 -1.23
CA TYR C 192 -64.76 -17.37 -2.46
C TYR C 192 -63.71 -17.51 -3.56
N MET C 193 -62.47 -17.18 -3.19
CA MET C 193 -61.29 -17.23 -4.04
C MET C 193 -60.90 -18.60 -4.58
N ILE C 194 -61.61 -19.63 -4.11
CA ILE C 194 -61.37 -21.01 -4.52
C ILE C 194 -62.32 -21.36 -5.67
N ASP C 195 -63.61 -21.01 -5.48
CA ASP C 195 -64.65 -21.26 -6.47
C ASP C 195 -64.45 -20.30 -7.63
N HIS C 196 -63.92 -19.13 -7.32
CA HIS C 196 -63.67 -18.09 -8.31
C HIS C 196 -62.23 -17.60 -8.13
N PRO C 197 -61.25 -18.24 -8.81
CA PRO C 197 -59.85 -17.82 -8.68
C PRO C 197 -59.52 -16.47 -9.28
N THR C 198 -60.27 -16.06 -10.31
CA THR C 198 -60.06 -14.79 -11.02
C THR C 198 -60.76 -13.56 -10.39
N ALA C 199 -61.20 -13.74 -9.14
CA ALA C 199 -61.91 -12.71 -8.39
C ALA C 199 -61.19 -11.38 -8.29
N LYS C 200 -61.96 -10.32 -8.51
CA LYS C 200 -61.47 -8.94 -8.46
C LYS C 200 -61.52 -8.41 -7.03
N ILE C 201 -60.50 -7.63 -6.69
CA ILE C 201 -60.28 -7.02 -5.39
C ILE C 201 -61.51 -6.37 -4.73
N ASP C 202 -62.45 -5.91 -5.54
CA ASP C 202 -63.68 -5.26 -5.06
C ASP C 202 -64.68 -6.24 -4.43
N LYS C 203 -64.65 -7.48 -4.92
CA LYS C 203 -65.54 -8.54 -4.43
C LYS C 203 -65.02 -9.13 -3.13
N LEU C 204 -63.70 -9.29 -3.01
CA LEU C 204 -63.07 -9.83 -1.82
C LEU C 204 -63.31 -8.98 -0.59
N MET C 205 -63.46 -7.68 -0.80
CA MET C 205 -63.71 -6.70 0.25
C MET C 205 -65.10 -6.77 0.89
N GLU C 206 -65.93 -7.68 0.38
CA GLU C 206 -67.27 -7.90 0.92
C GLU C 206 -67.19 -9.05 1.91
N PHE C 207 -66.00 -9.66 1.99
CA PHE C 207 -65.73 -10.76 2.89
C PHE C 207 -64.65 -10.34 3.90
N LEU C 208 -63.58 -9.73 3.36
CA LEU C 208 -62.46 -9.22 4.14
C LEU C 208 -62.44 -7.71 3.86
N PRO C 209 -63.22 -6.92 4.64
CA PRO C 209 -63.28 -5.46 4.45
C PRO C 209 -62.10 -4.61 4.91
N GLY C 210 -61.34 -5.13 5.88
CA GLY C 210 -60.19 -4.40 6.40
C GLY C 210 -59.60 -5.07 7.63
N PRO C 211 -58.36 -4.72 8.04
CA PRO C 211 -57.72 -5.31 9.22
C PRO C 211 -58.54 -5.26 10.51
N ASP C 212 -58.19 -6.11 11.44
CA ASP C 212 -58.89 -6.19 12.71
C ASP C 212 -57.83 -6.25 13.78
N PHE C 213 -57.56 -5.10 14.39
CA PHE C 213 -56.54 -5.01 15.42
C PHE C 213 -57.08 -5.44 16.79
N PRO C 214 -56.31 -6.26 17.53
CA PRO C 214 -56.71 -6.76 18.87
C PRO C 214 -56.85 -5.66 19.93
N THR C 215 -56.41 -4.47 19.55
CA THR C 215 -56.45 -3.29 20.41
C THR C 215 -57.75 -2.53 20.20
N GLY C 216 -58.34 -2.73 19.02
CA GLY C 216 -59.59 -2.09 18.67
C GLY C 216 -59.35 -0.86 17.81
N ALA C 217 -59.80 0.30 18.31
CA ALA C 217 -59.64 1.61 17.65
C ALA C 217 -60.58 1.77 16.46
N ILE C 218 -60.38 2.84 15.69
CA ILE C 218 -61.18 3.14 14.51
C ILE C 218 -60.32 3.51 13.29
N ILE C 219 -60.50 2.73 12.20
CA ILE C 219 -59.80 2.87 10.91
C ILE C 219 -60.70 3.60 9.89
N GLN C 220 -60.16 4.63 9.23
CA GLN C 220 -60.93 5.38 8.24
C GLN C 220 -60.22 5.47 6.89
N GLY C 221 -61.00 5.54 5.81
CA GLY C 221 -60.43 5.64 4.47
C GLY C 221 -60.59 4.37 3.68
N ARG C 222 -61.82 4.13 3.23
CA ARG C 222 -62.20 2.96 2.45
C ARG C 222 -61.38 2.80 1.17
N ASP C 223 -61.15 3.91 0.48
CA ASP C 223 -60.39 3.96 -0.78
C ASP C 223 -58.90 3.64 -0.56
N GLU C 224 -58.43 3.82 0.68
CA GLU C 224 -57.05 3.54 1.02
C GLU C 224 -56.73 2.09 1.33
N ILE C 225 -57.74 1.34 1.81
CA ILE C 225 -57.59 -0.09 2.13
C ILE C 225 -57.64 -0.88 0.82
N LYS C 226 -58.40 -0.35 -0.14
CA LYS C 226 -58.55 -0.95 -1.47
C LYS C 226 -57.21 -0.89 -2.17
N LYS C 227 -56.57 0.28 -2.07
CA LYS C 227 -55.25 0.56 -2.67
C LYS C 227 -54.17 -0.33 -2.06
N ALA C 228 -54.42 -0.77 -0.82
CA ALA C 228 -53.48 -1.62 -0.08
C ALA C 228 -53.63 -3.09 -0.44
N TYR C 229 -54.87 -3.49 -0.71
CA TYR C 229 -55.18 -4.88 -1.06
C TYR C 229 -54.81 -5.30 -2.48
N GLU C 230 -54.41 -4.35 -3.31
CA GLU C 230 -53.98 -4.67 -4.66
C GLU C 230 -52.51 -4.36 -4.97
N THR C 231 -51.93 -3.47 -4.17
CA THR C 231 -50.53 -3.09 -4.34
C THR C 231 -49.63 -3.62 -3.24
N GLY C 232 -50.15 -3.57 -2.01
CA GLY C 232 -49.38 -3.99 -0.85
C GLY C 232 -48.95 -2.77 -0.07
N LYS C 233 -49.14 -1.60 -0.68
CA LYS C 233 -48.77 -0.31 -0.10
C LYS C 233 -50.00 0.57 0.07
N GLY C 234 -50.11 1.20 1.24
CA GLY C 234 -51.24 2.08 1.56
C GLY C 234 -51.08 2.78 2.91
N ARG C 235 -51.90 3.81 3.16
CA ARG C 235 -51.90 4.60 4.42
C ARG C 235 -53.35 4.82 4.86
N VAL C 236 -53.73 4.28 6.02
CA VAL C 236 -55.11 4.36 6.48
C VAL C 236 -55.62 5.20 7.66
N VAL C 237 -54.73 5.75 8.50
CA VAL C 237 -55.16 6.57 9.65
C VAL C 237 -56.01 5.81 10.70
N VAL C 238 -55.39 5.47 11.83
CA VAL C 238 -56.05 4.75 12.92
C VAL C 238 -56.27 5.70 14.09
N ARG C 239 -57.53 6.03 14.34
CA ARG C 239 -57.99 6.94 15.39
C ARG C 239 -58.41 6.12 16.61
N SER C 240 -58.31 6.68 17.80
CA SER C 240 -58.73 5.96 19.02
C SER C 240 -60.24 6.03 19.15
N LYS C 241 -60.82 5.04 19.84
CA LYS C 241 -62.27 5.01 20.06
C LYS C 241 -62.59 5.87 21.27
N THR C 242 -63.48 6.84 21.08
CA THR C 242 -63.87 7.77 22.14
C THR C 242 -65.36 8.01 22.29
N GLU C 243 -65.80 7.92 23.53
CA GLU C 243 -67.20 8.17 23.90
C GLU C 243 -67.18 9.33 24.89
N ILE C 244 -68.22 10.16 24.89
CA ILE C 244 -68.31 11.27 25.83
C ILE C 244 -69.39 11.03 26.89
N GLU C 245 -69.10 11.44 28.12
CA GLU C 245 -70.03 11.28 29.24
C GLU C 245 -70.13 12.57 30.03
N LYS C 246 -71.34 13.13 30.07
CA LYS C 246 -71.60 14.37 30.77
C LYS C 246 -71.76 14.14 32.27
N LEU C 247 -71.16 15.06 33.04
CA LEU C 247 -71.14 15.02 34.51
C LEU C 247 -72.08 15.99 35.24
N LYS C 248 -71.95 15.99 36.57
CA LYS C 248 -72.71 16.86 37.47
C LYS C 248 -71.75 17.98 37.86
N GLY C 249 -72.12 19.21 37.53
CA GLY C 249 -71.30 20.38 37.81
C GLY C 249 -70.99 21.15 36.53
N GLY C 250 -71.78 20.90 35.49
CA GLY C 250 -71.62 21.57 34.20
C GLY C 250 -70.36 21.27 33.41
N LYS C 251 -69.52 20.37 33.95
CA LYS C 251 -68.26 19.96 33.33
C LYS C 251 -68.48 18.66 32.54
N GLU C 252 -67.61 18.42 31.56
CA GLU C 252 -67.69 17.21 30.72
C GLU C 252 -66.45 16.32 30.83
N GLN C 253 -66.59 15.06 30.38
CA GLN C 253 -65.53 14.05 30.43
C GLN C 253 -65.41 13.23 29.14
N ILE C 254 -64.19 13.13 28.62
CA ILE C 254 -63.91 12.37 27.40
C ILE C 254 -63.30 11.03 27.79
N VAL C 255 -63.94 9.94 27.38
CA VAL C 255 -63.44 8.62 27.70
C VAL C 255 -62.94 7.83 26.49
N ILE C 256 -61.76 7.22 26.66
CA ILE C 256 -61.09 6.38 25.65
C ILE C 256 -61.29 4.90 26.07
N THR C 257 -61.94 4.13 25.21
CA THR C 257 -62.22 2.70 25.45
C THR C 257 -61.17 1.80 24.78
N GLU C 258 -60.60 2.29 23.66
CA GLU C 258 -59.62 1.55 22.86
C GLU C 258 -58.56 2.53 22.29
N ILE C 259 -57.28 2.14 22.36
CA ILE C 259 -56.14 2.95 21.84
C ILE C 259 -55.61 2.29 20.54
N PRO C 260 -54.84 3.02 19.68
CA PRO C 260 -54.37 2.36 18.46
C PRO C 260 -53.27 1.29 18.63
N TYR C 261 -53.06 0.53 17.56
CA TYR C 261 -52.10 -0.58 17.48
C TYR C 261 -50.65 -0.24 17.82
N GLU C 262 -50.03 -1.12 18.63
CA GLU C 262 -48.63 -1.02 19.09
C GLU C 262 -48.34 0.19 20.00
N ILE C 263 -49.32 1.09 20.10
CA ILE C 263 -49.22 2.26 20.94
C ILE C 263 -49.54 1.82 22.36
N ASN C 264 -48.66 2.23 23.26
CA ASN C 264 -48.69 1.94 24.69
C ASN C 264 -49.36 3.02 25.55
N LYS C 265 -50.23 2.59 26.48
CA LYS C 265 -50.96 3.51 27.37
C LYS C 265 -50.11 4.06 28.53
N ALA C 266 -48.79 4.01 28.35
CA ALA C 266 -47.83 4.49 29.34
C ALA C 266 -47.20 5.79 28.83
N ASN C 267 -46.60 5.72 27.63
CA ASN C 267 -45.96 6.85 26.95
C ASN C 267 -47.03 7.81 26.44
N LEU C 268 -48.15 7.27 25.98
CA LEU C 268 -49.24 8.08 25.46
C LEU C 268 -50.20 8.63 26.50
N VAL C 269 -49.96 8.32 27.77
CA VAL C 269 -50.78 8.86 28.83
C VAL C 269 -50.00 10.02 29.46
N LYS C 270 -48.68 10.00 29.27
CA LYS C 270 -47.79 11.03 29.77
C LYS C 270 -47.66 12.12 28.71
N LYS C 271 -47.69 11.72 27.44
CA LYS C 271 -47.60 12.66 26.32
C LYS C 271 -48.90 13.46 26.13
N ILE C 272 -49.95 13.04 26.83
CA ILE C 272 -51.25 13.70 26.79
C ILE C 272 -51.38 14.67 27.97
N ASP C 273 -50.52 14.49 28.97
CA ASP C 273 -50.50 15.32 30.18
C ASP C 273 -49.70 16.58 29.86
N ASP C 274 -48.75 16.44 28.94
CA ASP C 274 -47.89 17.53 28.48
C ASP C 274 -48.67 18.61 27.73
N VAL C 275 -49.95 18.32 27.54
CA VAL C 275 -50.89 19.22 26.87
C VAL C 275 -51.44 20.21 27.91
N ARG C 276 -51.66 19.73 29.13
CA ARG C 276 -52.15 20.61 30.20
C ARG C 276 -50.98 21.22 30.99
N VAL C 277 -49.87 20.48 31.06
CA VAL C 277 -48.64 20.91 31.75
C VAL C 277 -47.77 21.85 30.91
N ASN C 278 -48.36 22.30 29.80
CA ASN C 278 -47.77 23.23 28.84
C ASN C 278 -49.00 23.63 28.03
N ASN C 279 -49.74 24.62 28.56
CA ASN C 279 -50.98 25.17 28.00
C ASN C 279 -51.01 25.39 26.47
N LYS C 280 -51.59 24.40 25.79
CA LYS C 280 -51.75 24.36 24.34
C LYS C 280 -53.21 24.16 23.91
N VAL C 281 -54.12 24.02 24.88
CA VAL C 281 -55.55 23.79 24.61
C VAL C 281 -56.54 24.74 25.30
N ALA C 282 -57.82 24.36 25.21
CA ALA C 282 -58.94 25.08 25.82
C ALA C 282 -59.06 24.56 27.25
N GLY C 283 -60.24 24.03 27.60
CA GLY C 283 -60.48 23.53 28.94
C GLY C 283 -60.03 22.11 29.29
N ILE C 284 -58.73 21.92 29.50
CA ILE C 284 -58.17 20.61 29.85
C ILE C 284 -58.02 20.45 31.35
N ALA C 285 -59.08 19.91 31.99
CA ALA C 285 -59.16 19.69 33.44
C ALA C 285 -58.14 18.73 34.03
N GLU C 286 -58.55 17.47 34.23
CA GLU C 286 -57.66 16.43 34.76
C GLU C 286 -57.77 15.18 33.90
N VAL C 287 -56.65 14.47 33.76
CA VAL C 287 -56.57 13.23 32.98
C VAL C 287 -56.32 12.04 33.92
N ARG C 288 -57.10 10.97 33.73
CA ARG C 288 -57.02 9.75 34.54
C ARG C 288 -56.66 8.48 33.75
N ASP C 289 -55.96 7.55 34.40
CA ASP C 289 -55.57 6.25 33.83
C ASP C 289 -56.20 5.19 34.71
N GLU C 290 -57.54 5.16 34.72
CA GLU C 290 -58.29 4.21 35.51
C GLU C 290 -58.61 2.91 34.77
N SER C 291 -57.67 2.51 33.92
CA SER C 291 -57.77 1.28 33.13
C SER C 291 -57.16 0.10 33.89
N ASP C 292 -58.03 -0.80 34.35
CA ASP C 292 -57.67 -2.00 35.12
C ASP C 292 -57.75 -3.29 34.27
N ARG C 293 -58.96 -3.83 34.19
CA ARG C 293 -59.30 -5.03 33.44
C ARG C 293 -60.54 -4.59 32.62
N ASP C 294 -61.10 -5.53 31.84
CA ASP C 294 -62.28 -5.32 30.98
C ASP C 294 -62.03 -4.29 29.87
N GLY C 295 -60.75 -4.02 29.63
CA GLY C 295 -60.34 -3.05 28.63
C GLY C 295 -59.84 -1.75 29.22
N LEU C 296 -59.77 -0.74 28.36
CA LEU C 296 -59.30 0.59 28.75
C LEU C 296 -60.38 1.47 29.35
N ARG C 297 -59.90 2.52 30.01
CA ARG C 297 -60.70 3.55 30.66
C ARG C 297 -59.73 4.69 30.96
N ILE C 298 -59.60 5.60 29.98
CA ILE C 298 -58.75 6.78 30.11
C ILE C 298 -59.73 7.95 29.99
N ALA C 299 -60.18 8.42 31.14
CA ALA C 299 -61.13 9.52 31.24
C ALA C 299 -60.45 10.87 31.42
N ILE C 300 -60.84 11.84 30.57
CA ILE C 300 -60.32 13.21 30.62
C ILE C 300 -61.47 14.11 31.10
N GLU C 301 -61.47 14.42 32.40
CA GLU C 301 -62.48 15.27 33.04
C GLU C 301 -62.19 16.75 32.81
N LEU C 302 -62.75 17.28 31.73
CA LEU C 302 -62.60 18.67 31.31
C LEU C 302 -63.22 19.73 32.22
N LYS C 303 -62.97 21.00 31.89
CA LYS C 303 -63.49 22.16 32.61
C LYS C 303 -64.83 22.64 32.04
N LYS C 304 -65.33 23.74 32.58
CA LYS C 304 -66.63 24.32 32.19
C LYS C 304 -66.69 25.17 30.89
N ASP C 305 -65.52 25.57 30.39
CA ASP C 305 -65.44 26.38 29.15
C ASP C 305 -64.98 25.57 27.95
N ASN C 307 -63.19 23.91 25.48
CA ASN C 307 -64.18 23.48 24.49
C ASN C 307 -64.04 22.00 24.08
N THR C 308 -65.17 21.31 24.08
CA THR C 308 -65.25 19.90 23.67
C THR C 308 -65.39 19.89 22.15
N GLU C 309 -64.56 19.03 21.54
CA GLU C 309 -64.40 18.77 20.09
C GLU C 309 -63.11 19.46 19.65
N LEU C 310 -62.77 20.57 20.29
CA LEU C 310 -61.56 21.33 19.98
C LEU C 310 -60.33 20.76 20.70
N VAL C 311 -60.50 20.34 21.95
CA VAL C 311 -59.42 19.75 22.76
C VAL C 311 -59.11 18.36 22.20
N LEU C 312 -60.20 17.64 21.87
CA LEU C 312 -60.17 16.30 21.29
C LEU C 312 -59.40 16.27 19.98
N ASN C 313 -59.64 17.27 19.13
CA ASN C 313 -58.97 17.39 17.84
C ASN C 313 -57.49 17.68 17.94
N TYR C 314 -57.11 18.45 18.97
CA TYR C 314 -55.72 18.78 19.20
C TYR C 314 -55.01 17.48 19.55
N LEU C 315 -55.62 16.75 20.48
CA LEU C 315 -55.11 15.46 20.95
C LEU C 315 -54.90 14.52 19.79
N PHE C 316 -55.94 14.35 18.97
CA PHE C 316 -55.91 13.48 17.79
C PHE C 316 -54.75 13.79 16.83
N LYS C 317 -54.44 15.08 16.67
CA LYS C 317 -53.36 15.48 15.77
C LYS C 317 -51.95 15.39 16.38
N TYR C 318 -51.72 16.18 17.43
CA TYR C 318 -50.41 16.26 18.10
C TYR C 318 -49.93 15.09 18.95
N THR C 319 -50.84 14.17 19.28
CA THR C 319 -50.47 12.98 20.03
C THR C 319 -50.70 11.77 19.11
N ASP C 320 -50.34 10.59 19.59
CA ASP C 320 -50.56 9.38 18.81
C ASP C 320 -51.85 8.70 19.24
N LEU C 321 -52.85 9.53 19.53
CA LEU C 321 -54.20 9.09 19.89
C LEU C 321 -54.87 8.80 18.54
N GLN C 322 -54.11 9.17 17.51
CA GLN C 322 -54.43 8.97 16.12
C GLN C 322 -53.07 8.90 15.43
N ILE C 323 -52.77 7.72 14.91
CA ILE C 323 -51.52 7.45 14.20
C ILE C 323 -51.90 7.03 12.77
N ASN C 324 -50.90 6.93 11.91
CA ASN C 324 -51.06 6.49 10.53
C ASN C 324 -50.56 5.06 10.50
N TYR C 325 -51.21 4.21 9.72
CA TYR C 325 -50.71 2.84 9.58
C TYR C 325 -50.30 2.72 8.14
N ASN C 326 -49.03 2.39 7.93
CA ASN C 326 -48.50 2.26 6.60
C ASN C 326 -48.30 0.84 6.16
N PHE C 327 -49.15 0.41 5.23
CA PHE C 327 -49.11 -0.92 4.66
C PHE C 327 -47.89 -1.05 3.75
N ASN C 328 -47.21 -2.18 3.87
CA ASN C 328 -46.05 -2.54 3.07
C ASN C 328 -46.03 -4.04 3.33
N MET C 329 -46.69 -4.79 2.45
CA MET C 329 -46.81 -6.22 2.61
C MET C 329 -45.81 -7.03 1.80
N VAL C 330 -44.78 -7.52 2.49
CA VAL C 330 -43.75 -8.32 1.85
C VAL C 330 -43.66 -9.71 2.48
N ALA C 331 -43.49 -10.71 1.62
CA ALA C 331 -43.36 -12.12 2.01
C ALA C 331 -42.58 -12.89 0.97
N ILE C 332 -42.07 -14.05 1.38
CA ILE C 332 -41.21 -14.93 0.57
C ILE C 332 -41.89 -16.11 -0.14
N ASP C 333 -41.42 -16.40 -1.37
CA ASP C 333 -41.83 -17.55 -2.22
C ASP C 333 -40.77 -17.77 -3.28
N ASN C 334 -40.13 -18.94 -3.21
CA ASN C 334 -39.03 -19.39 -4.08
C ASN C 334 -37.73 -18.81 -3.57
N PHE C 335 -37.71 -18.42 -2.30
CA PHE C 335 -36.54 -17.85 -1.67
C PHE C 335 -36.31 -16.36 -1.97
N THR C 336 -37.26 -15.70 -2.66
CA THR C 336 -37.14 -14.27 -3.00
C THR C 336 -38.29 -13.42 -2.41
N PRO C 337 -37.98 -12.28 -1.73
CA PRO C 337 -39.02 -11.41 -1.15
C PRO C 337 -39.86 -10.76 -2.23
N ARG C 338 -41.13 -10.52 -1.94
CA ARG C 338 -42.05 -9.97 -2.93
C ARG C 338 -43.08 -9.04 -2.31
N GLN C 339 -43.28 -7.87 -2.92
CA GLN C 339 -44.30 -6.93 -2.44
C GLN C 339 -45.58 -7.56 -2.94
N VAL C 340 -46.55 -7.69 -2.03
CA VAL C 340 -47.76 -8.42 -2.36
C VAL C 340 -49.13 -7.82 -1.95
N GLY C 341 -50.08 -7.94 -2.86
CA GLY C 341 -51.45 -7.51 -2.62
C GLY C 341 -52.20 -8.70 -2.07
N ILE C 342 -53.46 -8.53 -1.66
CA ILE C 342 -54.26 -9.61 -1.08
C ILE C 342 -54.52 -10.79 -2.02
N VAL C 343 -54.64 -10.52 -3.32
CA VAL C 343 -54.93 -11.57 -4.29
C VAL C 343 -53.80 -12.62 -4.35
N PRO C 344 -52.52 -12.22 -4.61
CA PRO C 344 -51.58 -13.35 -4.61
C PRO C 344 -51.18 -13.95 -3.26
N ILE C 345 -51.72 -13.43 -2.15
CA ILE C 345 -51.44 -14.01 -0.84
C ILE C 345 -52.36 -15.23 -0.72
N LEU C 346 -53.57 -15.09 -1.27
CA LEU C 346 -54.54 -16.18 -1.25
C LEU C 346 -54.25 -17.21 -2.33
N SER C 347 -53.75 -16.78 -3.49
CA SER C 347 -53.38 -17.69 -4.58
C SER C 347 -52.32 -18.67 -4.09
N SER C 348 -51.43 -18.13 -3.26
CA SER C 348 -50.32 -18.84 -2.64
C SER C 348 -50.75 -19.76 -1.52
N TYR C 349 -51.82 -19.38 -0.81
CA TYR C 349 -52.35 -20.21 0.28
C TYR C 349 -53.07 -21.42 -0.30
N ILE C 350 -54.00 -21.17 -1.23
CA ILE C 350 -54.78 -22.24 -1.88
C ILE C 350 -53.89 -23.19 -2.71
N ALA C 351 -52.75 -22.67 -3.18
CA ALA C 351 -51.78 -23.42 -3.97
C ALA C 351 -50.97 -24.34 -3.07
N HIS C 352 -50.76 -23.88 -1.84
CA HIS C 352 -50.03 -24.63 -0.82
C HIS C 352 -50.95 -25.64 -0.18
N ARG C 353 -52.13 -25.18 0.23
CA ARG C 353 -53.10 -26.05 0.86
C ARG C 353 -53.48 -27.26 0.02
N ARG C 354 -53.49 -27.11 -1.31
CA ARG C 354 -53.78 -28.25 -2.17
C ARG C 354 -52.62 -29.24 -2.18
N GLU C 355 -51.40 -28.70 -2.22
CA GLU C 355 -50.15 -29.49 -2.20
C GLU C 355 -50.14 -30.36 -0.93
N VAL C 356 -50.54 -29.73 0.17
CA VAL C 356 -50.62 -30.34 1.50
C VAL C 356 -51.69 -31.43 1.54
N ILE C 357 -52.90 -31.06 1.13
CA ILE C 357 -54.05 -31.95 1.11
C ILE C 357 -53.85 -33.15 0.16
N LEU C 358 -53.18 -32.93 -0.99
CA LEU C 358 -52.89 -33.99 -1.96
C LEU C 358 -51.87 -34.94 -1.36
N ALA C 359 -50.89 -34.38 -0.66
CA ALA C 359 -49.83 -35.16 -0.03
C ALA C 359 -50.36 -35.92 1.16
N ARG C 360 -51.27 -35.31 1.91
CA ARG C 360 -51.89 -35.92 3.07
C ARG C 360 -52.63 -37.18 2.64
N SER C 361 -53.44 -37.02 1.60
CA SER C 361 -54.27 -38.07 1.03
C SER C 361 -53.52 -39.23 0.40
N ARG C 362 -52.31 -38.97 -0.10
CA ARG C 362 -51.48 -40.02 -0.68
C ARG C 362 -50.94 -40.90 0.47
N PHE C 363 -50.52 -40.23 1.55
CA PHE C 363 -49.97 -40.87 2.75
C PHE C 363 -50.98 -41.81 3.39
N ASP C 364 -52.14 -41.27 3.74
CA ASP C 364 -53.23 -42.01 4.39
C ASP C 364 -53.80 -43.18 3.61
N LYS C 365 -53.79 -43.07 2.27
CA LYS C 365 -54.31 -44.10 1.36
C LYS C 365 -53.41 -45.30 1.44
N GLU C 366 -52.10 -45.03 1.38
CA GLU C 366 -51.05 -46.04 1.43
C GLU C 366 -51.00 -46.77 2.79
N LYS C 367 -51.49 -46.10 3.83
CA LYS C 367 -51.53 -46.63 5.21
C LYS C 367 -52.77 -47.50 5.42
N ALA C 368 -53.88 -47.09 4.80
CA ALA C 368 -55.15 -47.81 4.92
C ALA C 368 -55.22 -49.06 4.05
N GLU C 369 -54.51 -49.04 2.91
CA GLU C 369 -54.45 -50.16 1.99
C GLU C 369 -53.65 -51.28 2.64
N LYS C 370 -52.72 -50.88 3.52
CA LYS C 370 -51.87 -51.79 4.27
C LYS C 370 -52.62 -52.38 5.44
N ARG C 371 -53.51 -51.59 6.04
CA ARG C 371 -54.30 -52.06 7.17
C ARG C 371 -55.49 -52.88 6.70
N LEU C 372 -55.98 -52.59 5.48
CA LEU C 372 -57.11 -53.32 4.87
C LEU C 372 -56.70 -54.76 4.64
N HIS C 373 -55.50 -54.89 4.07
CA HIS C 373 -54.88 -56.17 3.76
C HIS C 373 -54.83 -57.11 4.97
N ILE C 374 -54.46 -56.56 6.13
CA ILE C 374 -54.35 -57.30 7.38
C ILE C 374 -55.71 -57.73 7.92
N VAL C 375 -56.67 -56.79 7.95
CA VAL C 375 -58.02 -57.05 8.44
C VAL C 375 -58.66 -58.14 7.59
N GLU C 376 -58.36 -58.13 6.29
CA GLU C 376 -58.90 -59.13 5.37
C GLU C 376 -58.52 -60.52 5.89
N GLY C 377 -57.25 -60.67 6.25
CA GLY C 377 -56.74 -61.93 6.77
C GLY C 377 -57.33 -62.31 8.11
N LEU C 378 -57.61 -61.30 8.92
CA LEU C 378 -58.18 -61.52 10.24
C LEU C 378 -59.64 -61.96 10.19
N ILE C 379 -60.30 -61.74 9.04
CA ILE C 379 -61.70 -62.14 8.84
C ILE C 379 -61.69 -63.63 8.48
N ARG C 380 -60.74 -64.00 7.60
CA ARG C 380 -60.58 -65.37 7.15
C ARG C 380 -60.29 -66.32 8.30
N VAL C 381 -59.30 -65.97 9.12
CA VAL C 381 -58.91 -66.80 10.26
C VAL C 381 -59.86 -66.81 11.45
N ILE C 382 -60.89 -65.96 11.41
CA ILE C 382 -61.86 -65.91 12.49
C ILE C 382 -62.87 -67.03 12.31
N SER C 383 -63.24 -67.27 11.05
CA SER C 383 -64.19 -68.31 10.67
C SER C 383 -63.56 -69.71 10.79
N ILE C 384 -62.24 -69.79 10.58
CA ILE C 384 -61.49 -71.04 10.70
C ILE C 384 -60.42 -70.89 11.81
N LEU C 385 -60.90 -70.51 13.00
CA LEU C 385 -60.03 -70.30 14.16
C LEU C 385 -59.35 -71.55 14.68
N ASP C 386 -60.13 -72.59 14.98
CA ASP C 386 -59.59 -73.86 15.49
C ASP C 386 -58.68 -74.60 14.50
N GLU C 387 -58.83 -74.28 13.22
CA GLU C 387 -58.00 -74.87 12.16
C GLU C 387 -56.64 -74.19 12.16
N VAL C 388 -56.61 -72.96 12.67
CA VAL C 388 -55.37 -72.21 12.75
C VAL C 388 -54.74 -72.34 14.13
N ILE C 389 -55.56 -72.47 15.18
CA ILE C 389 -55.08 -72.63 16.56
C ILE C 389 -54.26 -73.91 16.67
N ALA C 390 -54.84 -74.99 16.15
CA ALA C 390 -54.23 -76.33 16.14
C ALA C 390 -52.97 -76.37 15.30
N LEU C 391 -52.98 -75.64 14.18
CA LEU C 391 -51.85 -75.56 13.25
C LEU C 391 -50.69 -74.77 13.84
N ILE C 392 -51.02 -73.80 14.70
CA ILE C 392 -50.02 -72.95 15.37
C ILE C 392 -49.47 -73.69 16.59
N ARG C 393 -50.35 -74.40 17.29
CA ARG C 393 -49.98 -75.19 18.47
C ARG C 393 -49.07 -76.35 18.07
N ALA C 394 -49.35 -76.91 16.88
CA ALA C 394 -48.60 -78.02 16.31
C ALA C 394 -47.30 -77.62 15.61
N SER C 395 -47.14 -76.32 15.34
CA SER C 395 -45.94 -75.80 14.69
C SER C 395 -44.77 -75.67 15.64
N GLU C 396 -43.57 -75.45 15.10
CA GLU C 396 -42.35 -75.35 15.90
C GLU C 396 -42.10 -73.98 16.53
N ASN C 397 -41.75 -72.98 15.72
CA ASN C 397 -41.49 -71.62 16.23
C ASN C 397 -42.34 -70.57 15.49
N LYS C 398 -42.02 -69.29 15.69
CA LYS C 398 -42.74 -68.16 15.05
C LYS C 398 -42.54 -68.17 13.53
N ALA C 399 -41.28 -68.28 13.10
CA ALA C 399 -40.91 -68.28 11.69
C ALA C 399 -41.40 -69.50 10.89
N ASP C 400 -41.42 -70.67 11.52
CA ASP C 400 -41.87 -71.92 10.90
C ASP C 400 -43.39 -72.03 10.83
N ALA C 401 -44.07 -71.24 11.66
CA ALA C 401 -45.54 -71.19 11.71
C ALA C 401 -46.07 -70.24 10.63
N LYS C 402 -45.24 -69.23 10.30
CA LYS C 402 -45.54 -68.23 9.29
C LYS C 402 -45.51 -68.85 7.88
N GLU C 403 -44.58 -69.78 7.68
CA GLU C 403 -44.42 -70.50 6.43
C GLU C 403 -45.50 -71.56 6.26
N ASN C 404 -45.94 -72.12 7.39
CA ASN C 404 -46.98 -73.15 7.42
C ASN C 404 -48.35 -72.63 6.96
N LEU C 405 -48.42 -71.33 6.70
CA LEU C 405 -49.63 -70.66 6.21
C LEU C 405 -49.65 -70.67 4.69
N LYS C 406 -49.81 -71.89 4.20
CA LYS C 406 -49.92 -72.26 2.80
C LYS C 406 -51.31 -72.93 2.69
N VAL C 407 -52.10 -72.77 3.77
CA VAL C 407 -53.45 -73.33 3.93
C VAL C 407 -54.54 -72.31 3.56
N ASP C 410 -53.42 -69.98 2.19
CA ASP C 410 -52.33 -69.17 1.68
C ASP C 410 -52.52 -67.70 1.99
N PHE C 411 -51.54 -67.11 2.67
CA PHE C 411 -51.55 -65.69 3.04
C PHE C 411 -50.24 -65.05 2.63
N THR C 412 -50.10 -63.76 2.94
CA THR C 412 -48.88 -63.00 2.63
C THR C 412 -48.04 -62.88 3.89
N GLU C 413 -46.81 -62.36 3.75
CA GLU C 413 -45.88 -62.19 4.86
C GLU C 413 -46.46 -61.24 5.91
N GLU C 414 -46.76 -60.01 5.46
CA GLU C 414 -47.30 -58.97 6.32
C GLU C 414 -48.65 -59.32 6.95
N GLN C 415 -49.41 -60.17 6.27
CA GLN C 415 -50.72 -60.61 6.73
C GLN C 415 -50.58 -61.72 7.80
N ALA C 416 -49.65 -62.64 7.55
CA ALA C 416 -49.37 -63.77 8.44
C ALA C 416 -48.60 -63.35 9.70
N GLU C 417 -47.96 -62.18 9.62
CA GLU C 417 -47.20 -61.60 10.72
C GLU C 417 -48.17 -61.17 11.80
N ALA C 418 -49.21 -60.43 11.40
CA ALA C 418 -50.24 -59.93 12.32
C ALA C 418 -51.05 -61.03 13.00
N ILE C 419 -51.11 -62.21 12.36
CA ILE C 419 -51.85 -63.36 12.87
C ILE C 419 -51.12 -64.02 14.04
N VAL C 420 -49.80 -64.14 13.94
CA VAL C 420 -49.01 -64.76 14.99
C VAL C 420 -48.69 -63.80 16.13
N THR C 421 -48.73 -62.50 15.83
CA THR C 421 -48.47 -61.45 16.83
C THR C 421 -49.77 -60.96 17.44
N LEU C 422 -50.86 -61.65 17.12
CA LEU C 422 -52.18 -61.32 17.61
C LEU C 422 -52.27 -61.73 19.08
N GLN C 423 -52.98 -60.93 19.86
CA GLN C 423 -53.14 -61.21 21.29
C GLN C 423 -54.46 -61.91 21.49
N LEU C 424 -54.54 -62.73 22.53
CA LEU C 424 -55.76 -63.50 22.84
C LEU C 424 -57.05 -62.74 23.11
N TYR C 425 -56.96 -61.48 23.55
CA TYR C 425 -58.16 -60.68 23.81
C TYR C 425 -58.90 -60.31 22.50
N ARG C 426 -58.15 -60.26 21.39
CA ARG C 426 -58.69 -59.90 20.07
C ARG C 426 -59.64 -60.95 19.48
N LEU C 427 -59.78 -62.09 20.17
CA LEU C 427 -60.66 -63.19 19.76
C LEU C 427 -62.08 -63.13 20.35
N THR C 428 -62.31 -62.19 21.29
CA THR C 428 -63.60 -61.98 21.95
C THR C 428 -64.61 -61.30 21.01
N ASN C 429 -65.91 -61.47 21.32
CA ASN C 429 -67.04 -60.93 20.53
C ASN C 429 -66.96 -59.49 20.03
N THR C 430 -66.96 -58.51 20.94
CA THR C 430 -66.92 -57.09 20.57
C THR C 430 -65.65 -56.72 19.80
N ASP C 431 -64.54 -57.37 20.12
CA ASP C 431 -63.26 -57.12 19.45
C ASP C 431 -63.19 -57.74 18.05
N VAL C 432 -64.02 -58.75 17.83
CA VAL C 432 -64.13 -59.43 16.53
C VAL C 432 -65.15 -58.70 15.67
N VAL C 433 -66.22 -58.19 16.30
CA VAL C 433 -67.28 -57.46 15.60
C VAL C 433 -66.78 -56.06 15.23
N VAL C 434 -65.95 -55.45 16.08
CA VAL C 434 -65.40 -54.12 15.78
C VAL C 434 -64.34 -54.21 14.67
N LEU C 435 -63.84 -55.43 14.46
CA LEU C 435 -62.85 -55.75 13.43
C LEU C 435 -63.57 -55.90 12.08
N GLN C 436 -64.75 -56.52 12.12
CA GLN C 436 -65.59 -56.72 10.93
C GLN C 436 -66.18 -55.37 10.51
N GLU C 437 -66.28 -54.45 11.46
CA GLU C 437 -66.79 -53.10 11.24
C GLU C 437 -65.70 -52.18 10.70
N GLU C 438 -64.45 -52.48 11.04
CA GLU C 438 -63.29 -51.69 10.62
C GLU C 438 -63.05 -51.76 9.12
N GLU C 439 -63.42 -52.90 8.54
CA GLU C 439 -63.26 -53.20 7.11
C GLU C 439 -63.99 -52.20 6.23
N ALA C 440 -65.20 -51.85 6.65
CA ALA C 440 -66.04 -50.89 5.95
C ALA C 440 -65.51 -49.47 6.08
N GLU C 441 -65.13 -49.10 7.32
CA GLU C 441 -64.57 -47.78 7.63
C GLU C 441 -63.29 -47.53 6.83
N LEU C 442 -62.57 -48.61 6.55
CA LEU C 442 -61.32 -48.56 5.78
C LEU C 442 -61.57 -48.52 4.29
N ARG C 443 -62.68 -49.12 3.86
CA ARG C 443 -63.01 -49.15 2.44
C ARG C 443 -63.55 -47.78 2.02
N GLU C 444 -64.35 -47.16 2.89
CA GLU C 444 -64.93 -45.86 2.62
C GLU C 444 -63.86 -44.78 2.62
N LYS C 445 -62.82 -45.00 3.44
CA LYS C 445 -61.71 -44.07 3.57
C LYS C 445 -60.91 -44.08 2.26
N ILE C 446 -60.57 -45.29 1.78
CA ILE C 446 -59.82 -45.46 0.54
C ILE C 446 -60.61 -44.94 -0.66
N ALA C 447 -61.92 -45.10 -0.62
CA ALA C 447 -62.81 -44.62 -1.68
C ALA C 447 -62.92 -43.10 -1.66
N MET C 448 -62.86 -42.53 -0.44
CA MET C 448 -62.92 -41.08 -0.22
C MET C 448 -61.62 -40.47 -0.71
N LEU C 449 -60.49 -40.98 -0.22
CA LEU C 449 -59.18 -40.47 -0.58
C LEU C 449 -58.82 -40.56 -2.06
N ALA C 450 -59.32 -41.59 -2.74
CA ALA C 450 -59.06 -41.78 -4.16
C ALA C 450 -59.82 -40.77 -5.00
N ALA C 451 -60.97 -40.33 -4.48
CA ALA C 451 -61.86 -39.35 -5.12
C ALA C 451 -61.18 -37.99 -5.18
N ILE C 452 -60.52 -37.66 -4.08
CA ILE C 452 -59.77 -36.43 -3.90
C ILE C 452 -58.57 -36.37 -4.85
N ILE C 453 -57.75 -37.42 -4.87
CA ILE C 453 -56.58 -37.48 -5.75
C ILE C 453 -57.00 -37.59 -7.21
N GLY C 454 -58.25 -38.03 -7.43
CA GLY C 454 -58.79 -38.17 -8.77
C GLY C 454 -59.14 -36.87 -9.46
N ASP C 455 -60.24 -36.24 -9.02
CA ASP C 455 -60.69 -34.96 -9.59
C ASP C 455 -60.30 -33.87 -8.61
N GLU C 456 -59.81 -32.76 -9.16
CA GLU C 456 -59.44 -31.66 -8.30
C GLU C 456 -60.45 -30.52 -8.25
N ARG C 457 -61.69 -30.89 -7.95
CA ARG C 457 -62.82 -29.98 -7.80
C ARG C 457 -63.46 -30.45 -6.51
N THR C 458 -63.35 -31.75 -6.25
CA THR C 458 -63.87 -32.38 -5.03
C THR C 458 -62.80 -32.22 -3.95
N MET C 459 -61.56 -32.01 -4.42
CA MET C 459 -60.38 -31.78 -3.56
C MET C 459 -60.54 -30.35 -3.04
N TYR C 460 -60.83 -29.44 -3.96
CA TYR C 460 -61.05 -28.04 -3.62
C TYR C 460 -62.28 -27.92 -2.73
N ASN C 461 -63.27 -28.79 -2.94
CA ASN C 461 -64.50 -28.82 -2.15
C ASN C 461 -64.21 -29.24 -0.71
N LEU C 462 -63.20 -30.09 -0.55
CA LEU C 462 -62.76 -30.59 0.76
C LEU C 462 -62.05 -29.45 1.50
N MET C 463 -61.19 -28.73 0.77
CA MET C 463 -60.42 -27.61 1.30
C MET C 463 -61.38 -26.59 1.89
N LYS C 464 -62.49 -26.38 1.20
CA LYS C 464 -63.52 -25.44 1.64
C LYS C 464 -64.18 -25.90 2.95
N LYS C 465 -64.38 -27.21 3.08
CA LYS C 465 -65.03 -27.76 4.27
C LYS C 465 -64.15 -27.66 5.52
N GLU C 466 -62.86 -27.97 5.35
CA GLU C 466 -61.89 -27.96 6.43
C GLU C 466 -61.68 -26.56 6.94
N LEU C 467 -61.71 -25.60 6.01
CA LEU C 467 -61.54 -24.20 6.34
C LEU C 467 -62.80 -23.65 6.98
N ARG C 468 -63.95 -24.17 6.56
CA ARG C 468 -65.23 -23.79 7.15
C ARG C 468 -65.35 -24.36 8.56
N GLU C 469 -64.75 -25.54 8.78
CA GLU C 469 -64.75 -26.20 10.08
C GLU C 469 -63.91 -25.42 11.09
N VAL C 470 -62.86 -24.76 10.60
CA VAL C 470 -61.94 -23.95 11.42
C VAL C 470 -62.54 -22.57 11.69
N LYS C 471 -63.27 -22.05 10.70
CA LYS C 471 -63.93 -20.76 10.82
C LYS C 471 -64.91 -20.86 11.98
N LYS C 472 -65.81 -21.85 11.90
CA LYS C 472 -66.84 -22.10 12.91
C LYS C 472 -66.28 -22.28 14.32
N LYS C 473 -65.14 -22.96 14.40
CA LYS C 473 -64.47 -23.27 15.66
C LYS C 473 -63.76 -22.12 16.36
N PHE C 474 -63.07 -21.27 15.60
CA PHE C 474 -62.32 -20.15 16.20
C PHE C 474 -62.74 -18.71 15.83
N ALA C 475 -63.94 -18.55 15.26
CA ALA C 475 -64.48 -17.24 14.85
C ALA C 475 -64.77 -16.31 16.02
N THR C 476 -63.97 -15.26 16.13
CA THR C 476 -64.10 -14.29 17.19
C THR C 476 -64.64 -13.02 16.55
N PRO C 477 -65.60 -12.31 17.22
CA PRO C 477 -66.17 -11.07 16.66
C PRO C 477 -65.15 -9.93 16.48
N ARG C 478 -65.38 -9.11 15.45
CA ARG C 478 -64.45 -8.00 15.16
C ARG C 478 -64.45 -6.88 16.18
N LEU C 479 -63.24 -6.40 16.44
CA LEU C 479 -62.97 -5.35 17.43
C LEU C 479 -62.75 -3.95 16.85
N SER C 480 -62.00 -3.88 15.73
CA SER C 480 -61.71 -2.60 15.07
C SER C 480 -62.93 -2.12 14.29
N SER C 481 -63.17 -0.82 14.34
CA SER C 481 -64.30 -0.18 13.65
C SER C 481 -63.89 0.34 12.26
N LEU C 482 -64.84 0.26 11.31
CA LEU C 482 -64.66 0.72 9.94
C LEU C 482 -65.83 1.62 9.53
N ALA D 29 -16.43 -27.38 44.61
CA ALA D 29 -15.77 -28.06 43.51
C ALA D 29 -14.76 -29.09 44.05
N LEU D 30 -15.28 -30.07 44.80
CA LEU D 30 -14.47 -31.13 45.41
C LEU D 30 -15.23 -32.47 45.37
N PRO D 31 -14.56 -33.56 44.90
CA PRO D 31 -15.12 -34.92 44.78
C PRO D 31 -15.42 -35.71 46.06
N ASP D 32 -16.24 -36.75 45.92
CA ASP D 32 -16.60 -37.62 47.04
C ASP D 32 -15.90 -38.99 46.96
N ILE D 33 -15.46 -39.47 48.13
CA ILE D 33 -14.72 -40.74 48.28
C ILE D 33 -15.09 -41.98 47.47
N ARG D 34 -16.39 -42.23 47.32
CA ARG D 34 -16.92 -43.39 46.60
C ARG D 34 -16.59 -43.49 45.11
N ASP D 35 -17.33 -42.75 44.29
CA ASP D 35 -17.13 -42.73 42.84
C ASP D 35 -16.01 -41.83 42.37
N GLY D 36 -15.64 -40.85 43.20
CA GLY D 36 -14.55 -39.93 42.89
C GLY D 36 -14.75 -38.84 41.86
N LEU D 37 -16.00 -38.42 41.67
CA LEU D 37 -16.32 -37.36 40.71
C LEU D 37 -17.04 -36.19 41.36
N LYS D 38 -16.85 -35.00 40.75
CA LYS D 38 -17.45 -33.74 41.17
C LYS D 38 -18.91 -33.70 40.68
N PRO D 39 -19.76 -32.73 41.16
CA PRO D 39 -21.16 -32.68 40.68
C PRO D 39 -21.29 -32.40 39.17
N VAL D 40 -20.28 -31.70 38.65
CA VAL D 40 -20.18 -31.34 37.24
C VAL D 40 -19.65 -32.53 36.40
N GLN D 41 -18.69 -33.30 36.94
CA GLN D 41 -18.11 -34.46 36.24
C GLN D 41 -19.12 -35.61 36.16
N ARG D 42 -20.02 -35.63 37.14
CA ARG D 42 -21.15 -36.55 37.24
C ARG D 42 -22.20 -35.71 36.52
N ARG D 43 -23.31 -36.30 36.08
CA ARG D 43 -24.37 -35.59 35.35
C ARG D 43 -23.91 -35.22 33.94
N ILE D 44 -22.60 -35.29 33.70
CA ILE D 44 -22.02 -35.08 32.38
C ILE D 44 -22.15 -36.51 31.86
N LEU D 45 -21.85 -37.46 32.76
CA LEU D 45 -21.91 -38.88 32.47
C LEU D 45 -23.34 -39.36 32.40
N TYR D 46 -24.13 -39.03 33.42
CA TYR D 46 -25.53 -39.43 33.49
C TYR D 46 -26.41 -38.84 32.38
N SER D 47 -26.06 -37.65 31.88
CA SER D 47 -26.85 -37.03 30.80
C SER D 47 -26.65 -37.70 29.45
N MET D 48 -25.42 -38.14 29.17
CA MET D 48 -25.10 -38.82 27.92
C MET D 48 -25.63 -40.25 27.96
N ASN D 49 -25.71 -40.81 29.15
CA ASN D 49 -26.23 -42.14 29.42
C ASN D 49 -27.75 -42.06 29.23
N LYS D 50 -28.32 -40.93 29.66
CA LYS D 50 -29.75 -40.65 29.55
C LYS D 50 -30.06 -40.50 28.06
N ASP D 51 -29.16 -39.84 27.33
CA ASP D 51 -29.32 -39.63 25.89
C ASP D 51 -28.85 -40.84 25.07
N SER D 52 -28.40 -41.88 25.77
CA SER D 52 -27.89 -43.14 25.19
C SER D 52 -26.71 -42.98 24.23
N ASN D 53 -25.92 -41.93 24.47
CA ASN D 53 -24.73 -41.60 23.70
C ASN D 53 -23.59 -42.32 24.44
N THR D 54 -23.14 -43.43 23.86
CA THR D 54 -22.07 -44.23 24.45
C THR D 54 -20.91 -44.46 23.45
N PHE D 55 -20.01 -45.40 23.78
CA PHE D 55 -18.86 -45.75 22.94
C PHE D 55 -19.24 -46.54 21.67
N ASP D 56 -20.17 -47.47 21.84
CA ASP D 56 -20.68 -48.33 20.78
C ASP D 56 -21.51 -47.54 19.75
N LYS D 57 -22.17 -46.50 20.26
CA LYS D 57 -22.99 -45.60 19.46
C LYS D 57 -22.15 -44.39 19.02
N SER D 58 -22.51 -43.84 17.85
CA SER D 58 -21.82 -42.72 17.21
C SER D 58 -21.73 -41.36 17.92
N TYR D 59 -20.74 -40.57 17.46
CA TYR D 59 -20.41 -39.23 17.94
C TYR D 59 -21.52 -38.18 17.82
N ARG D 60 -21.74 -37.46 18.91
CA ARG D 60 -22.74 -36.39 19.02
C ARG D 60 -21.97 -35.08 19.08
N LYS D 61 -22.49 -34.04 18.41
CA LYS D 61 -21.87 -32.71 18.42
C LYS D 61 -21.94 -32.16 19.85
N SER D 62 -20.76 -31.83 20.39
CA SER D 62 -20.59 -31.31 21.75
C SER D 62 -21.61 -30.26 22.20
N ALA D 63 -22.23 -29.59 21.22
CA ALA D 63 -23.24 -28.55 21.43
C ALA D 63 -24.52 -29.14 22.02
N LYS D 64 -24.93 -30.30 21.48
CA LYS D 64 -26.14 -31.02 21.92
C LYS D 64 -26.00 -31.57 23.34
N SER D 65 -24.76 -31.89 23.72
CA SER D 65 -24.45 -32.44 25.04
C SER D 65 -24.71 -31.42 26.15
N VAL D 66 -24.09 -30.24 26.03
CA VAL D 66 -24.20 -29.14 27.00
C VAL D 66 -25.62 -28.55 27.08
N GLY D 67 -26.30 -28.44 25.93
CA GLY D 67 -27.65 -27.89 25.87
C GLY D 67 -28.70 -28.64 26.66
N ASN D 68 -28.47 -29.94 26.87
CA ASN D 68 -29.36 -30.80 27.62
C ASN D 68 -28.95 -30.93 29.08
N ILE D 69 -27.67 -30.67 29.35
CA ILE D 69 -27.11 -30.72 30.72
C ILE D 69 -27.44 -29.42 31.43
N MET D 70 -26.90 -28.31 30.90
CA MET D 70 -27.08 -26.96 31.46
C MET D 70 -28.53 -26.56 31.73
N GLY D 71 -29.39 -26.76 30.75
CA GLY D 71 -30.80 -26.40 30.86
C GLY D 71 -31.65 -27.32 31.71
N ASN D 72 -31.10 -28.48 32.06
CA ASN D 72 -31.84 -29.45 32.88
C ASN D 72 -31.13 -29.86 34.17
N PHE D 73 -29.79 -29.83 34.20
CA PHE D 73 -29.02 -30.24 35.38
C PHE D 73 -28.02 -29.27 36.02
N HIS D 74 -27.10 -28.70 35.23
CA HIS D 74 -26.04 -27.80 35.75
C HIS D 74 -26.00 -26.34 35.18
N PRO D 75 -26.78 -25.39 35.78
CA PRO D 75 -26.78 -24.01 35.28
C PRO D 75 -25.69 -23.01 35.76
N HIS D 76 -24.49 -23.10 35.20
CA HIS D 76 -23.40 -22.18 35.58
C HIS D 76 -22.70 -21.53 34.40
N GLY D 77 -23.52 -21.21 33.39
CA GLY D 77 -23.07 -20.54 32.19
C GLY D 77 -22.04 -21.23 31.31
N ASP D 78 -22.44 -22.37 30.73
CA ASP D 78 -21.66 -23.21 29.79
C ASP D 78 -20.20 -23.59 30.08
N SER D 79 -19.37 -22.59 30.38
CA SER D 79 -17.94 -22.73 30.65
C SER D 79 -17.55 -23.71 31.75
N SER D 80 -18.50 -24.06 32.62
CA SER D 80 -18.23 -25.01 33.69
C SER D 80 -18.39 -26.47 33.24
N ILE D 81 -19.29 -26.69 32.28
CA ILE D 81 -19.58 -28.02 31.72
C ILE D 81 -18.55 -28.48 30.68
N TYR D 82 -18.38 -27.69 29.61
CA TYR D 82 -17.45 -28.02 28.53
C TYR D 82 -15.99 -28.20 28.96
N ASP D 83 -15.54 -27.40 29.92
CA ASP D 83 -14.17 -27.47 30.41
C ASP D 83 -13.88 -28.73 31.22
N ALA D 84 -14.94 -29.29 31.83
CA ALA D 84 -14.85 -30.51 32.61
C ALA D 84 -14.85 -31.67 31.63
N MET D 85 -15.61 -31.48 30.55
CA MET D 85 -15.76 -32.45 29.47
C MET D 85 -14.49 -32.54 28.65
N VAL D 86 -13.80 -31.42 28.49
CA VAL D 86 -12.55 -31.39 27.73
C VAL D 86 -11.37 -31.90 28.55
N ARG D 87 -11.54 -31.91 29.88
CA ARG D 87 -10.50 -32.36 30.80
C ARG D 87 -10.54 -33.89 30.93
N MET D 88 -11.73 -34.46 30.77
CA MET D 88 -11.92 -35.90 30.86
C MET D 88 -11.74 -36.66 29.53
N SER D 89 -11.41 -35.93 28.47
CA SER D 89 -11.20 -36.51 27.15
C SER D 89 -9.73 -36.55 26.73
N GLN D 90 -8.91 -35.89 27.55
CA GLN D 90 -7.46 -35.82 27.31
C GLN D 90 -6.75 -36.96 28.01
N ASN D 91 -5.97 -37.73 27.23
CA ASN D 91 -5.23 -38.87 27.76
C ASN D 91 -4.00 -38.46 28.59
N TRP D 92 -3.67 -37.17 28.59
CA TRP D 92 -2.55 -36.63 29.34
C TRP D 92 -2.98 -36.02 30.68
N LYS D 93 -4.27 -36.13 30.98
CA LYS D 93 -4.87 -35.63 32.22
C LYS D 93 -5.29 -36.83 33.05
N ASN D 94 -6.41 -37.44 32.67
CA ASN D 94 -6.96 -38.62 33.35
C ASN D 94 -6.24 -39.87 32.82
N ARG D 95 -6.05 -40.86 33.71
CA ARG D 95 -5.39 -42.12 33.33
C ARG D 95 -6.36 -42.89 32.44
N GLU D 96 -7.53 -43.22 33.01
CA GLU D 96 -8.57 -43.95 32.29
C GLU D 96 -9.68 -42.93 31.95
N ILE D 97 -9.53 -42.33 30.76
CA ILE D 97 -10.44 -41.30 30.24
C ILE D 97 -11.89 -41.70 30.06
N LEU D 98 -12.78 -40.91 30.69
CA LEU D 98 -14.23 -41.15 30.66
C LEU D 98 -14.98 -40.62 29.44
N VAL D 99 -14.30 -39.81 28.62
CA VAL D 99 -14.89 -39.23 27.40
C VAL D 99 -13.95 -39.42 26.18
N GLU D 100 -14.54 -39.74 25.03
CA GLU D 100 -13.81 -39.91 23.76
C GLU D 100 -14.22 -38.74 22.87
N MET D 101 -13.23 -38.04 22.31
CA MET D 101 -13.48 -36.84 21.48
C MET D 101 -12.76 -36.78 20.12
N HIS D 102 -13.54 -36.42 19.08
CA HIS D 102 -13.03 -36.27 17.72
C HIS D 102 -12.81 -34.80 17.40
N GLY D 103 -11.54 -34.42 17.31
CA GLY D 103 -11.16 -33.05 17.04
C GLY D 103 -10.12 -32.59 18.04
N ASN D 104 -9.90 -31.28 18.13
CA ASN D 104 -8.93 -30.73 19.06
C ASN D 104 -9.53 -30.63 20.47
N ASN D 105 -8.96 -31.43 21.36
CA ASN D 105 -9.37 -31.48 22.76
C ASN D 105 -8.27 -30.90 23.62
N GLY D 106 -7.24 -30.38 22.96
CA GLY D 106 -6.10 -29.81 23.65
C GLY D 106 -4.82 -30.53 23.30
N SER D 107 -3.70 -30.02 23.82
CA SER D 107 -2.38 -30.58 23.56
C SER D 107 -1.45 -30.34 24.74
N MET D 108 -0.43 -31.19 24.86
CA MET D 108 0.56 -31.10 25.94
C MET D 108 1.57 -29.97 25.74
N ASP D 109 1.31 -29.13 24.73
CA ASP D 109 2.17 -27.99 24.38
C ASP D 109 1.39 -26.69 24.62
N ASP D 111 -2.38 -26.58 25.10
CA ASP D 111 -3.66 -26.69 25.78
C ASP D 111 -4.94 -26.16 25.05
N PRO D 112 -4.87 -25.02 24.28
CA PRO D 112 -6.05 -24.45 23.59
C PRO D 112 -6.99 -25.39 22.84
N PRO D 113 -8.19 -25.66 23.40
CA PRO D 113 -9.17 -26.53 22.76
C PRO D 113 -10.00 -25.78 21.74
N ALA D 114 -10.66 -26.52 20.86
CA ALA D 114 -11.52 -25.92 19.84
C ALA D 114 -12.88 -25.64 20.48
N ALA D 115 -13.72 -24.88 19.79
CA ALA D 115 -15.06 -24.53 20.29
C ALA D 115 -16.02 -25.73 20.25
N MET D 116 -17.01 -25.71 21.14
CA MET D 116 -18.04 -26.76 21.25
C MET D 116 -18.92 -26.93 20.01
N ARG D 117 -18.70 -26.05 19.04
CA ARG D 117 -19.41 -26.02 17.77
C ARG D 117 -18.62 -26.83 16.74
N TYR D 118 -17.34 -27.10 17.05
CA TYR D 118 -16.46 -27.83 16.13
C TYR D 118 -15.99 -29.23 16.50
N THR D 119 -16.20 -29.61 17.76
CA THR D 119 -15.82 -30.95 18.21
C THR D 119 -17.04 -31.81 18.49
N GLU D 120 -16.84 -33.12 18.42
CA GLU D 120 -17.89 -34.09 18.68
C GLU D 120 -17.43 -35.08 19.75
N ALA D 121 -18.33 -35.44 20.67
CA ALA D 121 -18.01 -36.34 21.78
C ALA D 121 -19.03 -37.41 22.21
N ARG D 122 -18.47 -38.45 22.85
CA ARG D 122 -19.20 -39.60 23.38
C ARG D 122 -18.43 -40.17 24.58
N LEU D 123 -19.09 -40.96 25.42
CA LEU D 123 -18.44 -41.57 26.59
C LEU D 123 -17.68 -42.82 26.22
N SER D 124 -16.62 -43.14 26.97
CA SER D 124 -15.82 -44.34 26.74
C SER D 124 -16.47 -45.57 27.38
N GLU D 125 -15.91 -46.76 27.13
CA GLU D 125 -16.43 -48.01 27.67
C GLU D 125 -16.34 -48.07 29.19
N ILE D 126 -15.20 -47.61 29.71
CA ILE D 126 -14.88 -47.59 31.13
C ILE D 126 -15.84 -46.72 31.94
N ALA D 127 -16.37 -45.69 31.28
CA ALA D 127 -17.32 -44.74 31.86
C ALA D 127 -18.67 -45.42 32.05
N GLY D 128 -18.94 -46.40 31.20
CA GLY D 128 -20.19 -47.15 31.27
C GLY D 128 -20.17 -48.09 32.46
N TYR D 129 -18.97 -48.43 32.93
CA TYR D 129 -18.81 -49.31 34.06
C TYR D 129 -19.11 -48.60 35.37
N LEU D 130 -18.90 -47.29 35.37
CA LEU D 130 -19.19 -46.44 36.52
C LEU D 130 -20.71 -46.32 36.63
N LEU D 131 -21.33 -46.15 35.48
CA LEU D 131 -22.78 -46.00 35.36
C LEU D 131 -23.60 -47.27 35.59
N GLN D 132 -23.10 -48.41 35.11
CA GLN D 132 -23.77 -49.73 35.22
C GLN D 132 -24.54 -50.01 36.51
N ASP D 133 -25.74 -50.58 36.38
CA ASP D 133 -26.67 -50.92 37.48
C ASP D 133 -27.39 -49.68 38.07
N ILE D 134 -27.51 -48.63 37.24
CA ILE D 134 -28.13 -47.36 37.62
C ILE D 134 -29.66 -47.41 37.75
N GLU D 135 -30.30 -48.09 36.81
CA GLU D 135 -31.76 -48.27 36.73
C GLU D 135 -32.32 -49.24 37.77
N LYS D 136 -31.39 -49.89 38.48
CA LYS D 136 -31.71 -50.88 39.50
C LYS D 136 -31.91 -50.35 40.93
N LYS D 137 -32.45 -49.12 41.02
CA LYS D 137 -32.76 -48.40 42.28
C LYS D 137 -31.79 -48.52 43.46
N THR D 138 -30.50 -48.60 43.13
CA THR D 138 -29.42 -48.75 44.11
C THR D 138 -29.16 -47.49 44.97
N VAL D 139 -28.44 -46.54 44.36
CA VAL D 139 -28.01 -45.26 44.93
C VAL D 139 -29.12 -44.18 45.07
N PRO D 140 -28.92 -43.13 45.93
CA PRO D 140 -29.97 -42.10 46.04
C PRO D 140 -29.95 -41.07 44.90
N PHE D 141 -31.15 -40.62 44.53
CA PHE D 141 -31.34 -39.64 43.47
C PHE D 141 -32.01 -38.38 44.01
N ALA D 142 -31.27 -37.27 43.96
CA ALA D 142 -31.76 -35.97 44.44
C ALA D 142 -32.63 -35.27 43.37
N TRP D 143 -33.20 -34.12 43.72
CA TRP D 143 -34.05 -33.38 42.79
C TRP D 143 -33.34 -32.32 41.95
N ASN D 144 -33.99 -31.99 40.84
CA ASN D 144 -33.56 -31.01 39.83
C ASN D 144 -33.47 -29.58 40.40
N PHE D 145 -32.99 -28.63 39.59
CA PHE D 145 -32.92 -27.25 40.07
C PHE D 145 -34.31 -26.59 39.95
N ASP D 146 -35.10 -27.06 38.99
CA ASP D 146 -36.46 -26.55 38.78
C ASP D 146 -37.56 -27.55 39.22
N ASP D 147 -37.12 -28.63 39.89
CA ASP D 147 -37.95 -29.71 40.44
C ASP D 147 -38.92 -30.48 39.53
N THR D 148 -38.35 -31.09 38.47
CA THR D 148 -39.10 -31.90 37.49
C THR D 148 -38.59 -33.34 37.52
N GLU D 149 -37.40 -33.54 36.95
CA GLU D 149 -36.73 -34.84 36.87
C GLU D 149 -35.84 -35.08 38.10
N LYS D 150 -35.04 -36.14 38.04
CA LYS D 150 -34.13 -36.55 39.11
C LYS D 150 -32.65 -36.61 38.67
N GLU D 151 -31.73 -36.51 39.63
CA GLU D 151 -30.28 -36.57 39.37
C GLU D 151 -29.54 -37.42 40.43
N PRO D 152 -28.52 -38.23 40.04
CA PRO D 152 -27.78 -39.07 40.97
C PRO D 152 -26.85 -38.34 41.93
N THR D 153 -26.68 -38.92 43.12
CA THR D 153 -25.80 -38.35 44.14
C THR D 153 -24.41 -38.95 43.92
N VAL D 154 -24.40 -40.25 43.60
CA VAL D 154 -23.18 -41.05 43.32
C VAL D 154 -23.46 -42.07 42.21
N LEU D 155 -22.40 -42.47 41.51
CA LEU D 155 -22.47 -43.46 40.44
C LEU D 155 -22.05 -44.81 41.03
N PRO D 156 -22.71 -45.94 40.65
CA PRO D 156 -22.39 -47.29 41.16
C PRO D 156 -20.93 -47.71 41.36
N ALA D 157 -20.03 -47.20 40.50
CA ALA D 157 -18.59 -47.47 40.52
C ALA D 157 -18.13 -48.91 40.60
N ALA D 158 -17.83 -49.48 39.43
CA ALA D 158 -17.34 -50.85 39.33
C ALA D 158 -15.84 -50.84 39.57
N PHE D 159 -15.29 -49.64 39.73
CA PHE D 159 -13.87 -49.38 39.97
C PHE D 159 -13.69 -48.06 40.75
N PRO D 160 -12.65 -47.95 41.61
CA PRO D 160 -12.43 -46.70 42.37
C PRO D 160 -11.79 -45.63 41.47
N ASN D 161 -12.57 -44.66 41.02
CA ASN D 161 -12.11 -43.59 40.13
C ASN D 161 -11.29 -42.51 40.86
N LEU D 162 -11.36 -42.52 42.18
CA LEU D 162 -10.66 -41.55 43.02
C LEU D 162 -9.14 -41.71 42.95
N LEU D 163 -8.67 -42.96 43.03
CA LEU D 163 -7.24 -43.27 42.96
C LEU D 163 -6.76 -43.34 41.52
N VAL D 164 -7.56 -43.97 40.66
CA VAL D 164 -7.26 -44.17 39.25
C VAL D 164 -7.09 -42.88 38.44
N ASN D 165 -8.05 -41.96 38.56
CA ASN D 165 -7.98 -40.69 37.83
C ASN D 165 -7.45 -39.51 38.64
N GLY D 166 -7.80 -39.46 39.93
CA GLY D 166 -7.35 -38.39 40.80
C GLY D 166 -8.26 -37.19 40.91
N SER D 167 -7.73 -36.09 41.48
CA SER D 167 -8.45 -34.84 41.68
C SER D 167 -7.53 -33.63 41.84
N THR D 168 -8.02 -32.48 41.38
CA THR D 168 -7.31 -31.20 41.47
C THR D 168 -8.31 -30.15 41.98
N GLY D 169 -8.89 -30.45 43.16
CA GLY D 169 -9.86 -29.56 43.80
C GLY D 169 -9.23 -28.45 44.61
N ILE D 170 -10.05 -27.66 45.31
CA ILE D 170 -9.56 -26.53 46.10
C ILE D 170 -10.13 -26.48 47.55
N ALA D 175 -4.17 -26.64 47.77
CA ALA D 175 -4.85 -27.28 46.65
C ALA D 175 -4.84 -28.80 46.76
N THR D 176 -6.01 -29.42 46.61
CA THR D 176 -6.17 -30.87 46.67
C THR D 176 -5.54 -31.53 45.44
N ASP D 177 -4.71 -32.53 45.68
CA ASP D 177 -4.01 -33.25 44.63
C ASP D 177 -3.83 -34.74 44.90
N ILE D 178 -4.71 -35.55 44.30
CA ILE D 178 -4.61 -37.00 44.41
C ILE D 178 -4.00 -37.41 43.06
N PRO D 179 -2.75 -37.91 43.07
CA PRO D 179 -2.09 -38.33 41.82
C PRO D 179 -2.74 -39.58 41.22
N PRO D 180 -2.89 -39.65 39.88
CA PRO D 180 -3.50 -40.82 39.25
C PRO D 180 -2.67 -42.10 39.38
N HIS D 181 -3.36 -43.20 39.71
CA HIS D 181 -2.74 -44.52 39.89
C HIS D 181 -3.18 -45.49 38.77
N ASN D 182 -2.65 -46.72 38.79
CA ASN D 182 -2.96 -47.76 37.79
C ASN D 182 -4.21 -48.52 38.22
N LEU D 183 -5.17 -48.69 37.28
CA LEU D 183 -6.43 -49.39 37.54
C LEU D 183 -6.26 -50.76 38.15
N ALA D 184 -5.46 -51.57 37.48
CA ALA D 184 -5.15 -52.94 37.86
C ALA D 184 -4.63 -53.09 39.30
N GLU D 185 -3.75 -52.17 39.69
CA GLU D 185 -3.16 -52.15 41.01
C GLU D 185 -4.14 -51.76 42.12
N VAL D 186 -5.05 -50.84 41.80
CA VAL D 186 -6.06 -50.35 42.74
C VAL D 186 -7.08 -51.44 43.07
N ILE D 187 -7.29 -52.33 42.10
CA ILE D 187 -8.23 -53.45 42.25
C ILE D 187 -7.63 -54.55 43.14
N ASP D 188 -6.35 -54.83 42.96
CA ASP D 188 -5.64 -55.85 43.76
C ASP D 188 -5.57 -55.37 45.21
N ALA D 189 -5.34 -54.06 45.35
CA ALA D 189 -5.25 -53.41 46.64
C ALA D 189 -6.64 -53.15 47.24
N ALA D 190 -7.68 -53.54 46.52
CA ALA D 190 -9.05 -53.37 46.99
C ALA D 190 -9.67 -54.71 47.35
N VAL D 191 -9.33 -55.76 46.58
CA VAL D 191 -9.84 -57.11 46.83
C VAL D 191 -9.14 -57.68 48.08
N TYR D 192 -7.96 -57.13 48.36
CA TYR D 192 -7.18 -57.52 49.53
C TYR D 192 -7.93 -57.05 50.77
N MET D 193 -8.45 -55.82 50.70
CA MET D 193 -9.20 -55.18 51.77
C MET D 193 -10.51 -55.89 52.13
N ILE D 194 -11.07 -56.60 51.16
CA ILE D 194 -12.32 -57.36 51.31
C ILE D 194 -12.05 -58.64 52.14
N ASP D 195 -10.79 -59.08 52.11
CA ASP D 195 -10.33 -60.26 52.84
C ASP D 195 -9.64 -59.83 54.14
N HIS D 196 -8.92 -58.71 54.09
CA HIS D 196 -8.17 -58.19 55.24
C HIS D 196 -8.57 -56.77 55.71
N PRO D 197 -9.61 -56.64 56.58
CA PRO D 197 -10.01 -55.31 57.06
C PRO D 197 -8.94 -54.69 57.99
N THR D 198 -8.43 -55.52 58.92
CA THR D 198 -7.37 -55.13 59.87
C THR D 198 -6.01 -55.20 59.13
N ALA D 199 -5.81 -54.22 58.25
CA ALA D 199 -4.61 -54.12 57.43
C ALA D 199 -3.69 -52.94 57.76
N LYS D 200 -2.59 -52.83 57.01
CA LYS D 200 -1.59 -51.76 57.17
C LYS D 200 -1.11 -51.27 55.80
N ILE D 201 -0.46 -50.10 55.80
CA ILE D 201 0.07 -49.42 54.60
C ILE D 201 1.13 -50.21 53.80
N ASP D 202 2.12 -50.77 54.51
CA ASP D 202 3.21 -51.55 53.91
C ASP D 202 2.74 -52.73 53.06
N LYS D 203 1.68 -53.39 53.55
CA LYS D 203 1.07 -54.54 52.88
C LYS D 203 0.37 -54.07 51.61
N LEU D 204 -0.35 -52.96 51.74
CA LEU D 204 -1.08 -52.35 50.63
C LEU D 204 -0.14 -51.75 49.59
N MET D 205 1.14 -51.62 49.95
CA MET D 205 2.14 -51.09 49.03
C MET D 205 2.89 -52.13 48.20
N GLU D 206 2.48 -53.39 48.34
CA GLU D 206 3.04 -54.50 47.56
C GLU D 206 2.18 -54.66 46.32
N PHE D 207 0.97 -54.13 46.41
CA PHE D 207 -0.03 -54.15 45.32
C PHE D 207 -0.29 -52.79 44.75
N LEU D 208 0.02 -51.74 45.50
CA LEU D 208 -0.16 -50.35 45.08
C LEU D 208 1.03 -49.57 45.64
N PRO D 209 2.20 -49.62 44.94
CA PRO D 209 3.43 -48.91 45.36
C PRO D 209 3.42 -47.39 45.29
N GLY D 210 2.41 -46.86 44.58
CA GLY D 210 2.25 -45.42 44.39
C GLY D 210 1.57 -45.07 43.08
N PRO D 211 1.63 -43.79 42.62
CA PRO D 211 1.00 -43.39 41.37
C PRO D 211 1.54 -43.95 40.05
N ASP D 212 0.85 -43.55 38.99
CA ASP D 212 1.13 -43.95 37.63
C ASP D 212 0.61 -42.75 36.84
N PHE D 213 1.53 -41.84 36.51
CA PHE D 213 1.19 -40.64 35.75
C PHE D 213 1.01 -40.95 34.27
N PRO D 214 -0.03 -40.35 33.62
CA PRO D 214 -0.27 -40.57 32.18
C PRO D 214 0.73 -39.80 31.31
N THR D 215 1.67 -39.16 31.99
CA THR D 215 2.75 -38.39 31.41
C THR D 215 4.05 -39.19 31.51
N GLY D 216 4.04 -40.17 32.43
CA GLY D 216 5.18 -41.04 32.65
C GLY D 216 6.20 -40.49 33.62
N ALA D 217 7.48 -40.66 33.28
CA ALA D 217 8.61 -40.19 34.08
C ALA D 217 9.09 -41.20 35.11
N ILE D 218 9.76 -40.69 36.15
CA ILE D 218 10.30 -41.49 37.25
C ILE D 218 10.17 -40.72 38.55
N ILE D 219 9.32 -41.24 39.44
CA ILE D 219 9.07 -40.66 40.76
C ILE D 219 9.95 -41.38 41.78
N GLN D 220 10.41 -40.65 42.79
CA GLN D 220 11.26 -41.21 43.86
C GLN D 220 10.58 -41.07 45.22
N GLY D 221 11.28 -41.52 46.26
CA GLY D 221 10.77 -41.45 47.62
C GLY D 221 9.72 -42.49 47.96
N ARG D 222 10.14 -43.75 48.09
CA ARG D 222 9.26 -44.88 48.41
C ARG D 222 8.68 -44.71 49.82
N ASP D 223 9.46 -44.10 50.71
CA ASP D 223 9.04 -43.85 52.09
C ASP D 223 8.25 -42.56 52.21
N GLU D 224 8.32 -41.72 51.17
CA GLU D 224 7.60 -40.43 51.13
C GLU D 224 6.17 -40.57 50.63
N ILE D 225 5.85 -41.76 50.11
CA ILE D 225 4.50 -42.11 49.63
C ILE D 225 3.81 -42.84 50.80
N LYS D 226 4.63 -43.44 51.67
CA LYS D 226 4.16 -44.17 52.86
C LYS D 226 3.61 -43.16 53.86
N LYS D 227 4.34 -42.06 54.00
CA LYS D 227 4.01 -40.95 54.90
C LYS D 227 2.82 -40.14 54.37
N ALA D 228 2.58 -40.25 53.05
CA ALA D 228 1.46 -39.58 52.37
C ALA D 228 0.20 -40.42 52.47
N TYR D 229 0.38 -41.74 52.49
CA TYR D 229 -0.72 -42.70 52.62
C TYR D 229 -1.13 -42.80 54.08
N GLU D 230 -0.17 -42.52 54.96
CA GLU D 230 -0.38 -42.53 56.41
C GLU D 230 -1.08 -41.24 56.84
N THR D 231 -0.81 -40.14 56.13
CA THR D 231 -1.43 -38.85 56.41
C THR D 231 -2.17 -38.32 55.16
N GLY D 232 -1.80 -37.12 54.71
CA GLY D 232 -2.44 -36.54 53.53
C GLY D 232 -1.46 -35.89 52.56
N LYS D 233 -0.30 -35.46 53.07
CA LYS D 233 0.71 -34.81 52.25
C LYS D 233 2.08 -35.49 52.18
N GLY D 234 2.84 -35.14 51.14
CA GLY D 234 4.16 -35.69 50.92
C GLY D 234 4.83 -35.07 49.71
N ARG D 235 5.98 -34.43 49.91
CA ARG D 235 6.74 -33.80 48.83
C ARG D 235 7.69 -34.79 48.17
N VAL D 236 7.32 -35.26 46.98
CA VAL D 236 8.13 -36.23 46.21
C VAL D 236 8.94 -35.57 45.10
N VAL D 237 9.72 -36.38 44.39
CA VAL D 237 10.55 -35.89 43.29
C VAL D 237 10.25 -36.64 42.00
N VAL D 238 9.51 -35.97 41.11
CA VAL D 238 9.11 -36.49 39.81
C VAL D 238 10.12 -36.04 38.77
N ARG D 239 10.97 -36.99 38.36
CA ARG D 239 12.00 -36.75 37.37
C ARG D 239 11.46 -37.19 36.01
N SER D 240 12.17 -36.81 34.94
CA SER D 240 11.80 -37.14 33.57
C SER D 240 12.69 -38.24 33.00
N LYS D 241 12.12 -39.08 32.15
CA LYS D 241 12.84 -40.18 31.50
C LYS D 241 13.61 -39.63 30.30
N THR D 242 14.93 -39.51 30.46
CA THR D 242 15.81 -38.98 29.43
C THR D 242 16.55 -40.04 28.60
N GLU D 243 17.81 -40.31 28.94
CA GLU D 243 18.70 -41.27 28.27
C GLU D 243 19.05 -40.96 26.80
N ILE D 244 20.34 -40.70 26.60
CA ILE D 244 20.99 -40.33 25.34
C ILE D 244 20.81 -41.13 24.02
N GLU D 245 21.13 -40.43 22.93
CA GLU D 245 21.09 -40.93 21.54
C GLU D 245 22.25 -40.22 20.82
N LYS D 246 22.92 -40.93 19.91
CA LYS D 246 24.08 -40.37 19.19
C LYS D 246 24.02 -40.12 17.67
N LEU D 247 24.79 -39.11 17.25
CA LEU D 247 24.94 -38.70 15.85
C LEU D 247 26.36 -39.05 15.38
N LYS D 248 26.68 -38.70 14.13
CA LYS D 248 28.01 -38.99 13.57
C LYS D 248 28.96 -37.80 13.65
N GLY D 249 30.22 -38.10 13.95
CA GLY D 249 31.26 -37.07 14.08
C GLY D 249 31.61 -36.77 15.53
N GLY D 250 31.28 -37.71 16.42
CA GLY D 250 31.55 -37.56 17.84
C GLY D 250 30.42 -36.89 18.59
N LYS D 251 29.40 -36.46 17.85
CA LYS D 251 28.23 -35.79 18.40
C LYS D 251 27.26 -36.76 19.06
N GLU D 252 26.75 -36.34 20.22
CA GLU D 252 25.79 -37.13 21.00
C GLU D 252 24.58 -36.28 21.38
N ILE D 254 20.60 -36.05 24.24
CA ILE D 254 19.60 -36.21 25.29
C ILE D 254 18.21 -36.14 24.67
N VAL D 255 17.40 -37.17 24.96
CA VAL D 255 16.04 -37.27 24.45
C VAL D 255 15.01 -37.57 25.55
N ILE D 256 14.20 -36.56 25.90
CA ILE D 256 13.14 -36.68 26.91
C ILE D 256 11.93 -37.32 26.23
N THR D 257 11.64 -38.56 26.61
CA THR D 257 10.51 -39.32 26.07
C THR D 257 9.22 -39.16 26.89
N GLU D 258 9.40 -38.97 28.20
CA GLU D 258 8.29 -38.80 29.15
C GLU D 258 8.61 -37.64 30.07
N ILE D 259 7.69 -36.68 30.17
CA ILE D 259 7.83 -35.49 31.01
C ILE D 259 6.96 -35.62 32.27
N PRO D 260 7.24 -34.83 33.36
CA PRO D 260 6.40 -34.92 34.56
C PRO D 260 5.00 -34.32 34.40
N TYR D 261 4.12 -34.62 35.36
CA TYR D 261 2.73 -34.19 35.36
C TYR D 261 2.42 -32.69 35.44
N GLU D 262 1.25 -32.33 34.91
CA GLU D 262 0.68 -30.96 34.85
C GLU D 262 1.43 -29.90 34.06
N ILE D 263 2.70 -30.18 33.76
CA ILE D 263 3.57 -29.26 33.01
C ILE D 263 3.46 -29.47 31.50
N ASN D 264 3.47 -28.35 30.76
CA ASN D 264 3.38 -28.37 29.30
C ASN D 264 4.73 -28.18 28.62
N LYS D 265 4.92 -28.84 27.47
CA LYS D 265 6.19 -28.78 26.73
C LYS D 265 6.52 -27.49 25.97
N ALA D 266 5.68 -26.47 26.12
CA ALA D 266 5.88 -25.17 25.48
C ALA D 266 6.61 -24.26 26.46
N ASN D 267 6.28 -24.44 27.74
CA ASN D 267 6.86 -23.70 28.85
C ASN D 267 8.25 -24.27 29.16
N LEU D 268 8.43 -25.54 28.83
CA LEU D 268 9.67 -26.29 29.04
C LEU D 268 10.78 -25.94 28.06
N VAL D 269 10.49 -26.03 26.77
CA VAL D 269 11.44 -25.74 25.69
C VAL D 269 11.92 -24.27 25.74
N LYS D 270 11.13 -23.43 26.41
CA LYS D 270 11.41 -22.00 26.59
C LYS D 270 12.57 -21.82 27.57
N LYS D 271 12.52 -22.52 28.70
CA LYS D 271 13.55 -22.44 29.72
C LYS D 271 14.75 -23.36 29.48
N ILE D 272 14.61 -24.28 28.51
CA ILE D 272 15.68 -25.23 28.12
C ILE D 272 16.59 -24.52 27.10
N ASP D 273 15.97 -23.71 26.24
CA ASP D 273 16.69 -22.94 25.22
C ASP D 273 17.27 -21.70 25.89
N ASP D 274 16.71 -21.33 27.04
CA ASP D 274 17.14 -20.17 27.83
C ASP D 274 18.31 -20.52 28.76
N VAL D 275 19.16 -21.44 28.28
CA VAL D 275 20.37 -21.89 29.00
C VAL D 275 21.55 -21.57 28.06
N ARG D 276 21.29 -21.63 26.76
CA ARG D 276 22.30 -21.34 25.75
C ARG D 276 22.14 -19.90 25.21
N VAL D 277 20.89 -19.42 25.18
CA VAL D 277 20.55 -18.07 24.72
C VAL D 277 20.81 -17.08 25.86
N ASN D 278 20.73 -17.57 27.09
CA ASN D 278 20.98 -16.78 28.29
C ASN D 278 22.35 -17.14 28.91
N ASN D 279 23.12 -17.96 28.17
CA ASN D 279 24.47 -18.46 28.51
C ASN D 279 24.78 -18.75 29.99
N LYS D 280 24.33 -19.92 30.45
CA LYS D 280 24.50 -20.35 31.84
C LYS D 280 25.56 -21.42 32.09
N VAL D 281 25.46 -22.57 31.41
CA VAL D 281 26.43 -23.66 31.57
C VAL D 281 27.72 -23.46 30.77
N ALA D 285 23.50 -26.01 23.51
CA ALA D 285 24.10 -25.79 22.20
C ALA D 285 23.06 -25.47 21.13
N GLU D 286 22.18 -26.44 20.85
CA GLU D 286 21.09 -26.31 19.86
C GLU D 286 19.97 -27.33 20.19
N VAL D 287 18.76 -26.81 20.38
CA VAL D 287 17.59 -27.63 20.72
C VAL D 287 16.43 -27.51 19.72
N ARG D 288 16.26 -28.56 18.89
CA ARG D 288 15.17 -28.59 17.91
C ARG D 288 14.07 -29.59 18.30
N ASP D 289 12.84 -29.08 18.34
CA ASP D 289 11.64 -29.84 18.70
C ASP D 289 11.07 -30.66 17.53
N GLU D 290 11.30 -31.98 17.59
CA GLU D 290 10.80 -32.92 16.59
C GLU D 290 9.80 -33.83 17.34
N SER D 291 8.98 -33.19 18.16
CA SER D 291 7.95 -33.83 18.98
C SER D 291 6.56 -33.78 18.36
N ASP D 292 6.39 -34.52 17.27
CA ASP D 292 5.11 -34.60 16.57
C ASP D 292 4.75 -36.09 16.50
N ARG D 293 4.11 -36.50 15.39
CA ARG D 293 3.66 -37.87 15.07
C ARG D 293 3.33 -38.78 16.28
N ASP D 294 2.73 -38.16 17.31
CA ASP D 294 2.34 -38.80 18.58
C ASP D 294 3.55 -39.44 19.29
N GLY D 295 4.15 -38.65 20.18
CA GLY D 295 5.31 -39.10 20.93
C GLY D 295 6.12 -37.88 21.34
N LEU D 296 6.36 -37.76 22.65
CA LEU D 296 7.12 -36.65 23.23
C LEU D 296 8.63 -36.84 22.98
N ARG D 297 9.18 -36.10 22.02
CA ARG D 297 10.60 -36.19 21.67
C ARG D 297 11.22 -34.78 21.71
N ILE D 298 11.66 -34.38 22.91
CA ILE D 298 12.29 -33.07 23.10
C ILE D 298 13.80 -33.29 22.99
N ALA D 299 14.32 -33.13 21.76
CA ALA D 299 15.73 -33.31 21.46
C ALA D 299 16.60 -32.16 21.99
N ILE D 300 17.31 -32.42 23.09
CA ILE D 300 18.18 -31.43 23.75
C ILE D 300 19.62 -31.55 23.23
N GLU D 301 20.36 -32.52 23.76
CA GLU D 301 21.76 -32.76 23.40
C GLU D 301 21.91 -33.26 21.96
N LEU D 302 21.97 -32.32 21.03
CA LEU D 302 22.12 -32.60 19.60
C LEU D 302 23.36 -31.86 19.09
N LYS D 303 23.87 -30.92 19.90
CA LYS D 303 25.04 -30.14 19.51
C LYS D 303 26.31 -30.35 20.33
N LYS D 304 27.42 -30.40 19.58
CA LYS D 304 28.81 -30.57 20.03
C LYS D 304 29.23 -31.70 20.97
N ASP D 305 30.38 -32.28 20.61
CA ASP D 305 31.07 -33.39 21.28
C ASP D 305 31.19 -33.33 22.80
N ALA D 306 30.34 -34.13 23.46
CA ALA D 306 30.24 -34.27 24.93
C ALA D 306 29.84 -33.00 25.71
N ASN D 307 30.79 -32.06 25.88
CA ASN D 307 30.64 -30.77 26.62
C ASN D 307 29.74 -30.84 27.86
N THR D 308 30.34 -31.31 28.96
CA THR D 308 29.71 -31.56 30.27
C THR D 308 28.51 -32.48 30.05
N GLU D 309 28.82 -33.74 29.69
CA GLU D 309 27.85 -34.80 29.40
C GLU D 309 26.74 -34.88 30.45
N LEU D 310 27.10 -34.53 31.70
CA LEU D 310 26.18 -34.52 32.82
C LEU D 310 25.68 -33.08 33.07
N VAL D 311 25.16 -32.46 32.01
CA VAL D 311 24.62 -31.08 32.05
C VAL D 311 23.19 -31.12 32.65
N LEU D 312 22.75 -32.35 32.97
CA LEU D 312 21.45 -32.67 33.54
C LEU D 312 21.34 -32.26 35.01
N ASN D 313 22.52 -32.09 35.65
CA ASN D 313 22.63 -31.67 37.06
C ASN D 313 22.17 -30.22 37.24
N TYR D 314 21.93 -29.56 36.10
CA TYR D 314 21.47 -28.18 36.02
C TYR D 314 19.93 -28.19 35.97
N LEU D 315 19.42 -28.85 34.92
CA LEU D 315 17.99 -28.99 34.67
C LEU D 315 17.33 -30.10 35.48
N THR D 319 14.61 -25.60 36.34
CA THR D 319 14.56 -27.05 36.52
C THR D 319 13.49 -27.67 35.61
N ASP D 320 12.26 -27.74 36.11
CA ASP D 320 11.06 -28.27 35.43
C ASP D 320 11.03 -29.71 34.87
N LEU D 321 12.20 -30.28 34.56
CA LEU D 321 12.33 -31.66 34.06
C LEU D 321 12.19 -32.57 35.28
N GLN D 322 12.81 -32.10 36.37
CA GLN D 322 12.82 -32.77 37.65
C GLN D 322 12.27 -31.75 38.63
N ILE D 323 11.00 -31.93 39.02
CA ILE D 323 10.34 -31.02 39.94
C ILE D 323 9.61 -31.80 41.04
N ASN D 324 9.15 -31.06 42.05
CA ASN D 324 8.45 -31.62 43.19
C ASN D 324 6.93 -31.55 43.07
N TYR D 325 6.28 -32.70 43.27
CA TYR D 325 4.82 -32.80 43.26
C TYR D 325 4.43 -32.94 44.74
N ASN D 326 3.42 -32.19 45.14
CA ASN D 326 2.95 -32.23 46.53
C ASN D 326 1.53 -32.76 46.62
N PHE D 327 1.38 -33.77 47.46
CA PHE D 327 0.12 -34.45 47.70
C PHE D 327 -0.76 -33.64 48.62
N ASN D 328 -2.05 -33.99 48.60
CA ASN D 328 -3.09 -33.37 49.43
C ASN D 328 -4.34 -34.17 49.07
N MET D 329 -4.76 -35.02 49.99
CA MET D 329 -5.93 -35.86 49.75
C MET D 329 -7.14 -35.53 50.63
N VAL D 330 -8.11 -34.83 50.03
CA VAL D 330 -9.35 -34.44 50.69
C VAL D 330 -10.55 -34.87 49.83
N ALA D 331 -11.63 -35.28 50.49
CA ALA D 331 -12.86 -35.71 49.81
C ALA D 331 -14.12 -35.60 50.69
N ILE D 332 -15.29 -35.64 50.05
CA ILE D 332 -16.59 -35.51 50.72
C ILE D 332 -17.22 -36.82 51.23
N ASP D 333 -17.35 -36.91 52.55
CA ASP D 333 -17.94 -38.05 53.24
C ASP D 333 -19.14 -37.49 54.01
N ASN D 334 -20.33 -38.03 53.74
CA ASN D 334 -21.61 -37.62 54.35
C ASN D 334 -22.10 -36.22 53.97
N PHE D 335 -21.17 -35.35 53.61
CA PHE D 335 -21.46 -33.98 53.23
C PHE D 335 -20.32 -33.04 53.63
N THR D 336 -19.58 -33.44 54.66
CA THR D 336 -18.46 -32.65 55.19
C THR D 336 -17.11 -33.05 54.55
N PRO D 337 -16.33 -32.06 54.03
CA PRO D 337 -15.02 -32.32 53.41
C PRO D 337 -14.03 -32.98 54.39
N ARG D 338 -13.73 -34.24 54.17
CA ARG D 338 -12.85 -35.01 55.05
C ARG D 338 -11.48 -35.35 54.46
N GLN D 339 -10.45 -35.17 55.29
CA GLN D 339 -9.05 -35.47 54.95
C GLN D 339 -8.99 -36.99 54.85
N VAL D 340 -8.37 -37.48 53.77
CA VAL D 340 -8.32 -38.91 53.53
C VAL D 340 -6.92 -39.49 53.33
N GLY D 341 -6.70 -40.66 53.96
CA GLY D 341 -5.42 -41.36 53.85
C GLY D 341 -5.54 -42.39 52.75
N ILE D 342 -5.34 -43.67 53.07
CA ILE D 342 -5.46 -44.72 52.06
C ILE D 342 -6.50 -45.77 52.47
N VAL D 343 -6.48 -46.17 53.75
CA VAL D 343 -7.43 -47.14 54.27
C VAL D 343 -8.83 -46.54 54.32
N PRO D 344 -8.99 -45.24 54.74
CA PRO D 344 -10.36 -44.72 54.76
C PRO D 344 -11.08 -44.53 53.41
N ILE D 345 -10.32 -44.45 52.31
CA ILE D 345 -10.92 -44.32 50.97
C ILE D 345 -11.57 -45.64 50.64
N LEU D 346 -10.75 -46.69 50.75
CA LEU D 346 -11.14 -48.06 50.46
C LEU D 346 -12.13 -48.66 51.45
N SER D 347 -12.24 -48.03 52.64
CA SER D 347 -13.19 -48.46 53.68
C SER D 347 -14.55 -47.93 53.26
N SER D 348 -14.52 -46.72 52.69
CA SER D 348 -15.70 -46.00 52.21
C SER D 348 -16.24 -46.53 50.87
N TYR D 349 -15.33 -46.96 50.00
CA TYR D 349 -15.67 -47.50 48.68
C TYR D 349 -16.39 -48.85 48.75
N ILE D 350 -15.87 -49.77 49.57
CA ILE D 350 -16.46 -51.10 49.73
C ILE D 350 -17.79 -51.03 50.48
N ALA D 351 -17.95 -49.97 51.28
CA ALA D 351 -19.16 -49.70 52.05
C ALA D 351 -20.26 -49.28 51.08
N HIS D 352 -19.83 -48.69 49.97
CA HIS D 352 -20.73 -48.23 48.92
C HIS D 352 -21.09 -49.42 48.03
N ARG D 353 -20.08 -50.20 47.66
CA ARG D 353 -20.28 -51.37 46.82
C ARG D 353 -21.23 -52.39 47.43
N ARG D 354 -21.26 -52.49 48.76
CA ARG D 354 -22.16 -53.41 49.45
C ARG D 354 -23.57 -52.87 49.31
N GLU D 355 -23.69 -51.55 49.40
CA GLU D 355 -24.96 -50.85 49.28
C GLU D 355 -25.50 -50.98 47.86
N VAL D 356 -24.58 -51.03 46.88
CA VAL D 356 -24.92 -51.17 45.45
C VAL D 356 -25.45 -52.59 45.22
N ILE D 357 -24.62 -53.58 45.58
CA ILE D 357 -24.94 -54.99 45.41
C ILE D 357 -26.13 -55.47 46.26
N LEU D 358 -26.46 -54.70 47.30
CA LEU D 358 -27.58 -55.05 48.19
C LEU D 358 -28.92 -54.74 47.52
N ALA D 359 -29.09 -53.48 47.10
CA ALA D 359 -30.31 -53.02 46.44
C ALA D 359 -30.41 -53.40 44.95
N ARG D 360 -29.28 -53.84 44.37
CA ARG D 360 -29.22 -54.31 42.98
C ARG D 360 -29.87 -55.67 42.98
N SER D 361 -29.52 -56.44 44.00
CA SER D 361 -30.00 -57.80 44.20
C SER D 361 -31.45 -57.86 44.67
N ARG D 362 -31.88 -56.88 45.47
CA ARG D 362 -33.27 -56.80 45.96
C ARG D 362 -34.19 -56.41 44.82
N PHE D 363 -33.67 -55.59 43.90
CA PHE D 363 -34.39 -55.13 42.71
C PHE D 363 -34.48 -56.33 41.78
N ASP D 364 -33.33 -56.97 41.54
CA ASP D 364 -33.21 -58.16 40.69
C ASP D 364 -34.05 -59.33 41.17
N LYS D 365 -34.22 -59.44 42.49
CA LYS D 365 -35.01 -60.50 43.10
C LYS D 365 -36.48 -60.22 42.87
N GLU D 366 -36.88 -58.96 43.07
CA GLU D 366 -38.27 -58.53 42.89
C GLU D 366 -38.79 -58.69 41.45
N LYS D 367 -37.87 -58.60 40.49
CA LYS D 367 -38.16 -58.75 39.05
C LYS D 367 -38.50 -60.20 38.72
N ALA D 368 -37.64 -61.11 39.21
CA ALA D 368 -37.77 -62.55 39.01
C ALA D 368 -38.96 -63.17 39.73
N GLU D 369 -39.32 -62.60 40.88
CA GLU D 369 -40.45 -63.06 41.69
C GLU D 369 -41.77 -62.84 40.95
N LYS D 370 -41.87 -61.64 40.34
CA LYS D 370 -43.04 -61.21 39.56
C LYS D 370 -43.13 -61.94 38.22
N ARG D 371 -41.96 -62.29 37.69
CA ARG D 371 -41.83 -63.02 36.42
C ARG D 371 -42.28 -64.46 36.64
N LEU D 372 -41.82 -65.06 37.74
CA LEU D 372 -42.15 -66.43 38.14
C LEU D 372 -43.62 -66.57 38.46
N HIS D 373 -44.21 -65.48 38.96
CA HIS D 373 -45.63 -65.38 39.32
C HIS D 373 -46.47 -65.60 38.05
N ILE D 374 -45.99 -65.05 36.93
CA ILE D 374 -46.65 -65.15 35.62
C ILE D 374 -46.26 -66.45 34.90
N VAL D 375 -44.99 -66.86 35.03
CA VAL D 375 -44.50 -68.09 34.39
C VAL D 375 -45.17 -69.34 34.96
N GLU D 376 -45.41 -69.35 36.28
CA GLU D 376 -46.08 -70.49 36.93
C GLU D 376 -47.50 -70.60 36.36
N GLY D 377 -48.18 -69.46 36.34
CA GLY D 377 -49.52 -69.39 35.80
C GLY D 377 -49.41 -69.12 34.31
N LEU D 378 -48.86 -70.10 33.59
CA LEU D 378 -48.68 -70.03 32.15
C LEU D 378 -48.58 -71.47 31.69
N ILE D 379 -47.91 -72.31 32.48
CA ILE D 379 -47.74 -73.74 32.21
C ILE D 379 -49.09 -74.38 32.49
N ARG D 380 -49.76 -73.85 33.52
CA ARG D 380 -51.08 -74.30 33.96
C ARG D 380 -52.10 -73.94 32.88
N VAL D 381 -51.88 -72.80 32.22
CA VAL D 381 -52.77 -72.32 31.16
C VAL D 381 -52.59 -73.04 29.83
N ILE D 382 -51.34 -73.44 29.54
CA ILE D 382 -51.03 -74.14 28.30
C ILE D 382 -51.53 -75.59 28.37
N SER D 383 -51.69 -76.08 29.59
CA SER D 383 -52.18 -77.44 29.79
C SER D 383 -53.72 -77.55 29.70
N ILE D 384 -54.42 -76.45 29.94
CA ILE D 384 -55.89 -76.42 29.87
C ILE D 384 -56.35 -75.60 28.65
N LEU D 385 -55.41 -75.44 27.73
CA LEU D 385 -55.55 -74.66 26.49
C LEU D 385 -56.81 -74.82 25.66
N ASP D 386 -57.25 -76.07 25.49
CA ASP D 386 -58.45 -76.38 24.71
C ASP D 386 -59.69 -75.70 25.26
N GLU D 387 -59.82 -75.73 26.59
CA GLU D 387 -60.94 -75.12 27.30
C GLU D 387 -60.78 -73.61 27.44
N VAL D 388 -59.56 -73.13 27.25
CA VAL D 388 -59.28 -71.71 27.33
C VAL D 388 -59.66 -70.97 26.04
N ILE D 389 -59.42 -71.61 24.90
CA ILE D 389 -59.73 -71.06 23.56
C ILE D 389 -61.24 -70.77 23.44
N ALA D 390 -62.05 -71.76 23.87
CA ALA D 390 -63.51 -71.68 23.81
C ALA D 390 -64.13 -70.73 24.83
N LEU D 391 -63.48 -70.56 25.98
CA LEU D 391 -63.98 -69.67 27.03
C LEU D 391 -63.84 -68.20 26.64
N ILE D 392 -62.63 -67.83 26.22
CA ILE D 392 -62.27 -66.47 25.81
C ILE D 392 -63.08 -65.96 24.62
N ARG D 393 -63.21 -66.80 23.58
CA ARG D 393 -63.96 -66.47 22.36
C ARG D 393 -65.45 -66.17 22.64
N ALA D 394 -65.94 -66.66 23.78
CA ALA D 394 -67.32 -66.50 24.23
C ALA D 394 -67.61 -65.23 25.03
N SER D 395 -66.56 -64.56 25.53
CA SER D 395 -66.68 -63.33 26.31
C SER D 395 -66.93 -62.05 25.49
N GLU D 396 -67.13 -60.94 26.21
CA GLU D 396 -67.41 -59.66 25.56
C GLU D 396 -66.18 -58.80 25.23
N ASN D 397 -65.42 -58.38 26.25
CA ASN D 397 -64.22 -57.56 26.06
C ASN D 397 -62.97 -58.09 26.81
N LYS D 398 -61.91 -57.28 26.89
CA LYS D 398 -60.65 -57.63 27.55
C LYS D 398 -60.78 -57.84 29.06
N ALA D 399 -61.55 -56.96 29.72
CA ALA D 399 -61.76 -57.01 31.16
C ALA D 399 -62.79 -58.05 31.61
N ASP D 400 -63.70 -58.41 30.70
CA ASP D 400 -64.77 -59.39 30.98
C ASP D 400 -64.19 -60.81 31.03
N ALA D 401 -63.29 -61.12 30.09
CA ALA D 401 -62.63 -62.42 29.98
C ALA D 401 -61.57 -62.58 31.06
N LYS D 402 -61.02 -61.45 31.49
CA LYS D 402 -59.99 -61.38 32.54
C LYS D 402 -60.63 -61.68 33.90
N GLU D 403 -61.96 -61.55 33.98
CA GLU D 403 -62.73 -61.80 35.20
C GLU D 403 -63.56 -63.11 35.10
N ASN D 404 -63.64 -63.69 33.90
CA ASN D 404 -64.38 -64.94 33.67
C ASN D 404 -63.58 -66.18 34.06
N LEU D 405 -62.30 -65.98 34.37
CA LEU D 405 -61.40 -67.05 34.76
C LEU D 405 -61.57 -67.54 36.20
N LYS D 406 -62.43 -68.56 36.32
CA LYS D 406 -62.76 -69.23 37.58
C LYS D 406 -61.72 -70.35 37.79
N VAL D 407 -61.22 -70.87 36.67
CA VAL D 407 -60.21 -71.94 36.62
C VAL D 407 -58.81 -71.48 37.04
N ASP D 410 -58.97 -68.90 38.85
CA ASP D 410 -58.34 -68.41 40.08
C ASP D 410 -56.88 -68.01 39.83
N PHE D 411 -56.72 -66.96 39.02
CA PHE D 411 -55.41 -66.40 38.70
C PHE D 411 -55.49 -64.95 39.20
N THR D 412 -54.41 -64.43 39.78
CA THR D 412 -54.38 -63.05 40.30
C THR D 412 -54.46 -61.99 39.19
N GLU D 413 -54.30 -60.71 39.56
CA GLU D 413 -54.39 -59.64 38.57
C GLU D 413 -53.36 -59.66 37.45
N GLU D 414 -52.08 -59.42 37.79
CA GLU D 414 -50.99 -59.41 36.80
C GLU D 414 -50.80 -60.73 36.04
N GLN D 415 -51.37 -61.80 36.61
CA GLN D 415 -51.34 -63.14 36.01
C GLN D 415 -52.34 -63.21 34.86
N ALA D 416 -53.61 -62.96 35.18
CA ALA D 416 -54.72 -62.98 34.23
C ALA D 416 -54.55 -61.99 33.08
N GLU D 417 -53.74 -60.96 33.33
CA GLU D 417 -53.45 -59.90 32.35
C GLU D 417 -52.56 -60.47 31.25
N ALA D 418 -51.33 -60.85 31.60
CA ALA D 418 -50.34 -61.39 30.66
C ALA D 418 -50.74 -62.70 29.96
N ILE D 419 -51.89 -63.26 30.37
CA ILE D 419 -52.43 -64.49 29.79
C ILE D 419 -53.23 -64.14 28.54
N VAL D 420 -54.18 -63.21 28.67
CA VAL D 420 -55.02 -62.77 27.55
C VAL D 420 -54.27 -61.80 26.64
N THR D 421 -53.27 -61.13 27.20
CA THR D 421 -52.44 -60.19 26.45
C THR D 421 -51.12 -60.90 26.14
N LEU D 422 -51.26 -62.09 25.55
CA LEU D 422 -50.12 -62.87 25.17
C LEU D 422 -50.24 -63.15 23.68
N GLN D 423 -49.09 -63.24 23.03
CA GLN D 423 -49.02 -63.48 21.60
C GLN D 423 -49.24 -64.95 21.26
N LEU D 424 -49.83 -65.19 20.07
CA LEU D 424 -50.11 -66.52 19.55
C LEU D 424 -48.87 -67.32 19.20
N TYR D 425 -47.73 -66.63 19.03
CA TYR D 425 -46.47 -67.30 18.72
C TYR D 425 -45.89 -67.94 19.98
N ARG D 426 -46.42 -67.57 21.15
CA ARG D 426 -45.98 -68.11 22.43
C ARG D 426 -46.60 -69.50 22.75
N LEU D 427 -47.58 -69.88 21.93
CA LEU D 427 -48.30 -71.16 22.03
C LEU D 427 -47.69 -72.27 21.16
N THR D 428 -46.54 -71.96 20.53
CA THR D 428 -45.83 -72.92 19.68
C THR D 428 -44.82 -73.72 20.51
N ASN D 429 -44.52 -74.96 20.09
CA ASN D 429 -43.60 -75.88 20.76
C ASN D 429 -42.25 -75.39 21.32
N THR D 430 -41.54 -74.53 20.58
CA THR D 430 -40.25 -73.97 21.03
C THR D 430 -40.46 -72.90 22.11
N ASP D 431 -41.43 -71.99 21.86
CA ASP D 431 -41.79 -70.90 22.78
C ASP D 431 -42.71 -71.37 23.93
N VAL D 432 -42.67 -72.67 24.17
CA VAL D 432 -43.40 -73.35 25.24
C VAL D 432 -42.35 -74.16 26.01
N VAL D 433 -41.35 -74.69 25.28
CA VAL D 433 -40.26 -75.49 25.85
C VAL D 433 -39.18 -74.66 26.56
N VAL D 434 -38.93 -73.45 26.07
CA VAL D 434 -37.94 -72.56 26.68
C VAL D 434 -38.59 -71.76 27.82
N LEU D 435 -39.92 -71.87 27.89
CA LEU D 435 -40.73 -71.22 28.92
C LEU D 435 -40.64 -72.06 30.20
N GLN D 436 -40.47 -73.37 30.01
CA GLN D 436 -40.33 -74.35 31.09
C GLN D 436 -38.94 -74.21 31.71
N GLU D 437 -37.99 -73.73 30.90
CA GLU D 437 -36.62 -73.51 31.34
C GLU D 437 -36.45 -72.23 32.15
N GLU D 438 -37.34 -71.24 31.91
CA GLU D 438 -37.28 -69.96 32.64
C GLU D 438 -37.64 -70.17 34.12
N GLU D 439 -38.42 -71.22 34.38
CA GLU D 439 -38.85 -71.60 35.72
C GLU D 439 -37.62 -72.02 36.53
N ALA D 440 -36.76 -72.83 35.89
CA ALA D 440 -35.53 -73.32 36.49
C ALA D 440 -34.43 -72.25 36.57
N GLU D 441 -34.42 -71.35 35.58
CA GLU D 441 -33.45 -70.26 35.50
C GLU D 441 -33.74 -69.16 36.51
N LEU D 442 -35.03 -69.02 36.85
CA LEU D 442 -35.48 -68.02 37.81
C LEU D 442 -35.31 -68.47 39.26
N ARG D 443 -35.68 -69.73 39.54
CA ARG D 443 -35.57 -70.31 40.89
C ARG D 443 -34.17 -70.28 41.48
N GLU D 444 -33.18 -70.43 40.61
CA GLU D 444 -31.77 -70.41 41.03
C GLU D 444 -31.24 -68.98 41.10
N LYS D 445 -31.89 -68.06 40.37
CA LYS D 445 -31.53 -66.64 40.35
C LYS D 445 -32.09 -66.03 41.64
N ILE D 446 -33.22 -66.59 42.08
CA ILE D 446 -33.91 -66.22 43.31
C ILE D 446 -33.03 -66.70 44.48
N ALA D 447 -32.57 -67.93 44.37
CA ALA D 447 -31.72 -68.57 45.38
C ALA D 447 -30.35 -67.90 45.46
N MET D 448 -29.85 -67.44 44.32
CA MET D 448 -28.57 -66.74 44.24
C MET D 448 -28.65 -65.38 44.92
N LEU D 449 -29.77 -64.69 44.69
CA LEU D 449 -30.01 -63.35 45.26
C LEU D 449 -30.31 -63.39 46.76
N ALA D 450 -31.14 -64.35 47.19
CA ALA D 450 -31.54 -64.53 48.60
C ALA D 450 -30.38 -64.92 49.51
N ALA D 451 -29.46 -65.72 48.97
CA ALA D 451 -28.29 -66.20 49.71
C ALA D 451 -27.22 -65.13 49.81
N ILE D 452 -27.24 -64.18 48.88
CA ILE D 452 -26.30 -63.07 48.85
C ILE D 452 -26.82 -61.95 49.76
N ILE D 453 -28.13 -61.99 50.02
CA ILE D 453 -28.79 -61.03 50.90
C ILE D 453 -28.59 -61.46 52.36
N GLY D 454 -28.94 -62.71 52.66
CA GLY D 454 -28.85 -63.28 54.01
C GLY D 454 -27.47 -63.62 54.56
N ASP D 455 -26.46 -63.60 53.69
CA ASP D 455 -25.07 -63.89 54.05
C ASP D 455 -24.22 -62.90 53.27
N GLU D 456 -23.27 -62.25 53.94
CA GLU D 456 -22.42 -61.29 53.26
C GLU D 456 -21.02 -61.77 52.85
N ARG D 457 -20.70 -63.04 53.17
CA ARG D 457 -19.42 -63.65 52.79
C ARG D 457 -19.49 -63.99 51.29
N THR D 458 -20.70 -64.32 50.83
CA THR D 458 -21.01 -64.65 49.43
C THR D 458 -21.30 -63.41 48.58
N MET D 459 -21.47 -62.27 49.26
CA MET D 459 -21.73 -60.97 48.65
C MET D 459 -20.34 -60.38 48.41
N TYR D 460 -19.46 -60.56 49.40
CA TYR D 460 -18.08 -60.09 49.35
C TYR D 460 -17.33 -60.88 48.26
N ASN D 461 -17.89 -62.03 47.90
CA ASN D 461 -17.36 -62.89 46.85
C ASN D 461 -17.81 -62.32 45.50
N LEU D 462 -19.06 -61.82 45.45
CA LEU D 462 -19.61 -61.22 44.23
C LEU D 462 -18.94 -59.89 43.96
N MET D 463 -18.46 -59.23 45.02
CA MET D 463 -17.77 -57.96 44.90
C MET D 463 -16.34 -58.19 44.42
N LYS D 464 -15.75 -59.27 44.92
CA LYS D 464 -14.38 -59.67 44.59
C LYS D 464 -14.25 -60.12 43.13
N LYS D 465 -15.21 -60.92 42.67
CA LYS D 465 -15.21 -61.44 41.30
C LYS D 465 -15.49 -60.32 40.29
N GLU D 466 -16.51 -59.50 40.59
CA GLU D 466 -16.92 -58.39 39.72
C GLU D 466 -15.76 -57.44 39.48
N LEU D 467 -14.98 -57.19 40.53
CA LEU D 467 -13.83 -56.32 40.46
C LEU D 467 -12.72 -56.97 39.68
N ARG D 468 -12.59 -58.29 39.83
CA ARG D 468 -11.56 -59.07 39.11
C ARG D 468 -11.94 -59.32 37.64
N GLU D 469 -13.18 -58.99 37.29
CA GLU D 469 -13.68 -59.12 35.91
C GLU D 469 -13.34 -57.82 35.17
N VAL D 470 -13.39 -56.71 35.92
CA VAL D 470 -13.10 -55.37 35.41
C VAL D 470 -11.60 -55.24 35.18
N LYS D 471 -10.80 -55.77 36.11
CA LYS D 471 -9.34 -55.75 36.05
C LYS D 471 -8.84 -56.49 34.81
N LYS D 472 -9.46 -57.64 34.55
CA LYS D 472 -9.13 -58.50 33.41
C LYS D 472 -9.45 -57.79 32.09
N LYS D 473 -10.58 -57.07 32.07
CA LYS D 473 -11.04 -56.36 30.88
C LYS D 473 -10.28 -55.08 30.52
N PHE D 474 -10.10 -54.19 31.50
CA PHE D 474 -9.41 -52.91 31.26
C PHE D 474 -7.96 -52.88 31.69
N ALA D 475 -7.26 -53.98 31.42
CA ALA D 475 -5.84 -54.15 31.75
C ALA D 475 -4.93 -53.15 31.01
N THR D 476 -4.27 -52.30 31.78
CA THR D 476 -3.36 -51.27 31.25
C THR D 476 -2.02 -51.35 31.98
N PRO D 477 -0.93 -51.73 31.28
CA PRO D 477 0.40 -51.83 31.92
C PRO D 477 0.88 -50.47 32.45
N ARG D 478 1.41 -50.49 33.68
CA ARG D 478 1.87 -49.28 34.35
C ARG D 478 3.04 -48.49 33.72
N LEU D 479 2.90 -47.17 33.80
CA LEU D 479 3.91 -46.21 33.30
C LEU D 479 4.44 -45.50 34.55
N SER D 480 5.62 -44.89 34.45
CA SER D 480 6.23 -44.19 35.58
C SER D 480 6.85 -45.18 36.58
N SER D 481 8.16 -45.42 36.42
CA SER D 481 8.93 -46.34 37.28
C SER D 481 9.35 -45.75 38.62
N LEU D 482 9.51 -46.61 39.62
CA LEU D 482 9.93 -46.20 40.98
C LEU D 482 11.36 -46.65 41.26
#